data_6X8B
# 
_entry.id   6X8B 
# 
_audit_conform.dict_name       mmcif_pdbx.dic 
_audit_conform.dict_version    5.380 
_audit_conform.dict_location   http://mmcif.pdb.org/dictionaries/ascii/mmcif_pdbx.dic 
# 
loop_
_database_2.database_id 
_database_2.database_code 
_database_2.pdbx_database_accession 
_database_2.pdbx_DOI 
PDB   6X8B         pdb_00006x8b 10.2210/pdb6x8b/pdb 
WWPDB D_1000248886 ?            ?                   
# 
_pdbx_database_status.status_code                     REL 
_pdbx_database_status.status_code_sf                  REL 
_pdbx_database_status.status_code_mr                  ? 
_pdbx_database_status.entry_id                        6X8B 
_pdbx_database_status.recvd_initial_deposition_date   2020-06-01 
_pdbx_database_status.SG_entry                        N 
_pdbx_database_status.deposit_site                    RCSB 
_pdbx_database_status.process_site                    RCSB 
_pdbx_database_status.status_code_cs                  ? 
_pdbx_database_status.status_code_nmr_data            ? 
_pdbx_database_status.methods_development_category    ? 
_pdbx_database_status.pdb_format_compatible           Y 
# 
loop_
_audit_author.name 
_audit_author.pdbx_ordinal 
_audit_author.identifier_ORCID 
'Simmons, C.R.'      1 0000-0002-2290-6132 
'MacCulloch, T.'     2 0000-0001-5875-3361 
'Stephanopoulos, N.' 3 0000-0001-7859-410X 
'Yan, H.'            4 0000-0001-7397-9852 
# 
_citation.abstract                  ? 
_citation.abstract_id_CAS           ? 
_citation.book_id_ISBN              ? 
_citation.book_publisher            ? 
_citation.book_publisher_city       ? 
_citation.book_title                ? 
_citation.coordinate_linkage        ? 
_citation.country                   UK 
_citation.database_id_Medline       ? 
_citation.details                   ? 
_citation.id                        primary 
_citation.journal_abbrev            'Nat Commun' 
_citation.journal_id_ASTM           ? 
_citation.journal_id_CSD            ? 
_citation.journal_id_ISSN           2041-1723 
_citation.journal_full              ? 
_citation.journal_issue             ? 
_citation.journal_volume            13 
_citation.language                  ? 
_citation.page_first                3112 
_citation.page_last                 3112 
_citation.title                     'The influence of Holliday junction sequence and dynamics on DNA crystal self-assembly.' 
_citation.year                      2022 
_citation.database_id_CSD           ? 
_citation.pdbx_database_id_DOI      10.1038/s41467-022-30779-6 
_citation.pdbx_database_id_PubMed   35662248 
_citation.unpublished_flag          ? 
# 
loop_
_citation_author.citation_id 
_citation_author.name 
_citation_author.ordinal 
_citation_author.identifier_ORCID 
primary 'Simmons, C.R.'      1  ?                   
primary 'MacCulloch, T.'     2  ?                   
primary 'Krepl, M.'          3  0000-0002-9833-4281 
primary 'Matthies, M.'       4  ?                   
primary 'Buchberger, A.'     5  ?                   
primary 'Crawford, I.'       6  ?                   
primary 'Sponer, J.'         7  0000-0001-6558-6186 
primary 'Sulc, P.'           8  0000-0003-1565-6769 
primary 'Stephanopoulos, N.' 9  0000-0001-7859-410X 
primary 'Yan, H.'            10 0000-0001-7397-9852 
# 
_cell.angle_alpha                  90.000 
_cell.angle_alpha_esd              ? 
_cell.angle_beta                   90.000 
_cell.angle_beta_esd               ? 
_cell.angle_gamma                  120.000 
_cell.angle_gamma_esd              ? 
_cell.entry_id                     6X8B 
_cell.details                      ? 
_cell.formula_units_Z              ? 
_cell.length_a                     68.848 
_cell.length_a_esd                 ? 
_cell.length_b                     68.848 
_cell.length_b_esd                 ? 
_cell.length_c                     59.374 
_cell.length_c_esd                 ? 
_cell.volume                       ? 
_cell.volume_esd                   ? 
_cell.Z_PDB                        3 
_cell.reciprocal_angle_alpha       ? 
_cell.reciprocal_angle_beta        ? 
_cell.reciprocal_angle_gamma       ? 
_cell.reciprocal_angle_alpha_esd   ? 
_cell.reciprocal_angle_beta_esd    ? 
_cell.reciprocal_angle_gamma_esd   ? 
_cell.reciprocal_length_a          ? 
_cell.reciprocal_length_b          ? 
_cell.reciprocal_length_c          ? 
_cell.reciprocal_length_a_esd      ? 
_cell.reciprocal_length_b_esd      ? 
_cell.reciprocal_length_c_esd      ? 
_cell.pdbx_unique_axis             ? 
# 
_symmetry.entry_id                         6X8B 
_symmetry.cell_setting                     ? 
_symmetry.Int_Tables_number                145 
_symmetry.space_group_name_Hall            ? 
_symmetry.space_group_name_H-M             'P 32' 
_symmetry.pdbx_full_space_group_name_H-M   ? 
# 
loop_
_entity.id 
_entity.type 
_entity.src_method 
_entity.pdbx_description 
_entity.formula_weight 
_entity.pdbx_number_of_molecules 
_entity.pdbx_ec 
_entity.pdbx_mutation 
_entity.pdbx_fragment 
_entity.details 
1 polymer     syn 
;DNA (5'-D(*GP*AP*GP*CP*AP*GP*AP*CP*AP*AP*GP*AP*CP*TP*TP*CP*AP*CP*TP*CP*A)-3')
;
6425.188 1 ? ? ? ? 
2 polymer     syn 
;DNA (5'-D(P*AP*GP*TP*CP*T)-3')
;
1495.023 1 ? ? ? ? 
3 polymer     syn 
;DNA (5'-D(*TP*CP*TP*GP*AP*GP*TP*GP*A)-3')
;
2770.833 1 ? ? ? ? 
4 polymer     syn 
;DNA (5'-D(P*TP*GP*TP*CP*TP*GP*C)-3')
;
2104.396 1 ? ? ? ? 
5 non-polymer syn 'MAGNESIUM ION'                                                                 24.305   3 ? ? ? ? 
6 non-polymer syn 'CACODYLATE ION'                                                                136.989  2 ? ? ? ? 
# 
loop_
_entity_poly.entity_id 
_entity_poly.type 
_entity_poly.nstd_linkage 
_entity_poly.nstd_monomer 
_entity_poly.pdbx_seq_one_letter_code 
_entity_poly.pdbx_seq_one_letter_code_can 
_entity_poly.pdbx_strand_id 
_entity_poly.pdbx_target_identifier 
1 polydeoxyribonucleotide no no 
;(DG)(DA)(DG)(DC)(DA)(DG)(DA)(DC)(DA)(DA)(DG)(DA)(DC)(DT)(DT)(DC)(DA)(DC)(DT)(DC)
(DA)
;
GAGCAGACAAGACTTCACTCA A ? 
2 polydeoxyribonucleotide no no '(DA)(DG)(DT)(DC)(DT)'                                                                  AGTCT B ? 
3 polydeoxyribonucleotide no no '(DT)(DC)(DT)(DG)(DA)(DG)(DT)(DG)(DA)'                                                  TCTGAGTGA 
C ? 
4 polydeoxyribonucleotide no no '(DT)(DG)(DT)(DC)(DT)(DG)(DC)'                                                          TGTCTGC D 
? 
# 
loop_
_entity_poly_seq.entity_id 
_entity_poly_seq.num 
_entity_poly_seq.mon_id 
_entity_poly_seq.hetero 
1 1  DG n 
1 2  DA n 
1 3  DG n 
1 4  DC n 
1 5  DA n 
1 6  DG n 
1 7  DA n 
1 8  DC n 
1 9  DA n 
1 10 DA n 
1 11 DG n 
1 12 DA n 
1 13 DC n 
1 14 DT n 
1 15 DT n 
1 16 DC n 
1 17 DA n 
1 18 DC n 
1 19 DT n 
1 20 DC n 
1 21 DA n 
2 1  DA n 
2 2  DG n 
2 3  DT n 
2 4  DC n 
2 5  DT n 
3 1  DT n 
3 2  DC n 
3 3  DT n 
3 4  DG n 
3 5  DA n 
3 6  DG n 
3 7  DT n 
3 8  DG n 
3 9  DA n 
4 1  DT n 
4 2  DG n 
4 3  DT n 
4 4  DC n 
4 5  DT n 
4 6  DG n 
4 7  DC n 
# 
loop_
_pdbx_entity_src_syn.entity_id 
_pdbx_entity_src_syn.pdbx_src_id 
_pdbx_entity_src_syn.pdbx_alt_source_flag 
_pdbx_entity_src_syn.pdbx_beg_seq_num 
_pdbx_entity_src_syn.pdbx_end_seq_num 
_pdbx_entity_src_syn.organism_scientific 
_pdbx_entity_src_syn.organism_common_name 
_pdbx_entity_src_syn.ncbi_taxonomy_id 
_pdbx_entity_src_syn.details 
1 1 sample 1 21 'synthetic construct' ? 32630 ? 
2 1 sample 1 5  'synthetic construct' ? 32630 ? 
3 1 sample 1 9  'synthetic construct' ? 32630 ? 
4 1 sample 1 7  'synthetic construct' ? 32630 ? 
# 
loop_
_struct_ref.id 
_struct_ref.db_name 
_struct_ref.db_code 
_struct_ref.pdbx_db_accession 
_struct_ref.pdbx_db_isoform 
_struct_ref.entity_id 
_struct_ref.pdbx_seq_one_letter_code 
_struct_ref.pdbx_align_begin 
1 PDB 6X8B 6X8B ? 1 ? 1 
2 PDB 6X8B 6X8B ? 2 ? 1 
3 PDB 6X8B 6X8B ? 3 ? 1 
4 PDB 6X8B 6X8B ? 4 ? 1 
# 
loop_
_struct_ref_seq.align_id 
_struct_ref_seq.ref_id 
_struct_ref_seq.pdbx_PDB_id_code 
_struct_ref_seq.pdbx_strand_id 
_struct_ref_seq.seq_align_beg 
_struct_ref_seq.pdbx_seq_align_beg_ins_code 
_struct_ref_seq.seq_align_end 
_struct_ref_seq.pdbx_seq_align_end_ins_code 
_struct_ref_seq.pdbx_db_accession 
_struct_ref_seq.db_align_beg 
_struct_ref_seq.pdbx_db_align_beg_ins_code 
_struct_ref_seq.db_align_end 
_struct_ref_seq.pdbx_db_align_end_ins_code 
_struct_ref_seq.pdbx_auth_seq_align_beg 
_struct_ref_seq.pdbx_auth_seq_align_end 
1 1 6X8B A 1 ? 21 ? 6X8B 1  ? 21 ? 1  21 
2 2 6X8B B 1 ? 5  ? 6X8B 1  ? 5  ? 1  5  
3 3 6X8B C 1 ? 9  ? 6X8B 1  ? 9  ? 1  9  
4 4 6X8B D 1 ? 7  ? 6X8B 10 ? 16 ? 10 16 
# 
loop_
_chem_comp.id 
_chem_comp.type 
_chem_comp.mon_nstd_flag 
_chem_comp.name 
_chem_comp.pdbx_synonyms 
_chem_comp.formula 
_chem_comp.formula_weight 
CAC non-polymer   . 'CACODYLATE ION'                     dimethylarsinate 'C2 H6 As O2 -1'  136.989 
DA  'DNA linking' y "2'-DEOXYADENOSINE-5'-MONOPHOSPHATE" ?                'C10 H14 N5 O6 P' 331.222 
DC  'DNA linking' y "2'-DEOXYCYTIDINE-5'-MONOPHOSPHATE"  ?                'C9 H14 N3 O7 P'  307.197 
DG  'DNA linking' y "2'-DEOXYGUANOSINE-5'-MONOPHOSPHATE" ?                'C10 H14 N5 O7 P' 347.221 
DT  'DNA linking' y "THYMIDINE-5'-MONOPHOSPHATE"         ?                'C10 H15 N2 O8 P' 322.208 
MG  non-polymer   . 'MAGNESIUM ION'                      ?                'Mg 2'            24.305  
# 
_exptl.absorpt_coefficient_mu     ? 
_exptl.absorpt_correction_T_max   ? 
_exptl.absorpt_correction_T_min   ? 
_exptl.absorpt_correction_type    ? 
_exptl.absorpt_process_details    ? 
_exptl.entry_id                   6X8B 
_exptl.crystals_number            1 
_exptl.details                    ? 
_exptl.method                     'X-RAY DIFFRACTION' 
_exptl.method_details             ? 
# 
_exptl_crystal.colour                      ? 
_exptl_crystal.density_diffrn              ? 
_exptl_crystal.density_Matthews            6.35 
_exptl_crystal.density_method              ? 
_exptl_crystal.density_percent_sol         80.63 
_exptl_crystal.description                 ? 
_exptl_crystal.F_000                       ? 
_exptl_crystal.id                          1 
_exptl_crystal.preparation                 ? 
_exptl_crystal.size_max                    ? 
_exptl_crystal.size_mid                    ? 
_exptl_crystal.size_min                    ? 
_exptl_crystal.size_rad                    ? 
_exptl_crystal.colour_lustre               ? 
_exptl_crystal.colour_modifier             ? 
_exptl_crystal.colour_primary              ? 
_exptl_crystal.density_meas                ? 
_exptl_crystal.density_meas_esd            ? 
_exptl_crystal.density_meas_gt             ? 
_exptl_crystal.density_meas_lt             ? 
_exptl_crystal.density_meas_temp           ? 
_exptl_crystal.density_meas_temp_esd       ? 
_exptl_crystal.density_meas_temp_gt        ? 
_exptl_crystal.density_meas_temp_lt        ? 
_exptl_crystal.pdbx_crystal_image_url      ? 
_exptl_crystal.pdbx_crystal_image_format   ? 
_exptl_crystal.pdbx_mosaicity              ? 
_exptl_crystal.pdbx_mosaicity_esd          ? 
# 
_exptl_crystal_grow.apparatus       ? 
_exptl_crystal_grow.atmosphere      ? 
_exptl_crystal_grow.crystal_id      1 
_exptl_crystal_grow.details         ? 
_exptl_crystal_grow.method          'VAPOR DIFFUSION, SITTING DROP' 
_exptl_crystal_grow.method_ref      ? 
_exptl_crystal_grow.pH              ? 
_exptl_crystal_grow.pressure        ? 
_exptl_crystal_grow.pressure_esd    ? 
_exptl_crystal_grow.seeding         ? 
_exptl_crystal_grow.seeding_ref     ? 
_exptl_crystal_grow.temp            298 
_exptl_crystal_grow.temp_details    'temperature gradient generated from 60 to 25 C at 0.3 degrees per hour' 
_exptl_crystal_grow.temp_esd        ? 
_exptl_crystal_grow.time            ? 
_exptl_crystal_grow.pdbx_details    
;0.5 mL of 0.05 M Cacodylate pH 6.5 with 18 mM MgCl2, 2.25 mM spermine, and 9% isopropanol was added to the reservoir with 2 uL added to the drop containing 4 uL of DNA stock
;
_exptl_crystal_grow.pdbx_pH_range   ? 
# 
_diffrn.ambient_environment              ? 
_diffrn.ambient_temp                     100 
_diffrn.ambient_temp_details             ? 
_diffrn.ambient_temp_esd                 ? 
_diffrn.crystal_id                       1 
_diffrn.crystal_support                  ? 
_diffrn.crystal_treatment                ? 
_diffrn.details                          ? 
_diffrn.id                               1 
_diffrn.ambient_pressure                 ? 
_diffrn.ambient_pressure_esd             ? 
_diffrn.ambient_pressure_gt              ? 
_diffrn.ambient_pressure_lt              ? 
_diffrn.ambient_temp_gt                  ? 
_diffrn.ambient_temp_lt                  ? 
_diffrn.pdbx_serial_crystal_experiment   N 
# 
_diffrn_detector.details                      ? 
_diffrn_detector.detector                     PIXEL 
_diffrn_detector.diffrn_id                    1 
_diffrn_detector.type                         'DECTRIS PILATUS3 6M' 
_diffrn_detector.area_resol_mean              ? 
_diffrn_detector.dtime                        ? 
_diffrn_detector.pdbx_frames_total            ? 
_diffrn_detector.pdbx_collection_time_total   ? 
_diffrn_detector.pdbx_collection_date         2018-03-15 
_diffrn_detector.pdbx_frequency               ? 
# 
_diffrn_radiation.collimation                      ? 
_diffrn_radiation.diffrn_id                        1 
_diffrn_radiation.filter_edge                      ? 
_diffrn_radiation.inhomogeneity                    ? 
_diffrn_radiation.monochromator                    ? 
_diffrn_radiation.polarisn_norm                    ? 
_diffrn_radiation.polarisn_ratio                   ? 
_diffrn_radiation.probe                            ? 
_diffrn_radiation.type                             ? 
_diffrn_radiation.xray_symbol                      ? 
_diffrn_radiation.wavelength_id                    1 
_diffrn_radiation.pdbx_monochromatic_or_laue_m_l   M 
_diffrn_radiation.pdbx_wavelength_list             ? 
_diffrn_radiation.pdbx_wavelength                  ? 
_diffrn_radiation.pdbx_diffrn_protocol             'SINGLE WAVELENGTH' 
_diffrn_radiation.pdbx_analyzer                    ? 
_diffrn_radiation.pdbx_scattering_type             x-ray 
# 
_diffrn_radiation_wavelength.id           1 
_diffrn_radiation_wavelength.wavelength   0.92 
_diffrn_radiation_wavelength.wt           1.0 
# 
_diffrn_source.current                     ? 
_diffrn_source.details                     ? 
_diffrn_source.diffrn_id                   1 
_diffrn_source.power                       ? 
_diffrn_source.size                        ? 
_diffrn_source.source                      SYNCHROTRON 
_diffrn_source.target                      ? 
_diffrn_source.type                        'APS BEAMLINE 19-ID' 
_diffrn_source.voltage                     ? 
_diffrn_source.take-off_angle              ? 
_diffrn_source.pdbx_wavelength_list        0.92 
_diffrn_source.pdbx_wavelength             ? 
_diffrn_source.pdbx_synchrotron_beamline   19-ID 
_diffrn_source.pdbx_synchrotron_site       APS 
# 
_reflns.B_iso_Wilson_estimate            76.180 
_reflns.entry_id                         6X8B 
_reflns.data_reduction_details           ? 
_reflns.data_reduction_method            ? 
_reflns.d_resolution_high                2.899 
_reflns.d_resolution_low                 50.000 
_reflns.details                          ? 
_reflns.limit_h_max                      ? 
_reflns.limit_h_min                      ? 
_reflns.limit_k_max                      ? 
_reflns.limit_k_min                      ? 
_reflns.limit_l_max                      ? 
_reflns.limit_l_min                      ? 
_reflns.number_all                       ? 
_reflns.number_obs                       6565 
_reflns.observed_criterion               ? 
_reflns.observed_criterion_F_max         ? 
_reflns.observed_criterion_F_min         ? 
_reflns.observed_criterion_I_max         ? 
_reflns.observed_criterion_I_min         ? 
_reflns.observed_criterion_sigma_F       ? 
_reflns.observed_criterion_sigma_I       ? 
_reflns.percent_possible_obs             93.800 
_reflns.R_free_details                   ? 
_reflns.Rmerge_F_all                     ? 
_reflns.Rmerge_F_obs                     ? 
_reflns.Friedel_coverage                 ? 
_reflns.number_gt                        ? 
_reflns.threshold_expression             ? 
_reflns.pdbx_redundancy                  9.800 
_reflns.pdbx_Rmerge_I_obs                0.125 
_reflns.pdbx_Rmerge_I_all                ? 
_reflns.pdbx_Rsym_value                  ? 
_reflns.pdbx_netI_over_av_sigmaI         ? 
_reflns.pdbx_netI_over_sigmaI            7.500 
_reflns.pdbx_res_netI_over_av_sigmaI_2   ? 
_reflns.pdbx_res_netI_over_sigmaI_2      ? 
_reflns.pdbx_chi_squared                 4.863 
_reflns.pdbx_scaling_rejects             ? 
_reflns.pdbx_d_res_high_opt              ? 
_reflns.pdbx_d_res_low_opt               ? 
_reflns.pdbx_d_res_opt_method            ? 
_reflns.phase_calculation_details        ? 
_reflns.pdbx_Rrim_I_all                  0.133 
_reflns.pdbx_Rpim_I_all                  0.044 
_reflns.pdbx_d_opt                       ? 
_reflns.pdbx_number_measured_all         ? 
_reflns.pdbx_diffrn_id                   1 
_reflns.pdbx_ordinal                     1 
_reflns.pdbx_CC_half                     0.997 
_reflns.pdbx_CC_star                     ? 
_reflns.pdbx_R_split                     ? 
# 
loop_
_reflns_shell.d_res_high 
_reflns_shell.d_res_low 
_reflns_shell.meanI_over_sigI_all 
_reflns_shell.meanI_over_sigI_obs 
_reflns_shell.number_measured_all 
_reflns_shell.number_measured_obs 
_reflns_shell.number_possible 
_reflns_shell.number_unique_all 
_reflns_shell.number_unique_obs 
_reflns_shell.percent_possible_all 
_reflns_shell.percent_possible_obs 
_reflns_shell.Rmerge_F_all 
_reflns_shell.Rmerge_F_obs 
_reflns_shell.Rmerge_I_all 
_reflns_shell.Rmerge_I_obs 
_reflns_shell.meanI_over_sigI_gt 
_reflns_shell.meanI_over_uI_all 
_reflns_shell.meanI_over_uI_gt 
_reflns_shell.number_measured_gt 
_reflns_shell.number_unique_gt 
_reflns_shell.percent_possible_gt 
_reflns_shell.Rmerge_F_gt 
_reflns_shell.Rmerge_I_gt 
_reflns_shell.pdbx_redundancy 
_reflns_shell.pdbx_Rsym_value 
_reflns_shell.pdbx_chi_squared 
_reflns_shell.pdbx_netI_over_sigmaI_all 
_reflns_shell.pdbx_netI_over_sigmaI_obs 
_reflns_shell.pdbx_Rrim_I_all 
_reflns_shell.pdbx_Rpim_I_all 
_reflns_shell.pdbx_rejects 
_reflns_shell.pdbx_ordinal 
_reflns_shell.pdbx_diffrn_id 
_reflns_shell.pdbx_CC_half 
_reflns_shell.pdbx_CC_star 
_reflns_shell.pdbx_R_split 
2.900 2.950  ? ? ? ? ? ? 222 64.500  ? ? ? ? 1.009 ? ? ? ? ? ? ? ? 8.000  ? 0.462  ? ? 1.073 0.354 ? 1  1 0.770 ? ? 
2.950 3.000  ? ? ? ? ? ? 252 70.000  ? ? ? ? 0.596 ? ? ? ? ? ? ? ? 8.500  ? 0.453  ? ? 0.632 0.205 ? 2  1 0.947 ? ? 
3.000 3.060  ? ? ? ? ? ? 252 72.800  ? ? ? ? 0.422 ? ? ? ? ? ? ? ? 8.200  ? 0.535  ? ? 0.448 0.146 ? 3  1 0.962 ? ? 
3.060 3.120  ? ? ? ? ? ? 306 82.300  ? ? ? ? 0.234 ? ? ? ? ? ? ? ? 8.100  ? 0.736  ? ? 0.247 0.080 ? 4  1 0.991 ? ? 
3.120 3.190  ? ? ? ? ? ? 299 92.000  ? ? ? ? 0.198 ? ? ? ? ? ? ? ? 8.200  ? 1.017  ? ? 0.209 0.065 ? 5  1 0.995 ? ? 
3.190 3.270  ? ? ? ? ? ? 347 96.400  ? ? ? ? 0.103 ? ? ? ? ? ? ? ? 7.700  ? 1.691  ? ? 0.109 0.036 ? 6  1 0.996 ? ? 
3.270 3.350  ? ? ? ? ? ? 338 100.000 ? ? ? ? 0.134 ? ? ? ? ? ? ? ? 9.200  ? 1.193  ? ? 0.145 0.051 ? 7  1 0.982 ? ? 
3.350 3.440  ? ? ? ? ? ? 360 100.000 ? ? ? ? 0.122 ? ? ? ? ? ? ? ? 10.400 ? 1.647  ? ? 0.129 0.041 ? 8  1 0.994 ? ? 
3.440 3.540  ? ? ? ? ? ? 331 100.000 ? ? ? ? 0.152 ? ? ? ? ? ? ? ? 10.500 ? 1.187  ? ? 0.160 0.049 ? 9  1 0.996 ? ? 
3.540 3.650  ? ? ? ? ? ? 355 99.700  ? ? ? ? 0.135 ? ? ? ? ? ? ? ? 10.800 ? 1.282  ? ? 0.142 0.043 ? 10 1 0.996 ? ? 
3.650 3.780  ? ? ? ? ? ? 342 100.000 ? ? ? ? 0.146 ? ? ? ? ? ? ? ? 10.600 ? 1.107  ? ? 0.153 0.047 ? 11 1 0.996 ? ? 
3.780 3.940  ? ? ? ? ? ? 359 100.000 ? ? ? ? 0.123 ? ? ? ? ? ? ? ? 10.200 ? 1.792  ? ? 0.129 0.040 ? 12 1 0.992 ? ? 
3.940 4.110  ? ? ? ? ? ? 348 99.400  ? ? ? ? 0.123 ? ? ? ? ? ? ? ? 9.700  ? 3.762  ? ? 0.130 0.041 ? 13 1 0.985 ? ? 
4.110 4.330  ? ? ? ? ? ? 357 100.000 ? ? ? ? 0.107 ? ? ? ? ? ? ? ? 10.900 ? 2.213  ? ? 0.112 0.034 ? 14 1 0.993 ? ? 
4.330 4.600  ? ? ? ? ? ? 346 100.000 ? ? ? ? 0.104 ? ? ? ? ? ? ? ? 10.800 ? 2.075  ? ? 0.109 0.033 ? 15 1 0.994 ? ? 
4.600 4.960  ? ? ? ? ? ? 352 100.000 ? ? ? ? 0.106 ? ? ? ? ? ? ? ? 10.700 ? 3.526  ? ? 0.111 0.034 ? 16 1 0.966 ? ? 
4.960 5.460  ? ? ? ? ? ? 347 100.000 ? ? ? ? 0.104 ? ? ? ? ? ? ? ? 9.900  ? 7.457  ? ? 0.110 0.036 ? 17 1 0.930 ? ? 
5.460 6.240  ? ? ? ? ? ? 355 100.000 ? ? ? ? 0.091 ? ? ? ? ? ? ? ? 11.100 ? 7.086  ? ? 0.095 0.029 ? 18 1 0.977 ? ? 
6.240 7.860  ? ? ? ? ? ? 343 100.000 ? ? ? ? 0.093 ? ? ? ? ? ? ? ? 10.300 ? 12.410 ? ? 0.099 0.033 ? 19 1 0.930 ? ? 
7.860 50.000 ? ? ? ? ? ? 354 99.400  ? ? ? ? 0.138 ? ? ? ? ? ? ? ? 10.200 ? 36.019 ? ? 0.147 0.050 ? 20 1 0.946 ? ? 
# 
_refine.aniso_B[1][1]                            ? 
_refine.aniso_B[1][2]                            ? 
_refine.aniso_B[1][3]                            ? 
_refine.aniso_B[2][2]                            ? 
_refine.aniso_B[2][3]                            ? 
_refine.aniso_B[3][3]                            ? 
_refine.B_iso_max                                195.340 
_refine.B_iso_mean                               103.4396 
_refine.B_iso_min                                44.060 
_refine.correlation_coeff_Fo_to_Fc               ? 
_refine.correlation_coeff_Fo_to_Fc_free          ? 
_refine.details                                  ? 
_refine.diff_density_max                         ? 
_refine.diff_density_max_esd                     ? 
_refine.diff_density_min                         ? 
_refine.diff_density_min_esd                     ? 
_refine.diff_density_rms                         ? 
_refine.diff_density_rms_esd                     ? 
_refine.entry_id                                 6X8B 
_refine.pdbx_refine_id                           'X-RAY DIFFRACTION' 
_refine.ls_abs_structure_details                 ? 
_refine.ls_abs_structure_Flack                   ? 
_refine.ls_abs_structure_Flack_esd               ? 
_refine.ls_abs_structure_Rogers                  ? 
_refine.ls_abs_structure_Rogers_esd              ? 
_refine.ls_d_res_high                            2.8990 
_refine.ls_d_res_low                             29.7810 
_refine.ls_extinction_coef                       ? 
_refine.ls_extinction_coef_esd                   ? 
_refine.ls_extinction_expression                 ? 
_refine.ls_extinction_method                     ? 
_refine.ls_goodness_of_fit_all                   ? 
_refine.ls_goodness_of_fit_all_esd               ? 
_refine.ls_goodness_of_fit_obs                   ? 
_refine.ls_goodness_of_fit_obs_esd               ? 
_refine.ls_hydrogen_treatment                    ? 
_refine.ls_matrix_type                           ? 
_refine.ls_number_constraints                    ? 
_refine.ls_number_parameters                     ? 
_refine.ls_number_reflns_all                     ? 
_refine.ls_number_reflns_obs                     6412 
_refine.ls_number_reflns_R_free                  634 
_refine.ls_number_reflns_R_work                  5778 
_refine.ls_number_restraints                     ? 
_refine.ls_percent_reflns_obs                    91.8400 
_refine.ls_percent_reflns_R_free                 9.8900 
_refine.ls_R_factor_all                          ? 
_refine.ls_R_factor_obs                          0.2390 
_refine.ls_R_factor_R_free                       0.2505 
_refine.ls_R_factor_R_free_error                 ? 
_refine.ls_R_factor_R_free_error_details         ? 
_refine.ls_R_factor_R_work                       0.2378 
_refine.ls_R_Fsqd_factor_obs                     ? 
_refine.ls_R_I_factor_obs                        ? 
_refine.ls_redundancy_reflns_all                 ? 
_refine.ls_redundancy_reflns_obs                 ? 
_refine.ls_restrained_S_all                      ? 
_refine.ls_restrained_S_obs                      ? 
_refine.ls_shift_over_esd_max                    ? 
_refine.ls_shift_over_esd_mean                   ? 
_refine.ls_structure_factor_coef                 ? 
_refine.ls_weighting_details                     ? 
_refine.ls_weighting_scheme                      ? 
_refine.ls_wR_factor_all                         ? 
_refine.ls_wR_factor_obs                         ? 
_refine.ls_wR_factor_R_free                      ? 
_refine.ls_wR_factor_R_work                      ? 
_refine.occupancy_max                            ? 
_refine.occupancy_min                            ? 
_refine.solvent_model_details                    'FLAT BULK SOLVENT MODEL' 
_refine.solvent_model_param_bsol                 ? 
_refine.solvent_model_param_ksol                 ? 
_refine.pdbx_R_complete                          ? 
_refine.ls_R_factor_gt                           ? 
_refine.ls_goodness_of_fit_gt                    ? 
_refine.ls_goodness_of_fit_ref                   ? 
_refine.ls_shift_over_su_max                     ? 
_refine.ls_shift_over_su_max_lt                  ? 
_refine.ls_shift_over_su_mean                    ? 
_refine.ls_shift_over_su_mean_lt                 ? 
_refine.pdbx_ls_sigma_I                          ? 
_refine.pdbx_ls_sigma_F                          2.000 
_refine.pdbx_ls_sigma_Fsqd                       ? 
_refine.pdbx_data_cutoff_high_absF               ? 
_refine.pdbx_data_cutoff_high_rms_absF           ? 
_refine.pdbx_data_cutoff_low_absF                ? 
_refine.pdbx_isotropic_thermal_model             ? 
_refine.pdbx_ls_cross_valid_method               THROUGHOUT 
_refine.pdbx_method_to_determine_struct          'MOLECULAR REPLACEMENT' 
_refine.pdbx_starting_model                      5kek 
_refine.pdbx_stereochemistry_target_values       ML 
_refine.pdbx_R_Free_selection_details            ? 
_refine.pdbx_stereochem_target_val_spec_case     ? 
_refine.pdbx_overall_ESU_R                       ? 
_refine.pdbx_overall_ESU_R_Free                  ? 
_refine.pdbx_solvent_vdw_probe_radii             1.1100 
_refine.pdbx_solvent_ion_probe_radii             ? 
_refine.pdbx_solvent_shrinkage_radii             0.9000 
_refine.pdbx_real_space_R                        ? 
_refine.pdbx_density_correlation                 ? 
_refine.pdbx_pd_number_of_powder_patterns        ? 
_refine.pdbx_pd_number_of_points                 ? 
_refine.pdbx_pd_meas_number_of_points            ? 
_refine.pdbx_pd_proc_ls_prof_R_factor            ? 
_refine.pdbx_pd_proc_ls_prof_wR_factor           ? 
_refine.pdbx_pd_Marquardt_correlation_coeff      ? 
_refine.pdbx_pd_Fsqrd_R_factor                   ? 
_refine.pdbx_pd_ls_matrix_band_width             ? 
_refine.pdbx_overall_phase_error                 37.2200 
_refine.pdbx_overall_SU_R_free_Cruickshank_DPI   ? 
_refine.pdbx_overall_SU_R_free_Blow_DPI          ? 
_refine.pdbx_overall_SU_R_Blow_DPI               ? 
_refine.pdbx_TLS_residual_ADP_flag               ? 
_refine.pdbx_diffrn_id                           1 
_refine.overall_SU_B                             ? 
_refine.overall_SU_ML                            0.4500 
_refine.overall_SU_R_Cruickshank_DPI             ? 
_refine.overall_SU_R_free                        ? 
_refine.overall_FOM_free_R_set                   ? 
_refine.overall_FOM_work_R_set                   ? 
_refine.pdbx_average_fsc_overall                 ? 
_refine.pdbx_average_fsc_work                    ? 
_refine.pdbx_average_fsc_free                    ? 
# 
_refine_hist.pdbx_refine_id                   'X-RAY DIFFRACTION' 
_refine_hist.cycle_id                         final 
_refine_hist.details                          ? 
_refine_hist.d_res_high                       2.8990 
_refine_hist.d_res_low                        29.7810 
_refine_hist.number_atoms_solvent             0 
_refine_hist.number_atoms_total               860 
_refine_hist.number_reflns_all                ? 
_refine_hist.number_reflns_obs                ? 
_refine_hist.number_reflns_R_free             ? 
_refine_hist.number_reflns_R_work             ? 
_refine_hist.R_factor_all                     ? 
_refine_hist.R_factor_obs                     ? 
_refine_hist.R_factor_R_free                  ? 
_refine_hist.R_factor_R_work                  ? 
_refine_hist.pdbx_number_residues_total       42 
_refine_hist.pdbx_B_iso_mean_ligand           125.74 
_refine_hist.pdbx_B_iso_mean_solvent          ? 
_refine_hist.pdbx_number_atoms_protein        0 
_refine_hist.pdbx_number_atoms_nucleic_acid   855 
_refine_hist.pdbx_number_atoms_ligand         5 
_refine_hist.pdbx_number_atoms_lipid          ? 
_refine_hist.pdbx_number_atoms_carb           ? 
_refine_hist.pdbx_pseudo_atom_details         ? 
# 
loop_
_refine_ls_restr.pdbx_refine_id 
_refine_ls_restr.criterion 
_refine_ls_restr.dev_ideal 
_refine_ls_restr.dev_ideal_target 
_refine_ls_restr.number 
_refine_ls_restr.rejects 
_refine_ls_restr.type 
_refine_ls_restr.weight 
_refine_ls_restr.pdbx_restraint_function 
'X-RAY DIFFRACTION' ? 0.005  ? 956  ? f_bond_d           ? ? 
'X-RAY DIFFRACTION' ? 0.727  ? 1467 ? f_angle_d          ? ? 
'X-RAY DIFFRACTION' ? 0.036  ? 166  ? f_chiral_restr     ? ? 
'X-RAY DIFFRACTION' ? 0.005  ? 42   ? f_plane_restr      ? ? 
'X-RAY DIFFRACTION' ? 34.318 ? 406  ? f_dihedral_angle_d ? ? 
# 
loop_
_refine_ls_shell.pdbx_refine_id 
_refine_ls_shell.d_res_high 
_refine_ls_shell.d_res_low 
_refine_ls_shell.number_reflns_all 
_refine_ls_shell.number_reflns_obs 
_refine_ls_shell.number_reflns_R_free 
_refine_ls_shell.number_reflns_R_work 
_refine_ls_shell.percent_reflns_obs 
_refine_ls_shell.percent_reflns_R_free 
_refine_ls_shell.R_factor_all 
_refine_ls_shell.R_factor_obs 
_refine_ls_shell.R_factor_R_free 
_refine_ls_shell.R_factor_R_free_error 
_refine_ls_shell.R_factor_R_work 
_refine_ls_shell.redundancy_reflns_all 
_refine_ls_shell.redundancy_reflns_obs 
_refine_ls_shell.wR_factor_all 
_refine_ls_shell.wR_factor_obs 
_refine_ls_shell.wR_factor_R_free 
_refine_ls_shell.wR_factor_R_work 
_refine_ls_shell.pdbx_R_complete 
_refine_ls_shell.pdbx_total_number_of_bins_used 
_refine_ls_shell.pdbx_phase_error 
_refine_ls_shell.pdbx_fsc_work 
_refine_ls_shell.pdbx_fsc_free 
'X-RAY DIFFRACTION' 2.899  3.1226  . . 98  932  72.0000  . . . 0.3723 0.0000 0.4028 . . . . . . . . . . . 
'X-RAY DIFFRACTION' 3.1226 3.4364  . . 94  1131 89.0000  . . . 0.3159 0.0000 0.3092 . . . . . . . . . . . 
'X-RAY DIFFRACTION' 3.4364 3.9327  . . 124 1256 100.0000 . . . 0.3474 0.0000 0.2988 . . . . . . . . . . . 
'X-RAY DIFFRACTION' 3.9327 4.9511  . . 152 1248 100.0000 . . . 0.2994 0.0000 0.2709 . . . . . . . . . . . 
'X-RAY DIFFRACTION' 4.9511 29.7810 . . 166 1211 99.0000  . . . 0.1945 0.0000 0.1828 . . . . . . . . . . . 
# 
_struct.entry_id                     6X8B 
_struct.title                        
'Self-assembly of a 3D DNA crystal lattice (4x5 duplex version) containing the J6 immobile Holliday junction' 
_struct.pdbx_model_details           ? 
_struct.pdbx_formula_weight          ? 
_struct.pdbx_formula_weight_method   ? 
_struct.pdbx_model_type_details      ? 
_struct.pdbx_CASP_flag               N 
# 
_struct_keywords.entry_id        6X8B 
_struct_keywords.text            
'Structural DNA nanotechnology, immobile Holliday junctions, 3D DNA self-assembly, designer DNA crystals, DNA' 
_struct_keywords.pdbx_keywords   DNA 
# 
loop_
_struct_asym.id 
_struct_asym.pdbx_blank_PDB_chainid_flag 
_struct_asym.pdbx_modified 
_struct_asym.entity_id 
_struct_asym.details 
A N N 1 ? 
B N N 2 ? 
C N N 3 ? 
D N N 4 ? 
E N N 5 ? 
F N N 5 ? 
G N N 6 ? 
H N N 5 ? 
I N N 6 ? 
# 
loop_
_struct_conn.id 
_struct_conn.conn_type_id 
_struct_conn.pdbx_leaving_atom_flag 
_struct_conn.pdbx_PDB_id 
_struct_conn.ptnr1_label_asym_id 
_struct_conn.ptnr1_label_comp_id 
_struct_conn.ptnr1_label_seq_id 
_struct_conn.ptnr1_label_atom_id 
_struct_conn.pdbx_ptnr1_label_alt_id 
_struct_conn.pdbx_ptnr1_PDB_ins_code 
_struct_conn.pdbx_ptnr1_standard_comp_id 
_struct_conn.ptnr1_symmetry 
_struct_conn.ptnr2_label_asym_id 
_struct_conn.ptnr2_label_comp_id 
_struct_conn.ptnr2_label_seq_id 
_struct_conn.ptnr2_label_atom_id 
_struct_conn.pdbx_ptnr2_label_alt_id 
_struct_conn.pdbx_ptnr2_PDB_ins_code 
_struct_conn.ptnr1_auth_asym_id 
_struct_conn.ptnr1_auth_comp_id 
_struct_conn.ptnr1_auth_seq_id 
_struct_conn.ptnr2_auth_asym_id 
_struct_conn.ptnr2_auth_comp_id 
_struct_conn.ptnr2_auth_seq_id 
_struct_conn.ptnr2_symmetry 
_struct_conn.pdbx_ptnr3_label_atom_id 
_struct_conn.pdbx_ptnr3_label_seq_id 
_struct_conn.pdbx_ptnr3_label_comp_id 
_struct_conn.pdbx_ptnr3_label_asym_id 
_struct_conn.pdbx_ptnr3_label_alt_id 
_struct_conn.pdbx_ptnr3_PDB_ins_code 
_struct_conn.details 
_struct_conn.pdbx_dist_value 
_struct_conn.pdbx_value_order 
_struct_conn.pdbx_role 
metalc1  metalc ? ? C DG 8  OP2 ? ? ? 1_555 H MG . MG ? ? C DG 8  C MG 101 1_555 ? ? ? ? ? ? ?            2.552 ? ? 
hydrog1  hydrog ? ? A DG 3  N1  ? ? ? 1_555 D DC 7 N3 ? ? A DG 3  D DC 16  1_555 ? ? ? ? ? ? WATSON-CRICK ?     ? ? 
hydrog2  hydrog ? ? A DG 3  N2  ? ? ? 1_555 D DC 7 O2 ? ? A DG 3  D DC 16  1_555 ? ? ? ? ? ? WATSON-CRICK ?     ? ? 
hydrog3  hydrog ? ? A DG 3  O6  ? ? ? 1_555 D DC 7 N4 ? ? A DG 3  D DC 16  1_555 ? ? ? ? ? ? WATSON-CRICK ?     ? ? 
hydrog4  hydrog ? ? A DC 4  N3  ? ? ? 1_555 D DG 6 N1 ? ? A DC 4  D DG 15  1_555 ? ? ? ? ? ? WATSON-CRICK ?     ? ? 
hydrog5  hydrog ? ? A DC 4  N4  ? ? ? 1_555 D DG 6 O6 ? ? A DC 4  D DG 15  1_555 ? ? ? ? ? ? WATSON-CRICK ?     ? ? 
hydrog6  hydrog ? ? A DC 4  O2  ? ? ? 1_555 D DG 6 N2 ? ? A DC 4  D DG 15  1_555 ? ? ? ? ? ? WATSON-CRICK ?     ? ? 
hydrog7  hydrog ? ? A DA 5  N1  ? ? ? 1_555 D DT 5 N3 ? ? A DA 5  D DT 14  1_555 ? ? ? ? ? ? 'DA-DT PAIR' ?     ? ? 
hydrog8  hydrog ? ? A DG 6  N1  ? ? ? 1_555 D DC 4 N3 ? ? A DG 6  D DC 13  1_555 ? ? ? ? ? ? WATSON-CRICK ?     ? ? 
hydrog9  hydrog ? ? A DG 6  N2  ? ? ? 1_555 D DC 4 O2 ? ? A DG 6  D DC 13  1_555 ? ? ? ? ? ? WATSON-CRICK ?     ? ? 
hydrog10 hydrog ? ? A DG 6  O6  ? ? ? 1_555 D DC 4 N4 ? ? A DG 6  D DC 13  1_555 ? ? ? ? ? ? WATSON-CRICK ?     ? ? 
hydrog11 hydrog ? ? A DA 7  N1  ? ? ? 1_555 D DT 3 N3 ? ? A DA 7  D DT 12  1_555 ? ? ? ? ? ? WATSON-CRICK ?     ? ? 
hydrog12 hydrog ? ? A DA 7  N6  ? ? ? 1_555 D DT 3 O4 ? ? A DA 7  D DT 12  1_555 ? ? ? ? ? ? WATSON-CRICK ?     ? ? 
hydrog13 hydrog ? ? A DC 8  N3  ? ? ? 1_555 D DG 2 N1 ? ? A DC 8  D DG 11  1_555 ? ? ? ? ? ? WATSON-CRICK ?     ? ? 
hydrog14 hydrog ? ? A DC 8  N4  ? ? ? 1_555 D DG 2 O6 ? ? A DC 8  D DG 11  1_555 ? ? ? ? ? ? WATSON-CRICK ?     ? ? 
hydrog15 hydrog ? ? A DC 8  O2  ? ? ? 1_555 D DG 2 N2 ? ? A DC 8  D DG 11  1_555 ? ? ? ? ? ? WATSON-CRICK ?     ? ? 
hydrog16 hydrog ? ? A DA 9  N1  ? ? ? 1_555 D DT 1 N3 ? ? A DA 9  D DT 10  1_555 ? ? ? ? ? ? WATSON-CRICK ?     ? ? 
hydrog17 hydrog ? ? A DA 9  N6  ? ? ? 1_555 D DT 1 O4 ? ? A DA 9  D DT 10  1_555 ? ? ? ? ? ? WATSON-CRICK ?     ? ? 
hydrog18 hydrog ? ? A DA 10 N1  ? ? ? 1_555 B DT 5 N3 ? ? A DA 10 B DT 5   1_555 ? ? ? ? ? ? WATSON-CRICK ?     ? ? 
hydrog19 hydrog ? ? A DA 10 N6  ? ? ? 1_555 B DT 5 O4 ? ? A DA 10 B DT 5   1_555 ? ? ? ? ? ? WATSON-CRICK ?     ? ? 
hydrog20 hydrog ? ? A DG 11 N1  ? ? ? 1_555 B DC 4 N3 ? ? A DG 11 B DC 4   1_555 ? ? ? ? ? ? WATSON-CRICK ?     ? ? 
hydrog21 hydrog ? ? A DG 11 N2  ? ? ? 1_555 B DC 4 O2 ? ? A DG 11 B DC 4   1_555 ? ? ? ? ? ? WATSON-CRICK ?     ? ? 
hydrog22 hydrog ? ? A DG 11 O6  ? ? ? 1_555 B DC 4 N4 ? ? A DG 11 B DC 4   1_555 ? ? ? ? ? ? WATSON-CRICK ?     ? ? 
hydrog23 hydrog ? ? A DA 12 N1  ? ? ? 1_555 B DT 3 N3 ? ? A DA 12 B DT 3   1_555 ? ? ? ? ? ? WATSON-CRICK ?     ? ? 
hydrog24 hydrog ? ? A DA 12 N6  ? ? ? 1_555 B DT 3 O4 ? ? A DA 12 B DT 3   1_555 ? ? ? ? ? ? WATSON-CRICK ?     ? ? 
hydrog25 hydrog ? ? A DC 13 N3  ? ? ? 1_555 B DG 2 N1 ? ? A DC 13 B DG 2   1_555 ? ? ? ? ? ? WATSON-CRICK ?     ? ? 
hydrog26 hydrog ? ? A DC 13 N4  ? ? ? 1_555 B DG 2 O6 ? ? A DC 13 B DG 2   1_555 ? ? ? ? ? ? WATSON-CRICK ?     ? ? 
hydrog27 hydrog ? ? A DC 13 O2  ? ? ? 1_555 B DG 2 N2 ? ? A DC 13 B DG 2   1_555 ? ? ? ? ? ? WATSON-CRICK ?     ? ? 
hydrog28 hydrog ? ? A DT 14 N3  ? ? ? 1_555 B DA 1 N1 ? ? A DT 14 B DA 1   1_555 ? ? ? ? ? ? WATSON-CRICK ?     ? ? 
hydrog29 hydrog ? ? A DT 14 O4  ? ? ? 1_555 B DA 1 N6 ? ? A DT 14 B DA 1   1_555 ? ? ? ? ? ? WATSON-CRICK ?     ? ? 
hydrog30 hydrog ? ? A DT 15 N3  ? ? ? 1_555 C DA 9 N1 ? ? A DT 15 C DA 9   1_555 ? ? ? ? ? ? WATSON-CRICK ?     ? ? 
hydrog31 hydrog ? ? A DT 15 O4  ? ? ? 1_555 C DA 9 N6 ? ? A DT 15 C DA 9   1_555 ? ? ? ? ? ? WATSON-CRICK ?     ? ? 
hydrog32 hydrog ? ? A DC 16 N3  ? ? ? 1_555 C DG 8 N1 ? ? A DC 16 C DG 8   1_555 ? ? ? ? ? ? WATSON-CRICK ?     ? ? 
hydrog33 hydrog ? ? A DC 16 N4  ? ? ? 1_555 C DG 8 O6 ? ? A DC 16 C DG 8   1_555 ? ? ? ? ? ? WATSON-CRICK ?     ? ? 
hydrog34 hydrog ? ? A DC 16 O2  ? ? ? 1_555 C DG 8 N2 ? ? A DC 16 C DG 8   1_555 ? ? ? ? ? ? WATSON-CRICK ?     ? ? 
hydrog35 hydrog ? ? A DA 17 N1  ? ? ? 1_555 C DT 7 N3 ? ? A DA 17 C DT 7   1_555 ? ? ? ? ? ? WATSON-CRICK ?     ? ? 
hydrog36 hydrog ? ? A DA 17 N6  ? ? ? 1_555 C DT 7 O4 ? ? A DA 17 C DT 7   1_555 ? ? ? ? ? ? WATSON-CRICK ?     ? ? 
hydrog37 hydrog ? ? A DC 18 N3  ? ? ? 1_555 C DG 6 N1 ? ? A DC 18 C DG 6   1_555 ? ? ? ? ? ? WATSON-CRICK ?     ? ? 
hydrog38 hydrog ? ? A DC 18 N4  ? ? ? 1_555 C DG 6 O6 ? ? A DC 18 C DG 6   1_555 ? ? ? ? ? ? WATSON-CRICK ?     ? ? 
hydrog39 hydrog ? ? A DC 18 O2  ? ? ? 1_555 C DG 6 N2 ? ? A DC 18 C DG 6   1_555 ? ? ? ? ? ? WATSON-CRICK ?     ? ? 
hydrog40 hydrog ? ? A DT 19 N3  ? ? ? 1_555 C DA 5 N1 ? ? A DT 19 C DA 5   1_555 ? ? ? ? ? ? WATSON-CRICK ?     ? ? 
hydrog41 hydrog ? ? A DT 19 O4  ? ? ? 1_555 C DA 5 N6 ? ? A DT 19 C DA 5   1_555 ? ? ? ? ? ? WATSON-CRICK ?     ? ? 
hydrog42 hydrog ? ? A DC 20 N3  ? ? ? 1_555 C DG 4 N1 ? ? A DC 20 C DG 4   1_555 ? ? ? ? ? ? WATSON-CRICK ?     ? ? 
hydrog43 hydrog ? ? A DC 20 N4  ? ? ? 1_555 C DG 4 O6 ? ? A DC 20 C DG 4   1_555 ? ? ? ? ? ? WATSON-CRICK ?     ? ? 
hydrog44 hydrog ? ? A DC 20 O2  ? ? ? 1_555 C DG 4 N2 ? ? A DC 20 C DG 4   1_555 ? ? ? ? ? ? WATSON-CRICK ?     ? ? 
hydrog45 hydrog ? ? A DA 21 N1  ? ? ? 1_555 C DT 3 N3 ? ? A DA 21 C DT 3   1_555 ? ? ? ? ? ? WATSON-CRICK ?     ? ? 
hydrog46 hydrog ? ? A DA 21 N6  ? ? ? 1_555 C DT 3 O4 ? ? A DA 21 C DT 3   1_555 ? ? ? ? ? ? WATSON-CRICK ?     ? ? 
# 
loop_
_struct_conn_type.id 
_struct_conn_type.criteria 
_struct_conn_type.reference 
metalc ? ? 
hydrog ? ? 
# 
loop_
_struct_site.id 
_struct_site.pdbx_evidence_code 
_struct_site.pdbx_auth_asym_id 
_struct_site.pdbx_auth_comp_id 
_struct_site.pdbx_auth_seq_id 
_struct_site.pdbx_auth_ins_code 
_struct_site.pdbx_num_residues 
_struct_site.details 
AC1 Software A MG 101 ? 1 'binding site for residue MG A 101' 
AC2 Software A MG 102 ? 1 'binding site for residue MG A 102' 
AC3 Software C MG 101 ? 1 'binding site for residue MG C 101' 
# 
loop_
_struct_site_gen.id 
_struct_site_gen.site_id 
_struct_site_gen.pdbx_num_res 
_struct_site_gen.label_comp_id 
_struct_site_gen.label_asym_id 
_struct_site_gen.label_seq_id 
_struct_site_gen.pdbx_auth_ins_code 
_struct_site_gen.auth_comp_id 
_struct_site_gen.auth_asym_id 
_struct_site_gen.auth_seq_id 
_struct_site_gen.label_atom_id 
_struct_site_gen.label_alt_id 
_struct_site_gen.symmetry 
_struct_site_gen.details 
1 AC1 1 DG A 3 ? DG A 3 . ? 1_555 ? 
2 AC2 1 DT B 5 ? DT B 5 . ? 1_555 ? 
3 AC3 1 DG C 8 ? DG C 8 . ? 1_555 ? 
# 
_atom_sites.entry_id                    6X8B 
_atom_sites.Cartn_transf_matrix[1][1]   ? 
_atom_sites.Cartn_transf_matrix[1][2]   ? 
_atom_sites.Cartn_transf_matrix[1][3]   ? 
_atom_sites.Cartn_transf_matrix[2][1]   ? 
_atom_sites.Cartn_transf_matrix[2][2]   ? 
_atom_sites.Cartn_transf_matrix[2][3]   ? 
_atom_sites.Cartn_transf_matrix[3][1]   ? 
_atom_sites.Cartn_transf_matrix[3][2]   ? 
_atom_sites.Cartn_transf_matrix[3][3]   ? 
_atom_sites.Cartn_transf_vector[1]      ? 
_atom_sites.Cartn_transf_vector[2]      ? 
_atom_sites.Cartn_transf_vector[3]      ? 
_atom_sites.fract_transf_matrix[1][1]   0.00464498 
_atom_sites.fract_transf_matrix[1][2]   0.01333400 
_atom_sites.fract_transf_matrix[1][3]   0.00905148 
_atom_sites.fract_transf_matrix[2][1]   0.00502033 
_atom_sites.fract_transf_matrix[2][2]   -0.00198041 
_atom_sites.fract_transf_matrix[2][3]   0.01587999 
_atom_sites.fract_transf_matrix[3][1]   0.01587800 
_atom_sites.fract_transf_matrix[3][2]   -0.00195794 
_atom_sites.fract_transf_matrix[3][3]   -0.00526388 
_atom_sites.fract_transf_vector[1]      -0.058069 
_atom_sites.fract_transf_vector[2]      -0.082234 
_atom_sites.fract_transf_vector[3]      -0.088593 
_atom_sites.solution_primary            ? 
_atom_sites.solution_secondary          ? 
_atom_sites.solution_hydrogens          ? 
_atom_sites.special_details             ? 
# 
loop_
_atom_type.symbol 
AS 
C  
MG 
N  
O  
P  
# 
loop_
_atom_site.group_PDB 
_atom_site.id 
_atom_site.type_symbol 
_atom_site.label_atom_id 
_atom_site.label_alt_id 
_atom_site.label_comp_id 
_atom_site.label_asym_id 
_atom_site.label_entity_id 
_atom_site.label_seq_id 
_atom_site.pdbx_PDB_ins_code 
_atom_site.Cartn_x 
_atom_site.Cartn_y 
_atom_site.Cartn_z 
_atom_site.occupancy 
_atom_site.B_iso_or_equiv 
_atom_site.pdbx_formal_charge 
_atom_site.auth_seq_id 
_atom_site.auth_comp_id 
_atom_site.auth_asym_id 
_atom_site.auth_atom_id 
_atom_site.pdbx_PDB_model_num 
ATOM   1   O  "O5'" . DG  A 1 1  ? -5.997  -35.545 4.911   1.00 138.76 ? 1   DG  A "O5'" 1 
ATOM   2   C  "C5'" . DG  A 1 1  ? -4.926  -36.386 5.324   1.00 146.91 ? 1   DG  A "C5'" 1 
ATOM   3   C  "C4'" . DG  A 1 1  ? -3.869  -36.486 4.238   1.00 151.49 ? 1   DG  A "C4'" 1 
ATOM   4   O  "O4'" . DG  A 1 1  ? -4.451  -37.091 3.058   1.00 144.40 ? 1   DG  A "O4'" 1 
ATOM   5   C  "C3'" . DG  A 1 1  ? -3.290  -35.151 3.787   1.00 150.27 ? 1   DG  A "C3'" 1 
ATOM   6   O  "O3'" . DG  A 1 1  ? -2.102  -34.873 4.526   1.00 155.89 ? 1   DG  A "O3'" 1 
ATOM   7   C  "C2'" . DG  A 1 1  ? -2.982  -35.386 2.311   1.00 142.73 ? 1   DG  A "C2'" 1 
ATOM   8   C  "C1'" . DG  A 1 1  ? -4.039  -36.399 1.895   1.00 135.75 ? 1   DG  A "C1'" 1 
ATOM   9   N  N9    . DG  A 1 1  ? -5.220  -35.821 1.257   1.00 128.59 ? 1   DG  A N9    1 
ATOM   10  C  C8    . DG  A 1 1  ? -6.411  -35.489 1.861   1.00 124.43 ? 1   DG  A C8    1 
ATOM   11  N  N7    . DG  A 1 1  ? -7.301  -35.013 1.032   1.00 124.26 ? 1   DG  A N7    1 
ATOM   12  C  C5    . DG  A 1 1  ? -6.664  -35.038 -0.203  1.00 125.94 ? 1   DG  A C5    1 
ATOM   13  C  C6    . DG  A 1 1  ? -7.134  -34.641 -1.483  1.00 121.95 ? 1   DG  A C6    1 
ATOM   14  O  O6    . DG  A 1 1  ? -8.243  -34.173 -1.786  1.00 105.71 ? 1   DG  A O6    1 
ATOM   15  N  N1    . DG  A 1 1  ? -6.164  -34.832 -2.468  1.00 117.73 ? 1   DG  A N1    1 
ATOM   16  C  C2    . DG  A 1 1  ? -4.903  -35.341 -2.245  1.00 123.66 ? 1   DG  A C2    1 
ATOM   17  N  N2    . DG  A 1 1  ? -4.108  -35.448 -3.319  1.00 114.18 ? 1   DG  A N2    1 
ATOM   18  N  N3    . DG  A 1 1  ? -4.452  -35.718 -1.052  1.00 124.31 ? 1   DG  A N3    1 
ATOM   19  C  C4    . DG  A 1 1  ? -5.382  -35.537 -0.082  1.00 126.03 ? 1   DG  A C4    1 
ATOM   20  P  P     . DA  A 1 2  ? -1.480  -33.391 4.552   1.00 154.78 ? 2   DA  A P     1 
ATOM   21  O  OP1   . DA  A 1 2  ? -0.404  -33.386 5.571   1.00 154.58 ? 2   DA  A OP1   1 
ATOM   22  O  OP2   . DA  A 1 2  ? -2.602  -32.429 4.648   1.00 148.39 ? 2   DA  A OP2   1 
ATOM   23  O  "O5'" . DA  A 1 2  ? -0.811  -33.223 3.107   1.00 138.03 ? 2   DA  A "O5'" 1 
ATOM   24  C  "C5'" . DA  A 1 2  ? 0.282   -34.050 2.724   1.00 132.52 ? 2   DA  A "C5'" 1 
ATOM   25  C  "C4'" . DA  A 1 2  ? 0.524   -33.958 1.228   1.00 131.84 ? 2   DA  A "C4'" 1 
ATOM   26  O  "O4'" . DA  A 1 2  ? -0.744  -34.066 0.527   1.00 125.32 ? 2   DA  A "O4'" 1 
ATOM   27  C  "C3'" . DA  A 1 2  ? 1.151   -32.649 0.759   1.00 133.32 ? 2   DA  A "C3'" 1 
ATOM   28  O  "O3'" . DA  A 1 2  ? 2.031   -32.888 -0.327  1.00 132.99 ? 2   DA  A "O3'" 1 
ATOM   29  C  "C2'" . DA  A 1 2  ? -0.056  -31.831 0.324   1.00 131.38 ? 2   DA  A "C2'" 1 
ATOM   30  C  "C1'" . DA  A 1 2  ? -0.969  -32.907 -0.244  1.00 123.55 ? 2   DA  A "C1'" 1 
ATOM   31  N  N9    . DA  A 1 2  ? -2.382  -32.554 -0.153  1.00 128.66 ? 2   DA  A N9    1 
ATOM   32  C  C8    . DA  A 1 2  ? -3.129  -32.417 0.985   1.00 126.70 ? 2   DA  A C8    1 
ATOM   33  N  N7    . DA  A 1 2  ? -4.378  -32.077 0.762   1.00 126.32 ? 2   DA  A N7    1 
ATOM   34  C  C5    . DA  A 1 2  ? -4.452  -31.975 -0.618  1.00 127.07 ? 2   DA  A C5    1 
ATOM   35  C  C6    . DA  A 1 2  ? -5.509  -31.644 -1.493  1.00 123.70 ? 2   DA  A C6    1 
ATOM   36  N  N6    . DA  A 1 2  ? -6.743  -31.343 -1.075  1.00 123.77 ? 2   DA  A N6    1 
ATOM   37  N  N1    . DA  A 1 2  ? -5.247  -31.635 -2.819  1.00 123.85 ? 2   DA  A N1    1 
ATOM   38  C  C2    . DA  A 1 2  ? -4.008  -31.941 -3.233  1.00 129.24 ? 2   DA  A C2    1 
ATOM   39  N  N3    . DA  A 1 2  ? -2.935  -32.264 -2.507  1.00 128.31 ? 2   DA  A N3    1 
ATOM   40  C  C4    . DA  A 1 2  ? -3.229  -32.265 -1.197  1.00 129.03 ? 2   DA  A C4    1 
ATOM   41  P  P     . DG  A 1 3  ? 2.876   -31.673 -0.951  1.00 145.18 ? 3   DG  A P     1 
ATOM   42  O  OP1   . DG  A 1 3  ? 4.044   -32.239 -1.662  1.00 119.47 ? 3   DG  A OP1   1 
ATOM   43  O  OP2   . DG  A 1 3  ? 3.078   -30.677 0.127   1.00 158.21 ? 3   DG  A OP2   1 
ATOM   44  O  "O5'" . DG  A 1 3  ? 1.887   -31.037 -2.034  1.00 124.03 ? 3   DG  A "O5'" 1 
ATOM   45  C  "C5'" . DG  A 1 3  ? 1.364   -31.850 -3.062  1.00 116.76 ? 3   DG  A "C5'" 1 
ATOM   46  C  "C4'" . DG  A 1 3  ? 0.951   -31.019 -4.263  1.00 124.18 ? 3   DG  A "C4'" 1 
ATOM   47  O  "O4'" . DG  A 1 3  ? -0.479  -30.784 -4.233  1.00 124.30 ? 3   DG  A "O4'" 1 
ATOM   48  C  "C3'" . DG  A 1 3  ? 1.589   -29.639 -4.368  1.00 137.86 ? 3   DG  A "C3'" 1 
ATOM   49  O  "O3'" . DG  A 1 3  ? 1.745   -29.316 -5.746  1.00 136.97 ? 3   DG  A "O3'" 1 
ATOM   50  C  "C2'" . DG  A 1 3  ? 0.542   -28.749 -3.696  1.00 142.34 ? 3   DG  A "C2'" 1 
ATOM   51  C  "C1'" . DG  A 1 3  ? -0.736  -29.394 -4.210  1.00 130.75 ? 3   DG  A "C1'" 1 
ATOM   52  N  N9    . DG  A 1 3  ? -1.917  -29.181 -3.379  1.00 122.85 ? 3   DG  A N9    1 
ATOM   53  C  C8    . DG  A 1 3  ? -2.031  -29.385 -2.024  1.00 118.23 ? 3   DG  A C8    1 
ATOM   54  N  N7    . DG  A 1 3  ? -3.229  -29.147 -1.562  1.00 120.38 ? 3   DG  A N7    1 
ATOM   55  C  C5    . DG  A 1 3  ? -3.959  -28.772 -2.685  1.00 128.60 ? 3   DG  A C5    1 
ATOM   56  C  C6    . DG  A 1 3  ? -5.321  -28.399 -2.811  1.00 138.55 ? 3   DG  A C6    1 
ATOM   57  O  O6    . DG  A 1 3  ? -6.183  -28.321 -1.922  1.00 143.85 ? 3   DG  A O6    1 
ATOM   58  N  N1    . DG  A 1 3  ? -5.656  -28.096 -4.132  1.00 135.71 ? 3   DG  A N1    1 
ATOM   59  C  C2    . DG  A 1 3  ? -4.787  -28.151 -5.200  1.00 134.50 ? 3   DG  A C2    1 
ATOM   60  N  N2    . DG  A 1 3  ? -5.290  -27.819 -6.402  1.00 131.10 ? 3   DG  A N2    1 
ATOM   61  N  N3    . DG  A 1 3  ? -3.508  -28.501 -5.094  1.00 127.67 ? 3   DG  A N3    1 
ATOM   62  C  C4    . DG  A 1 3  ? -3.167  -28.799 -3.814  1.00 124.14 ? 3   DG  A C4    1 
ATOM   63  P  P     . DC  A 1 4  ? 2.627   -28.057 -6.208  1.00 148.68 ? 4   DC  A P     1 
ATOM   64  O  OP1   . DC  A 1 4  ? 3.575   -28.540 -7.239  1.00 132.87 ? 4   DC  A OP1   1 
ATOM   65  O  OP2   . DC  A 1 4  ? 3.148   -27.403 -4.985  1.00 152.67 ? 4   DC  A OP2   1 
ATOM   66  O  "O5'" . DC  A 1 4  ? 1.557   -27.077 -6.897  1.00 137.49 ? 4   DC  A "O5'" 1 
ATOM   67  C  "C5'" . DC  A 1 4  ? 0.747   -27.549 -7.982  1.00 130.12 ? 4   DC  A "C5'" 1 
ATOM   68  C  "C4'" . DC  A 1 4  ? -0.292  -26.512 -8.402  1.00 141.96 ? 4   DC  A "C4'" 1 
ATOM   69  O  "O4'" . DC  A 1 4  ? -1.417  -26.523 -7.475  1.00 132.48 ? 4   DC  A "O4'" 1 
ATOM   70  C  "C3'" . DC  A 1 4  ? 0.196   -25.063 -8.443  1.00 151.03 ? 4   DC  A "C3'" 1 
ATOM   71  O  "O3'" . DC  A 1 4  ? -0.444  -24.365 -9.526  1.00 161.91 ? 4   DC  A "O3'" 1 
ATOM   72  C  "C2'" . DC  A 1 4  ? -0.266  -24.534 -7.089  1.00 139.88 ? 4   DC  A "C2'" 1 
ATOM   73  C  "C1'" . DC  A 1 4  ? -1.618  -25.219 -6.967  1.00 132.34 ? 4   DC  A "C1'" 1 
ATOM   74  N  N1    . DC  A 1 4  ? -2.122  -25.335 -5.564  1.00 120.99 ? 4   DC  A N1    1 
ATOM   75  C  C2    . DC  A 1 4  ? -3.490  -25.149 -5.291  1.00 125.96 ? 4   DC  A C2    1 
ATOM   76  O  O2    . DC  A 1 4  ? -4.267  -24.877 -6.219  1.00 127.32 ? 4   DC  A O2    1 
ATOM   77  N  N3    . DC  A 1 4  ? -3.925  -25.271 -4.009  1.00 125.39 ? 4   DC  A N3    1 
ATOM   78  C  C4    . DC  A 1 4  ? -3.060  -25.563 -3.034  1.00 128.28 ? 4   DC  A C4    1 
ATOM   79  N  N4    . DC  A 1 4  ? -3.534  -25.675 -1.786  1.00 139.53 ? 4   DC  A N4    1 
ATOM   80  C  C5    . DC  A 1 4  ? -1.670  -25.757 -3.295  1.00 117.47 ? 4   DC  A C5    1 
ATOM   81  C  C6    . DC  A 1 4  ? -1.249  -25.636 -4.559  1.00 117.30 ? 4   DC  A C6    1 
ATOM   82  P  P     . DA  A 1 5  ? 0.299   -23.148 -10.274 1.00 165.26 ? 5   DA  A P     1 
ATOM   83  O  OP1   . DA  A 1 5  ? 1.462   -23.710 -10.999 1.00 152.54 ? 5   DA  A OP1   1 
ATOM   84  O  OP2   . DA  A 1 5  ? 0.500   -22.062 -9.289  1.00 157.45 ? 5   DA  A OP2   1 
ATOM   85  O  "O5'" . DA  A 1 5  ? -0.768  -22.640 -11.357 1.00 140.81 ? 5   DA  A "O5'" 1 
ATOM   86  C  "C5'" . DA  A 1 5  ? -2.135  -23.035 -11.261 1.00 140.40 ? 5   DA  A "C5'" 1 
ATOM   87  C  "C4'" . DA  A 1 5  ? -2.971  -21.965 -10.571 1.00 148.40 ? 5   DA  A "C4'" 1 
ATOM   88  O  "O4'" . DA  A 1 5  ? -3.079  -22.261 -9.167  1.00 144.12 ? 5   DA  A "O4'" 1 
ATOM   89  C  "C3'" . DA  A 1 5  ? -2.420  -20.545 -10.669 1.00 149.67 ? 5   DA  A "C3'" 1 
ATOM   90  O  "O3'" . DA  A 1 5  ? -3.212  -19.795 -11.588 1.00 151.04 ? 5   DA  A "O3'" 1 
ATOM   91  C  "C2'" . DA  A 1 5  ? -2.506  -19.981 -9.231  1.00 134.03 ? 5   DA  A "C2'" 1 
ATOM   92  C  "C1'" . DA  A 1 5  ? -3.241  -21.067 -8.446  1.00 130.93 ? 5   DA  A "C1'" 1 
ATOM   93  N  N9    . DA  A 1 5  ? -2.701  -21.297 -7.108  1.00 123.94 ? 5   DA  A N9    1 
ATOM   94  C  C8    . DA  A 1 5  ? -1.395  -21.528 -6.782  1.00 129.31 ? 5   DA  A C8    1 
ATOM   95  N  N7    . DA  A 1 5  ? -1.194  -21.737 -5.502  1.00 127.65 ? 5   DA  A N7    1 
ATOM   96  C  C5    . DA  A 1 5  ? -2.457  -21.640 -4.946  1.00 122.62 ? 5   DA  A C5    1 
ATOM   97  C  C6    . DA  A 1 5  ? -2.923  -21.761 -3.619  1.00 120.13 ? 5   DA  A C6    1 
ATOM   98  N  N6    . DA  A 1 5  ? -2.123  -22.012 -2.577  1.00 113.18 ? 5   DA  A N6    1 
ATOM   99  N  N1    . DA  A 1 5  ? -4.247  -21.608 -3.406  1.00 119.68 ? 5   DA  A N1    1 
ATOM   100 C  C2    . DA  A 1 5  ? -5.046  -21.355 -4.453  1.00 121.77 ? 5   DA  A C2    1 
ATOM   101 N  N3    . DA  A 1 5  ? -4.725  -21.220 -5.742  1.00 121.92 ? 5   DA  A N3    1 
ATOM   102 C  C4    . DA  A 1 5  ? -3.403  -21.378 -5.924  1.00 121.47 ? 5   DA  A C4    1 
ATOM   103 P  P     . DG  A 1 6  ? -2.961  -18.224 -11.807 1.00 150.33 ? 6   DG  A P     1 
ATOM   104 O  OP1   . DG  A 1 6  ? -3.339  -17.919 -13.206 1.00 124.74 ? 6   DG  A OP1   1 
ATOM   105 O  OP2   . DG  A 1 6  ? -1.596  -17.897 -11.336 1.00 149.53 ? 6   DG  A OP2   1 
ATOM   106 O  "O5'" . DG  A 1 6  ? -4.018  -17.536 -10.819 1.00 133.76 ? 6   DG  A "O5'" 1 
ATOM   107 C  "C5'" . DG  A 1 6  ? -5.386  -17.920 -10.877 1.00 123.13 ? 6   DG  A "C5'" 1 
ATOM   108 C  "C4'" . DG  A 1 6  ? -6.125  -17.527 -9.608  1.00 136.74 ? 6   DG  A "C4'" 1 
ATOM   109 O  "O4'" . DG  A 1 6  ? -5.541  -18.184 -8.466  1.00 138.71 ? 6   DG  A "O4'" 1 
ATOM   110 C  "C3'" . DG  A 1 6  ? -6.120  -16.031 -9.286  1.00 130.86 ? 6   DG  A "C3'" 1 
ATOM   111 O  "O3'" . DG  A 1 6  ? -7.444  -15.533 -9.361  1.00 146.94 ? 6   DG  A "O3'" 1 
ATOM   112 C  "C2'" . DG  A 1 6  ? -5.555  -15.941 -7.855  1.00 115.63 ? 6   DG  A "C2'" 1 
ATOM   113 C  "C1'" . DG  A 1 6  ? -5.707  -17.362 -7.340  1.00 120.60 ? 6   DG  A "C1'" 1 
ATOM   114 N  N9    . DG  A 1 6  ? -4.699  -17.747 -6.356  1.00 121.31 ? 6   DG  A N9    1 
ATOM   115 C  C8    . DG  A 1 6  ? -3.374  -18.007 -6.602  1.00 125.54 ? 6   DG  A C8    1 
ATOM   116 N  N7    . DG  A 1 6  ? -2.704  -18.351 -5.539  1.00 126.23 ? 6   DG  A N7    1 
ATOM   117 C  C5    . DG  A 1 6  ? -3.645  -18.328 -4.518  1.00 117.83 ? 6   DG  A C5    1 
ATOM   118 C  C6    . DG  A 1 6  ? -3.496  -18.615 -3.142  1.00 115.89 ? 6   DG  A C6    1 
ATOM   119 O  O6    . DG  A 1 6  ? -2.469  -18.957 -2.537  1.00 118.71 ? 6   DG  A O6    1 
ATOM   120 N  N1    . DG  A 1 6  ? -4.697  -18.477 -2.453  1.00 109.54 ? 6   DG  A N1    1 
ATOM   121 C  C2    . DG  A 1 6  ? -5.894  -18.104 -3.023  1.00 115.42 ? 6   DG  A C2    1 
ATOM   122 N  N2    . DG  A 1 6  ? -6.947  -18.022 -2.197  1.00 113.57 ? 6   DG  A N2    1 
ATOM   123 N  N3    . DG  A 1 6  ? -6.048  -17.829 -4.317  1.00 112.79 ? 6   DG  A N3    1 
ATOM   124 C  C4    . DG  A 1 6  ? -4.883  -17.963 -5.003  1.00 116.92 ? 6   DG  A C4    1 
ATOM   125 P  P     . DA  A 1 7  ? -7.724  -13.953 -9.347  1.00 163.25 ? 7   DA  A P     1 
ATOM   126 O  OP1   . DA  A 1 7  ? -8.878  -13.691 -10.238 1.00 154.58 ? 7   DA  A OP1   1 
ATOM   127 O  OP2   . DA  A 1 7  ? -6.439  -13.254 -9.576  1.00 145.45 ? 7   DA  A OP2   1 
ATOM   128 O  "O5'" . DA  A 1 7  ? -8.160  -13.676 -7.840  1.00 130.24 ? 7   DA  A "O5'" 1 
ATOM   129 C  "C5'" . DA  A 1 7  ? -8.852  -14.674 -7.117  1.00 119.32 ? 7   DA  A "C5'" 1 
ATOM   130 C  "C4'" . DA  A 1 7  ? -8.897  -14.313 -5.651  1.00 128.80 ? 7   DA  A "C4'" 1 
ATOM   131 O  "O4'" . DA  A 1 7  ? -7.818  -14.979 -4.947  1.00 126.17 ? 7   DA  A "O4'" 1 
ATOM   132 C  "C3'" . DA  A 1 7  ? -8.737  -12.819 -5.366  1.00 122.20 ? 7   DA  A "C3'" 1 
ATOM   133 O  "O3'" . DA  A 1 7  ? -9.724  -12.412 -4.441  1.00 132.12 ? 7   DA  A "O3'" 1 
ATOM   134 C  "C2'" . DA  A 1 7  ? -7.325  -12.717 -4.777  1.00 115.74 ? 7   DA  A "C2'" 1 
ATOM   135 C  "C1'" . DA  A 1 7  ? -7.199  -14.059 -4.078  1.00 125.98 ? 7   DA  A "C1'" 1 
ATOM   136 N  N9    . DA  A 1 7  ? -5.821  -14.495 -3.848  1.00 120.09 ? 7   DA  A N9    1 
ATOM   137 C  C8    . DA  A 1 7  ? -4.839  -14.659 -4.787  1.00 110.75 ? 7   DA  A C8    1 
ATOM   138 N  N7    . DA  A 1 7  ? -3.698  -15.083 -4.294  1.00 111.78 ? 7   DA  A N7    1 
ATOM   139 C  C5    . DA  A 1 7  ? -3.947  -15.215 -2.935  1.00 114.67 ? 7   DA  A C5    1 
ATOM   140 C  C6    . DA  A 1 7  ? -3.134  -15.626 -1.855  1.00 108.34 ? 7   DA  A C6    1 
ATOM   141 N  N6    . DA  A 1 7  ? -1.858  -15.996 -1.999  1.00 104.34 ? 7   DA  A N6    1 
ATOM   142 N  N1    . DA  A 1 7  ? -3.687  -15.647 -0.620  1.00 100.74 ? 7   DA  A N1    1 
ATOM   143 C  C2    . DA  A 1 7  ? -4.969  -15.275 -0.483  1.00 109.55 ? 7   DA  A C2    1 
ATOM   144 N  N3    . DA  A 1 7  ? -5.831  -14.867 -1.424  1.00 120.84 ? 7   DA  A N3    1 
ATOM   145 C  C4    . DA  A 1 7  ? -5.251  -14.861 -2.639  1.00 116.99 ? 7   DA  A C4    1 
ATOM   146 P  P     . DC  A 1 8  ? -10.227 -10.888 -4.406  1.00 157.40 ? 8   DC  A P     1 
ATOM   147 O  OP1   . DC  A 1 8  ? -11.705 -10.909 -4.487  1.00 142.07 ? 8   DC  A OP1   1 
ATOM   148 O  OP2   . DC  A 1 8  ? -9.457  -10.131 -5.421  1.00 148.70 ? 8   DC  A OP2   1 
ATOM   149 O  "O5'" . DC  A 1 8  ? -9.791  -10.394 -2.945  1.00 129.55 ? 8   DC  A "O5'" 1 
ATOM   150 C  "C5'" . DC  A 1 8  ? -10.227 -11.121 -1.802  1.00 103.26 ? 8   DC  A "C5'" 1 
ATOM   151 C  "C4'" . DC  A 1 8  ? -9.225  -11.019 -0.661  1.00 127.57 ? 8   DC  A "C4'" 1 
ATOM   152 O  "O4'" . DC  A 1 8  ? -7.997  -11.684 -1.013  1.00 126.70 ? 8   DC  A "O4'" 1 
ATOM   153 C  "C3'" . DC  A 1 8  ? -8.821  -9.596  -0.264  1.00 130.74 ? 8   DC  A "C3'" 1 
ATOM   154 O  "O3'" . DC  A 1 8  ? -9.456  -9.244  0.960   1.00 132.36 ? 8   DC  A "O3'" 1 
ATOM   155 C  "C2'" . DC  A 1 8  ? -7.286  -9.659  -0.110  1.00 119.90 ? 8   DC  A "C2'" 1 
ATOM   156 C  "C1'" . DC  A 1 8  ? -6.984  -11.151 -0.204  1.00 125.91 ? 8   DC  A "C1'" 1 
ATOM   157 N  N1    . DC  A 1 8  ? -5.656  -11.460 -0.826  1.00 113.80 ? 8   DC  A N1    1 
ATOM   158 C  C2    . DC  A 1 8  ? -4.579  -11.865 -0.016  1.00 101.96 ? 8   DC  A C2    1 
ATOM   159 O  O2    . DC  A 1 8  ? -4.738  -11.963 1.206   1.00 103.30 ? 8   DC  A O2    1 
ATOM   160 N  N3    . DC  A 1 8  ? -3.388  -12.137 -0.598  1.00 93.33  ? 8   DC  A N3    1 
ATOM   161 C  C4    . DC  A 1 8  ? -3.251  -12.022 -1.922  1.00 95.80  ? 8   DC  A C4    1 
ATOM   162 N  N4    . DC  A 1 8  ? -2.057  -12.304 -2.451  1.00 90.30  ? 8   DC  A N4    1 
ATOM   163 C  C5    . DC  A 1 8  ? -4.331  -11.614 -2.762  1.00 99.27  ? 8   DC  A C5    1 
ATOM   164 C  C6    . DC  A 1 8  ? -5.503  -11.344 -2.176  1.00 103.64 ? 8   DC  A C6    1 
ATOM   165 P  P     . DA  A 1 9  ? -9.130  -7.846  1.681   1.00 149.25 ? 9   DA  A P     1 
ATOM   166 O  OP1   . DA  A 1 9  ? -10.305 -7.491  2.510   1.00 150.21 ? 9   DA  A OP1   1 
ATOM   167 O  OP2   . DA  A 1 9  ? -8.655  -6.902  0.643   1.00 140.32 ? 9   DA  A OP2   1 
ATOM   168 O  "O5'" . DA  A 1 9  ? -7.909  -8.199  2.658   1.00 139.59 ? 9   DA  A "O5'" 1 
ATOM   169 C  "C5'" . DA  A 1 9  ? -7.984  -9.346  3.501   1.00 122.09 ? 9   DA  A "C5'" 1 
ATOM   170 C  "C4'" . DA  A 1 9  ? -6.815  -9.394  4.472   1.00 122.53 ? 9   DA  A "C4'" 1 
ATOM   171 O  "O4'" . DA  A 1 9  ? -5.636  -9.931  3.813   1.00 131.45 ? 9   DA  A "O4'" 1 
ATOM   172 C  "C3'" . DA  A 1 9  ? -6.400  -8.054  5.067   1.00 127.18 ? 9   DA  A "C3'" 1 
ATOM   173 O  "O3'" . DA  A 1 9  ? -6.073  -8.241  6.431   1.00 129.06 ? 9   DA  A "O3'" 1 
ATOM   174 C  "C2'" . DA  A 1 9  ? -5.172  -7.666  4.232   1.00 121.07 ? 9   DA  A "C2'" 1 
ATOM   175 C  "C1'" . DA  A 1 9  ? -4.551  -9.026  3.939   1.00 123.55 ? 9   DA  A "C1'" 1 
ATOM   176 N  N9    . DA  A 1 9  ? -3.771  -9.084  2.696   1.00 114.25 ? 9   DA  A N9    1 
ATOM   177 C  C8    . DA  A 1 9  ? -4.247  -8.932  1.422   1.00 108.68 ? 9   DA  A C8    1 
ATOM   178 N  N7    . DA  A 1 9  ? -3.330  -9.059  0.489   1.00 95.51  ? 9   DA  A N7    1 
ATOM   179 C  C5    . DA  A 1 9  ? -2.169  -9.324  1.194   1.00 88.70  ? 9   DA  A C5    1 
ATOM   180 C  C6    . DA  A 1 9  ? -0.837  -9.563  0.778   1.00 72.82  ? 9   DA  A C6    1 
ATOM   181 N  N6    . DA  A 1 9  ? -0.456  -9.571  -0.507  1.00 58.73  ? 9   DA  A N6    1 
ATOM   182 N  N1    . DA  A 1 9  ? 0.088   -9.793  1.737   1.00 62.21  ? 9   DA  A N1    1 
ATOM   183 C  C2    . DA  A 1 9  ? -0.304  -9.789  3.022   1.00 84.88  ? 9   DA  A C2    1 
ATOM   184 N  N3    . DA  A 1 9  ? -1.522  -9.576  3.535   1.00 90.40  ? 9   DA  A N3    1 
ATOM   185 C  C4    . DA  A 1 9  ? -2.418  -9.349  2.559   1.00 101.38 ? 9   DA  A C4    1 
ATOM   186 P  P     . DA  A 1 10 ? -6.087  -7.010  7.460   1.00 132.06 ? 10  DA  A P     1 
ATOM   187 O  OP1   . DA  A 1 10 ? -7.246  -7.183  8.370   1.00 119.57 ? 10  DA  A OP1   1 
ATOM   188 O  OP2   . DA  A 1 10 ? -5.933  -5.758  6.683   1.00 133.29 ? 10  DA  A OP2   1 
ATOM   189 O  "O5'" . DA  A 1 10 ? -4.748  -7.240  8.291   1.00 103.97 ? 10  DA  A "O5'" 1 
ATOM   190 C  "C5'" . DA  A 1 10 ? -3.661  -7.901  7.676   1.00 86.07  ? 10  DA  A "C5'" 1 
ATOM   191 C  "C4'" . DA  A 1 10 ? -2.446  -7.874  8.571   1.00 93.64  ? 10  DA  A "C4'" 1 
ATOM   192 O  "O4'" . DA  A 1 10 ? -1.262  -8.055  7.766   1.00 106.49 ? 10  DA  A "O4'" 1 
ATOM   193 C  "C3'" . DA  A 1 10 ? -2.209  -6.555  9.255   1.00 100.39 ? 10  DA  A "C3'" 1 
ATOM   194 O  "O3'" . DA  A 1 10 ? -1.273  -6.742  10.291  1.00 106.01 ? 10  DA  A "O3'" 1 
ATOM   195 C  "C2'" . DA  A 1 10 ? -1.615  -5.740  8.112   1.00 104.52 ? 10  DA  A "C2'" 1 
ATOM   196 C  "C1'" . DA  A 1 10 ? -0.728  -6.783  7.426   1.00 109.16 ? 10  DA  A "C1'" 1 
ATOM   197 N  N9    . DA  A 1 10 ? -0.704  -6.682  5.965   1.00 103.33 ? 10  DA  A N9    1 
ATOM   198 C  C8    . DA  A 1 10 ? -1.775  -6.528  5.126   1.00 101.38 ? 10  DA  A C8    1 
ATOM   199 N  N7    . DA  A 1 10 ? -1.451  -6.488  3.853   1.00 91.01  ? 10  DA  A N7    1 
ATOM   200 C  C5    . DA  A 1 10 ? -0.073  -6.636  3.856   1.00 83.86  ? 10  DA  A C5    1 
ATOM   201 C  C6    . DA  A 1 10 ? 0.881   -6.684  2.819   1.00 86.82  ? 10  DA  A C6    1 
ATOM   202 N  N6    . DA  A 1 10 ? 0.563   -6.576  1.523   1.00 81.41  ? 10  DA  A N6    1 
ATOM   203 N  N1    . DA  A 1 10 ? 2.175   -6.843  3.164   1.00 83.20  ? 10  DA  A N1    1 
ATOM   204 C  C2    . DA  A 1 10 ? 2.489   -6.951  4.461   1.00 83.04  ? 10  DA  A C2    1 
ATOM   205 N  N3    . DA  A 1 10 ? 1.684   -6.924  5.524   1.00 94.30  ? 10  DA  A N3    1 
ATOM   206 C  C4    . DA  A 1 10 ? 0.404   -6.764  5.149   1.00 88.84  ? 10  DA  A C4    1 
ATOM   207 P  P     . DG  A 1 11 ? -0.996  -5.562  11.338  1.00 129.79 ? 11  DG  A P     1 
ATOM   208 O  OP1   . DG  A 1 11 ? -0.795  -6.200  12.663  1.00 112.29 ? 11  DG  A OP1   1 
ATOM   209 O  OP2   . DG  A 1 11 ? -2.068  -4.556  11.140  1.00 102.25 ? 11  DG  A OP2   1 
ATOM   210 O  "O5'" . DG  A 1 11 ? 0.398   -4.938  10.851  1.00 107.87 ? 11  DG  A "O5'" 1 
ATOM   211 C  "C5'" . DG  A 1 11 ? 1.611   -5.656  11.076  1.00 101.58 ? 11  DG  A "C5'" 1 
ATOM   212 C  "C4'" . DG  A 1 11 ? 2.781   -5.030  10.329  1.00 104.72 ? 11  DG  A "C4'" 1 
ATOM   213 O  "O4'" . DG  A 1 11 ? 2.570   -5.135  8.901   1.00 104.63 ? 11  DG  A "O4'" 1 
ATOM   214 C  "C3'" . DG  A 1 11 ? 3.038   -3.548  10.620  1.00 102.12 ? 11  DG  A "C3'" 1 
ATOM   215 O  "O3'" . DG  A 1 11 ? 4.407   -3.362  10.936  1.00 106.21 ? 11  DG  A "O3'" 1 
ATOM   216 C  "C2'" . DG  A 1 11 ? 2.657   -2.848  9.314   1.00 94.37  ? 11  DG  A "C2'" 1 
ATOM   217 C  "C1'" . DG  A 1 11 ? 2.941   -3.925  8.288   1.00 92.31  ? 11  DG  A "C1'" 1 
ATOM   218 N  N9    . DG  A 1 11 ? 2.157   -3.787  7.068   1.00 82.29  ? 11  DG  A N9    1 
ATOM   219 C  C8    . DG  A 1 11 ? 0.796   -3.642  6.968   1.00 91.13  ? 11  DG  A C8    1 
ATOM   220 N  N7    . DG  A 1 11 ? 0.371   -3.561  5.736   1.00 82.66  ? 11  DG  A N7    1 
ATOM   221 C  C5    . DG  A 1 11 ? 1.524   -3.662  4.974   1.00 78.49  ? 11  DG  A C5    1 
ATOM   222 C  C6    . DG  A 1 11 ? 1.695   -3.641  3.570   1.00 81.15  ? 11  DG  A C6    1 
ATOM   223 O  O6    . DG  A 1 11 ? 0.826   -3.521  2.693   1.00 78.88  ? 11  DG  A O6    1 
ATOM   224 N  N1    . DG  A 1 11 ? 3.033   -3.776  3.210   1.00 75.39  ? 11  DG  A N1    1 
ATOM   225 C  C2    . DG  A 1 11 ? 4.077   -3.917  4.097   1.00 87.39  ? 11  DG  A C2    1 
ATOM   226 N  N2    . DG  A 1 11 ? 5.304   -4.033  3.569   1.00 96.07  ? 11  DG  A N2    1 
ATOM   227 N  N3    . DG  A 1 11 ? 3.929   -3.938  5.416   1.00 93.73  ? 11  DG  A N3    1 
ATOM   228 C  C4    . DG  A 1 11 ? 2.634   -3.808  5.779   1.00 87.89  ? 11  DG  A C4    1 
ATOM   229 P  P     . DA  A 1 12 ? 5.004   -1.893  11.188  1.00 144.93 ? 12  DA  A P     1 
ATOM   230 O  OP1   . DA  A 1 12 ? 5.955   -2.019  12.319  1.00 120.16 ? 12  DA  A OP1   1 
ATOM   231 O  OP2   . DA  A 1 12 ? 3.907   -0.900  11.271  1.00 117.15 ? 12  DA  A OP2   1 
ATOM   232 O  "O5'" . DA  A 1 12 ? 5.817   -1.603  9.845   1.00 109.46 ? 12  DA  A "O5'" 1 
ATOM   233 C  "C5'" . DA  A 1 12 ? 6.708   -2.588  9.348   1.00 104.38 ? 12  DA  A "C5'" 1 
ATOM   234 C  "C4'" . DA  A 1 12 ? 7.426   -2.090  8.111   1.00 111.25 ? 12  DA  A "C4'" 1 
ATOM   235 O  "O4'" . DA  A 1 12 ? 6.559   -2.234  6.957   1.00 91.10  ? 12  DA  A "O4'" 1 
ATOM   236 C  "C3'" . DA  A 1 12 ? 7.845   -0.621  8.164   1.00 114.15 ? 12  DA  A "C3'" 1 
ATOM   237 O  "O3'" . DA  A 1 12 ? 9.172   -0.474  7.677   1.00 121.62 ? 12  DA  A "O3'" 1 
ATOM   238 C  "C2'" . DA  A 1 12 ? 6.823   0.079   7.267   1.00 108.55 ? 12  DA  A "C2'" 1 
ATOM   239 C  "C1'" . DA  A 1 12 ? 6.462   -1.010  6.266   1.00 88.33  ? 12  DA  A "C1'" 1 
ATOM   240 N  N9    . DA  A 1 12 ? 5.100   -0.887  5.753   1.00 86.78  ? 12  DA  A N9    1 
ATOM   241 C  C8    . DA  A 1 12 ? 3.947   -0.826  6.487   1.00 87.37  ? 12  DA  A C8    1 
ATOM   242 N  N7    . DA  A 1 12 ? 2.860   -0.712  5.757   1.00 87.26  ? 12  DA  A N7    1 
ATOM   243 C  C5    . DA  A 1 12 ? 3.331   -0.703  4.454   1.00 73.07  ? 12  DA  A C5    1 
ATOM   244 C  C6    . DA  A 1 12 ? 2.677   -0.607  3.207   1.00 77.77  ? 12  DA  A C6    1 
ATOM   245 N  N6    . DA  A 1 12 ? 1.351   -0.502  3.078   1.00 73.25  ? 12  DA  A N6    1 
ATOM   246 N  N1    . DA  A 1 12 ? 3.443   -0.627  2.094   1.00 77.36  ? 12  DA  A N1    1 
ATOM   247 C  C2    . DA  A 1 12 ? 4.771   -0.734  2.227   1.00 82.07  ? 12  DA  A C2    1 
ATOM   248 N  N3    . DA  A 1 12 ? 5.497   -0.829  3.343   1.00 81.05  ? 12  DA  A N3    1 
ATOM   249 C  C4    . DA  A 1 12 ? 4.710   -0.807  4.431   1.00 80.55  ? 12  DA  A C4    1 
ATOM   250 P  P     . DC  A 1 13 ? 9.846   0.982   7.587   1.00 135.05 ? 13  DC  A P     1 
ATOM   251 O  OP1   . DC  A 1 13 ? 11.309  0.795   7.726   1.00 124.27 ? 13  DC  A OP1   1 
ATOM   252 O  OP2   . DC  A 1 13 ? 9.127   1.896   8.505   1.00 93.83  ? 13  DC  A OP2   1 
ATOM   253 O  "O5'" . DC  A 1 13 ? 9.534   1.434   6.088   1.00 113.18 ? 13  DC  A "O5'" 1 
ATOM   254 C  "C5'" . DC  A 1 13 ? 9.712   0.505   5.030   1.00 93.36  ? 13  DC  A "C5'" 1 
ATOM   255 C  "C4'" . DC  A 1 13 ? 9.323   1.127   3.708   1.00 97.76  ? 13  DC  A "C4'" 1 
ATOM   256 O  "O4'" . DC  A 1 13 ? 7.886   1.034   3.530   1.00 101.61 ? 13  DC  A "O4'" 1 
ATOM   257 C  "C3'" . DC  A 1 13 ? 9.678   2.612   3.566   1.00 95.29  ? 13  DC  A "C3'" 1 
ATOM   258 O  "O3'" . DC  A 1 13 ? 10.397  2.823   2.357   1.00 83.15  ? 13  DC  A "O3'" 1 
ATOM   259 C  "C2'" . DC  A 1 13 ? 8.318   3.314   3.552   1.00 90.44  ? 13  DC  A "C2'" 1 
ATOM   260 C  "C1'" . DC  A 1 13 ? 7.421   2.237   2.975   1.00 79.85  ? 13  DC  A "C1'" 1 
ATOM   261 N  N1    . DC  A 1 13 ? 5.985   2.408   3.330   1.00 62.40  ? 13  DC  A N1    1 
ATOM   262 C  C2    . DC  A 1 13 ? 5.041   2.558   2.312   1.00 69.39  ? 13  DC  A C2    1 
ATOM   263 O  O2    . DC  A 1 13 ? 5.423   2.526   1.139   1.00 71.43  ? 13  DC  A O2    1 
ATOM   264 N  N3    . DC  A 1 13 ? 3.737   2.722   2.643   1.00 61.22  ? 13  DC  A N3    1 
ATOM   265 C  C4    . DC  A 1 13 ? 3.370   2.740   3.925   1.00 66.66  ? 13  DC  A C4    1 
ATOM   266 N  N4    . DC  A 1 13 ? 2.071   2.901   4.201   1.00 68.86  ? 13  DC  A N4    1 
ATOM   267 C  C5    . DC  A 1 13 ? 4.320   2.591   4.980   1.00 69.21  ? 13  DC  A C5    1 
ATOM   268 C  C6    . DC  A 1 13 ? 5.605   2.432   4.639   1.00 68.01  ? 13  DC  A C6    1 
ATOM   269 P  P     . DT  A 1 14 ? 10.711  4.310   1.832   1.00 111.61 ? 14  DT  A P     1 
ATOM   270 O  OP1   . DT  A 1 14 ? 11.989  4.217   1.093   1.00 89.79  ? 14  DT  A OP1   1 
ATOM   271 O  OP2   . DT  A 1 14 ? 10.576  5.284   2.943   1.00 95.99  ? 14  DT  A OP2   1 
ATOM   272 O  "O5'" . DT  A 1 14 ? 9.547   4.585   0.772   1.00 87.74  ? 14  DT  A "O5'" 1 
ATOM   273 C  "C5'" . DT  A 1 14 ? 9.324   3.650   -0.268  1.00 68.10  ? 14  DT  A "C5'" 1 
ATOM   274 C  "C4'" . DT  A 1 14 ? 8.401   4.215   -1.329  1.00 73.17  ? 14  DT  A "C4'" 1 
ATOM   275 O  "O4'" . DT  A 1 14 ? 7.033   4.254   -0.836  1.00 88.11  ? 14  DT  A "O4'" 1 
ATOM   276 C  "C3'" . DT  A 1 14 ? 8.719   5.633   -1.783  1.00 75.43  ? 14  DT  A "C3'" 1 
ATOM   277 O  "O3'" . DT  A 1 14 ? 8.504   5.717   -3.184  1.00 101.48 ? 14  DT  A "O3'" 1 
ATOM   278 C  "C2'" . DT  A 1 14 ? 7.695   6.463   -1.007  1.00 85.54  ? 14  DT  A "C2'" 1 
ATOM   279 C  "C1'" . DT  A 1 14 ? 6.496   5.538   -1.052  1.00 61.31  ? 14  DT  A "C1'" 1 
ATOM   280 N  N1    . DT  A 1 14 ? 5.450   5.790   -0.003  1.00 51.48  ? 14  DT  A N1    1 
ATOM   281 C  C2    . DT  A 1 14 ? 4.140   6.029   -0.389  1.00 71.87  ? 14  DT  A C2    1 
ATOM   282 O  O2    . DT  A 1 14 ? 3.780   6.078   -1.560  1.00 64.03  ? 14  DT  A O2    1 
ATOM   283 N  N3    . DT  A 1 14 ? 3.260   6.218   0.655   1.00 57.61  ? 14  DT  A N3    1 
ATOM   284 C  C4    . DT  A 1 14 ? 3.550   6.187   2.009   1.00 58.53  ? 14  DT  A C4    1 
ATOM   285 O  O4    . DT  A 1 14 ? 2.690   6.366   2.872   1.00 53.95  ? 14  DT  A O4    1 
ATOM   286 C  C5    . DT  A 1 14 ? 4.930   5.927   2.340   1.00 56.15  ? 14  DT  A C5    1 
ATOM   287 C  C7    . DT  A 1 14 ? 5.354   5.870   3.774   1.00 52.43  ? 14  DT  A C7    1 
ATOM   288 C  C6    . DT  A 1 14 ? 5.803   5.740   1.330   1.00 48.74  ? 14  DT  A C6    1 
ATOM   289 P  P     . DT  A 1 15 ? 9.062   6.959   -4.033  1.00 96.88  ? 15  DT  A P     1 
ATOM   290 O  OP1   . DT  A 1 15 ? 10.071  6.436   -4.982  1.00 79.87  ? 15  DT  A OP1   1 
ATOM   291 O  OP2   . DT  A 1 15 ? 9.414   8.057   -3.106  1.00 77.92  ? 15  DT  A OP2   1 
ATOM   292 O  "O5'" . DT  A 1 15 ? 7.794   7.408   -4.881  1.00 73.02  ? 15  DT  A "O5'" 1 
ATOM   293 C  "C5'" . DT  A 1 15 ? 6.488   7.219   -4.366  1.00 74.82  ? 15  DT  A "C5'" 1 
ATOM   294 C  "C4'" . DT  A 1 15 ? 5.483   7.738   -5.365  1.00 82.74  ? 15  DT  A "C4'" 1 
ATOM   295 O  "O4'" . DT  A 1 15 ? 4.183   7.868   -4.746  1.00 73.32  ? 15  DT  A "O4'" 1 
ATOM   296 C  "C3'" . DT  A 1 15 ? 5.821   9.105   -5.910  1.00 84.36  ? 15  DT  A "C3'" 1 
ATOM   297 O  "O3'" . DT  A 1 15 ? 5.367   9.223   -7.240  1.00 96.63  ? 15  DT  A "O3'" 1 
ATOM   298 C  "C2'" . DT  A 1 15 ? 5.092   10.055  -4.956  1.00 94.61  ? 15  DT  A "C2'" 1 
ATOM   299 C  "C1'" . DT  A 1 15 ? 3.906   9.222   -4.456  1.00 72.51  ? 15  DT  A "C1'" 1 
ATOM   300 N  N1    . DT  A 1 15 ? 3.683   9.322   -2.991  1.00 64.58  ? 15  DT  A N1    1 
ATOM   301 C  C2    . DT  A 1 15 ? 2.404   9.505   -2.508  1.00 73.77  ? 15  DT  A C2    1 
ATOM   302 O  O2    . DT  A 1 15 ? 1.423   9.608   -3.223  1.00 79.25  ? 15  DT  A O2    1 
ATOM   303 N  N3    . DT  A 1 15 ? 2.315   9.565   -1.143  1.00 50.53  ? 15  DT  A N3    1 
ATOM   304 C  C4    . DT  A 1 15 ? 3.350   9.465   -0.237  1.00 57.00  ? 15  DT  A C4    1 
ATOM   305 O  O4    . DT  A 1 15 ? 3.175   9.540   0.973   1.00 52.11  ? 15  DT  A O4    1 
ATOM   306 C  C5    . DT  A 1 15 ? 4.655   9.270   -0.808  1.00 59.06  ? 15  DT  A C5    1 
ATOM   307 C  C7    . DT  A 1 15 ? 5.847   9.154   0.084   1.00 63.39  ? 15  DT  A C7    1 
ATOM   308 C  C6    . DT  A 1 15 ? 4.758   9.202   -2.141  1.00 51.03  ? 15  DT  A C6    1 
ATOM   309 P  P     . DC  A 1 16 ? 5.892   10.437  -8.145  1.00 115.57 ? 16  DC  A P     1 
ATOM   310 O  OP1   . DC  A 1 16 ? 5.660   10.087  -9.567  1.00 99.73  ? 16  DC  A OP1   1 
ATOM   311 O  OP2   . DC  A 1 16 ? 7.248   10.791  -7.658  1.00 87.84  ? 16  DC  A OP2   1 
ATOM   312 O  "O5'" . DC  A 1 16 ? 4.901   11.622  -7.766  1.00 81.95  ? 16  DC  A "O5'" 1 
ATOM   313 C  "C5'" . DC  A 1 16 ? 3.505   11.420  -7.880  1.00 81.26  ? 16  DC  A "C5'" 1 
ATOM   314 C  "C4'" . DC  A 1 16 ? 2.745   12.592  -7.296  1.00 99.40  ? 16  DC  A "C4'" 1 
ATOM   315 O  "O4'" . DC  A 1 16 ? 2.571   12.418  -5.863  1.00 94.70  ? 16  DC  A "O4'" 1 
ATOM   316 C  "C3'" . DC  A 1 16 ? 3.421   13.960  -7.458  1.00 99.49  ? 16  DC  A "C3'" 1 
ATOM   317 O  "O3'" . DC  A 1 16 ? 2.427   14.913  -7.729  1.00 93.91  ? 16  DC  A "O3'" 1 
ATOM   318 C  "C2'" . DC  A 1 16 ? 4.014   14.192  -6.072  1.00 78.21  ? 16  DC  A "C2'" 1 
ATOM   319 C  "C1'" . DC  A 1 16 ? 2.876   13.643  -5.248  1.00 77.47  ? 16  DC  A "C1'" 1 
ATOM   320 N  N1    . DC  A 1 16 ? 3.183   13.416  -3.831  1.00 71.21  ? 16  DC  A N1    1 
ATOM   321 C  C2    . DC  A 1 16 ? 2.155   13.539  -2.895  1.00 77.69  ? 16  DC  A C2    1 
ATOM   322 O  O2    . DC  A 1 16 ? 1.021   13.831  -3.292  1.00 72.87  ? 16  DC  A O2    1 
ATOM   323 N  N3    . DC  A 1 16 ? 2.428   13.336  -1.584  1.00 73.52  ? 16  DC  A N3    1 
ATOM   324 C  C4    . DC  A 1 16 ? 3.670   13.025  -1.207  1.00 69.61  ? 16  DC  A C4    1 
ATOM   325 N  N4    . DC  A 1 16 ? 3.894   12.830  0.095   1.00 56.61  ? 16  DC  A N4    1 
ATOM   326 C  C5    . DC  A 1 16 ? 4.737   12.897  -2.152  1.00 66.39  ? 16  DC  A C5    1 
ATOM   327 C  C6    . DC  A 1 16 ? 4.449   13.102  -3.443  1.00 67.95  ? 16  DC  A C6    1 
ATOM   328 P  P     . DA  A 1 17 ? 2.653   16.052  -8.831  1.00 101.44 ? 17  DA  A P     1 
ATOM   329 O  OP1   . DA  A 1 17 ? 2.869   15.389  -10.140 1.00 89.60  ? 17  DA  A OP1   1 
ATOM   330 O  OP2   . DA  A 1 17 ? 3.654   17.001  -8.289  1.00 108.07 ? 17  DA  A OP2   1 
ATOM   331 O  "O5'" . DA  A 1 17 ? 1.238   16.787  -8.862  1.00 91.51  ? 17  DA  A "O5'" 1 
ATOM   332 C  "C5'" . DA  A 1 17 ? 0.054   16.012  -8.933  1.00 73.33  ? 17  DA  A "C5'" 1 
ATOM   333 C  "C4'" . DA  A 1 17 ? -0.933  16.422  -7.855  1.00 79.11  ? 17  DA  A "C4'" 1 
ATOM   334 O  "O4'" . DA  A 1 17 ? -0.396  16.124  -6.541  1.00 85.40  ? 17  DA  A "O4'" 1 
ATOM   335 C  "C3'" . DA  A 1 17 ? -1.297  17.898  -7.830  1.00 86.42  ? 17  DA  A "C3'" 1 
ATOM   336 O  "O3'" . DA  A 1 17 ? -2.662  18.015  -7.498  1.00 96.12  ? 17  DA  A "O3'" 1 
ATOM   337 C  "C2'" . DA  A 1 17 ? -0.391  18.459  -6.727  1.00 81.15  ? 17  DA  A "C2'" 1 
ATOM   338 C  "C1'" . DA  A 1 17 ? -0.348  17.297  -5.751  1.00 87.41  ? 17  DA  A "C1'" 1 
ATOM   339 N  N9    . DA  A 1 17 ? 0.867   17.214  -4.949  1.00 86.44  ? 17  DA  A N9    1 
ATOM   340 C  C8    . DA  A 1 17 ? 2.156   17.190  -5.407  1.00 86.35  ? 17  DA  A C8    1 
ATOM   341 N  N7    . DA  A 1 17 ? 3.055   17.060  -4.456  1.00 85.23  ? 17  DA  A N7    1 
ATOM   342 C  C5    . DA  A 1 17 ? 2.301   16.971  -3.296  1.00 76.74  ? 17  DA  A C5    1 
ATOM   343 C  C6    . DA  A 1 17 ? 2.660   16.820  -1.939  1.00 82.36  ? 17  DA  A C6    1 
ATOM   344 N  N6    . DA  A 1 17 ? 3.927   16.729  -1.520  1.00 74.89  ? 17  DA  A N6    1 
ATOM   345 N  N1    . DA  A 1 17 ? 1.660   16.768  -1.028  1.00 76.41  ? 17  DA  A N1    1 
ATOM   346 C  C2    . DA  A 1 17 ? 0.392   16.860  -1.457  1.00 80.82  ? 17  DA  A C2    1 
ATOM   347 N  N3    . DA  A 1 17 ? -0.064  17.008  -2.704  1.00 73.53  ? 17  DA  A N3    1 
ATOM   348 C  C4    . DA  A 1 17 ? 0.950   17.055  -3.583  1.00 75.47  ? 17  DA  A C4    1 
ATOM   349 P  P     . DC  A 1 18 ? -3.434  19.401  -7.714  1.00 104.76 ? 18  DC  A P     1 
ATOM   350 O  OP1   . DC  A 1 18 ? -4.804  19.074  -8.173  1.00 90.82  ? 18  DC  A OP1   1 
ATOM   351 O  OP2   . DC  A 1 18 ? -2.551  20.277  -8.517  1.00 96.19  ? 18  DC  A OP2   1 
ATOM   352 O  "O5'" . DC  A 1 18 ? -3.540  19.989  -6.239  1.00 91.09  ? 18  DC  A "O5'" 1 
ATOM   353 C  "C5'" . DC  A 1 18 ? -4.113  19.194  -5.236  1.00 84.55  ? 18  DC  A "C5'" 1 
ATOM   354 C  "C4'" . DC  A 1 18 ? -3.756  19.710  -3.864  1.00 81.34  ? 18  DC  A "C4'" 1 
ATOM   355 O  "O4'" . DC  A 1 18 ? -2.381  19.410  -3.557  1.00 97.99  ? 18  DC  A "O4'" 1 
ATOM   356 C  "C3'" . DC  A 1 18 ? -3.912  21.219  -3.669  1.00 96.03  ? 18  DC  A "C3'" 1 
ATOM   357 O  "O3'" . DC  A 1 18 ? -4.883  21.434  -2.662  1.00 104.39 ? 18  DC  A "O3'" 1 
ATOM   358 C  "C2'" . DC  A 1 18 ? -2.503  21.685  -3.229  1.00 83.73  ? 18  DC  A "C2'" 1 
ATOM   359 C  "C1'" . DC  A 1 18 ? -1.917  20.398  -2.679  1.00 88.62  ? 18  DC  A "C1'" 1 
ATOM   360 N  N1    . DC  A 1 18 ? -0.422  20.319  -2.653  1.00 78.37  ? 18  DC  A N1    1 
ATOM   361 C  C2    . DC  A 1 18 ? 0.234   20.079  -1.440  1.00 78.50  ? 18  DC  A C2    1 
ATOM   362 O  O2    . DC  A 1 18 ? -0.435  19.981  -0.403  1.00 85.73  ? 18  DC  A O2    1 
ATOM   363 N  N3    . DC  A 1 18 ? 1.588   19.968  -1.434  1.00 78.35  ? 18  DC  A N3    1 
ATOM   364 C  C4    . DC  A 1 18 ? 2.271   20.080  -2.574  1.00 83.97  ? 18  DC  A C4    1 
ATOM   365 N  N4    . DC  A 1 18 ? 3.604   19.967  -2.520  1.00 90.10  ? 18  DC  A N4    1 
ATOM   366 C  C5    . DC  A 1 18 ? 1.617   20.308  -3.821  1.00 90.77  ? 18  DC  A C5    1 
ATOM   367 C  C6    . DC  A 1 18 ? 0.284   20.411  -3.816  1.00 89.52  ? 18  DC  A C6    1 
ATOM   368 P  P     . DT  A 1 19 ? -5.558  22.871  -2.446  1.00 106.59 ? 19  DT  A P     1 
ATOM   369 O  OP1   . DT  A 1 19 ? -7.015  22.717  -2.665  1.00 103.63 ? 19  DT  A OP1   1 
ATOM   370 O  OP2   . DT  A 1 19 ? -4.798  23.862  -3.241  1.00 100.74 ? 19  DT  A OP2   1 
ATOM   371 O  "O5'" . DT  A 1 19 ? -5.300  23.143  -0.891  1.00 92.05  ? 19  DT  A "O5'" 1 
ATOM   372 C  "C5'" . DT  A 1 19 ? -4.107  22.659  -0.306  1.00 79.06  ? 19  DT  A "C5'" 1 
ATOM   373 C  "C4'" . DT  A 1 19 ? -4.174  22.665  1.205   1.00 85.33  ? 19  DT  A "C4'" 1 
ATOM   374 O  "O4'" . DT  A 1 19 ? -2.861  22.358  1.731   1.00 86.99  ? 19  DT  A "O4'" 1 
ATOM   375 C  "C3'" . DT  A 1 19 ? -4.494  24.001  1.822   1.00 103.94 ? 19  DT  A "C3'" 1 
ATOM   376 O  "O3'" . DT  A 1 19 ? -4.864  23.803  3.186   1.00 105.53 ? 19  DT  A "O3'" 1 
ATOM   377 C  "C2'" . DT  A 1 19 ? -3.143  24.712  1.694   1.00 114.53 ? 19  DT  A "C2'" 1 
ATOM   378 C  "C1'" . DT  A 1 19 ? -2.156  23.568  1.964   1.00 99.67  ? 19  DT  A "C1'" 1 
ATOM   379 N  N1    . DT  A 1 19 ? -0.921  23.566  1.086   1.00 84.82  ? 19  DT  A N1    1 
ATOM   380 C  C2    . DT  A 1 19 ? 0.293   23.231  1.642   1.00 90.64  ? 19  DT  A C2    1 
ATOM   381 O  O2    . DT  A 1 19 ? 0.434   22.954  2.823   1.00 98.04  ? 19  DT  A O2    1 
ATOM   382 N  N3    . DT  A 1 19 ? 1.347   23.234  0.765   1.00 68.71  ? 19  DT  A N3    1 
ATOM   383 C  C4    . DT  A 1 19 ? 1.315   23.527  -0.584  1.00 78.22  ? 19  DT  A C4    1 
ATOM   384 O  O4    . DT  A 1 19 ? 2.321   23.500  -1.287  1.00 76.75  ? 19  DT  A O4    1 
ATOM   385 C  C5    . DT  A 1 19 ? 0.016   23.866  -1.107  1.00 76.98  ? 19  DT  A C5    1 
ATOM   386 C  C7    . DT  A 1 19 ? -0.138  24.207  -2.558  1.00 71.24  ? 19  DT  A C7    1 
ATOM   387 C  C6    . DT  A 1 19 ? -1.029  23.869  -0.259  1.00 74.43  ? 19  DT  A C6    1 
ATOM   388 P  P     . DC  A 1 20 ? -5.598  24.968  4.014   1.00 137.79 ? 20  DC  A P     1 
ATOM   389 O  OP1   . DC  A 1 20 ? -6.395  24.330  5.089   1.00 118.23 ? 20  DC  A OP1   1 
ATOM   390 O  OP2   . DC  A 1 20 ? -6.262  25.863  3.037   1.00 112.86 ? 20  DC  A OP2   1 
ATOM   391 O  "O5'" . DC  A 1 20 ? -4.386  25.764  4.693   1.00 119.19 ? 20  DC  A "O5'" 1 
ATOM   392 C  "C5'" . DC  A 1 20 ? -3.355  25.048  5.365   1.00 110.99 ? 20  DC  A "C5'" 1 
ATOM   393 C  "C4'" . DC  A 1 20 ? -2.225  25.982  5.752   1.00 112.54 ? 20  DC  A "C4'" 1 
ATOM   394 O  "O4'" . DC  A 1 20 ? -1.178  25.939  4.743   1.00 101.42 ? 20  DC  A "O4'" 1 
ATOM   395 C  "C3'" . DC  A 1 20 ? -2.628  27.452  5.880   1.00 120.03 ? 20  DC  A "C3'" 1 
ATOM   396 O  "O3'" . DC  A 1 20 ? -1.984  28.028  6.998   1.00 125.22 ? 20  DC  A "O3'" 1 
ATOM   397 C  "C2'" . DC  A 1 20 ? -2.119  28.059  4.577   1.00 115.38 ? 20  DC  A "C2'" 1 
ATOM   398 C  "C1'" . DC  A 1 20 ? -0.846  27.259  4.369   1.00 111.93 ? 20  DC  A "C1'" 1 
ATOM   399 N  N1    . DC  A 1 20 ? -0.364  27.252  2.954   1.00 106.38 ? 20  DC  A N1    1 
ATOM   400 C  C2    . DC  A 1 20 ? 0.968   26.913  2.671   1.00 100.10 ? 20  DC  A C2    1 
ATOM   401 O  O2    . DC  A 1 20 ? 1.723   26.619  3.605   1.00 103.54 ? 20  DC  A O2    1 
ATOM   402 N  N3    . DC  A 1 20 ? 1.386   26.913  1.377   1.00 83.99  ? 20  DC  A N3    1 
ATOM   403 C  C4    . DC  A 1 20 ? 0.533   27.235  0.401   1.00 97.38  ? 20  DC  A C4    1 
ATOM   404 N  N4    . DC  A 1 20 ? 0.984   27.223  -0.862  1.00 101.34 ? 20  DC  A N4    1 
ATOM   405 C  C5    . DC  A 1 20 ? -0.825  27.586  0.673   1.00 95.84  ? 20  DC  A C5    1 
ATOM   406 C  C6    . DC  A 1 20 ? -1.224  27.585  1.949   1.00 99.05  ? 20  DC  A C6    1 
ATOM   407 P  P     . DA  A 1 21 ? -2.742  28.122  8.410   1.00 139.65 ? 21  DA  A P     1 
ATOM   408 O  OP1   . DA  A 1 21 ? -3.407  26.823  8.661   1.00 142.10 ? 21  DA  A OP1   1 
ATOM   409 O  OP2   . DA  A 1 21 ? -3.549  29.365  8.391   1.00 133.78 ? 21  DA  A OP2   1 
ATOM   410 O  "O5'" . DA  A 1 21 ? -1.550  28.293  9.465   1.00 122.19 ? 21  DA  A "O5'" 1 
ATOM   411 C  "C5'" . DA  A 1 21 ? -0.589  27.248  9.630   1.00 119.66 ? 21  DA  A "C5'" 1 
ATOM   412 C  "C4'" . DA  A 1 21 ? 0.835   27.782  9.525   1.00 130.67 ? 21  DA  A "C4'" 1 
ATOM   413 O  "O4'" . DA  A 1 21 ? 1.183   27.991  8.130   1.00 126.14 ? 21  DA  A "O4'" 1 
ATOM   414 C  "C3'" . DA  A 1 21 ? 1.091   29.115  10.228  1.00 139.03 ? 21  DA  A "C3'" 1 
ATOM   415 O  "O3'" . DA  A 1 21 ? 2.378   29.100  10.838  1.00 138.75 ? 21  DA  A "O3'" 1 
ATOM   416 C  "C2'" . DA  A 1 21 ? 1.025   30.125  9.082   1.00 140.82 ? 21  DA  A "C2'" 1 
ATOM   417 C  "C1'" . DA  A 1 21 ? 1.627   29.322  7.942   1.00 130.07 ? 21  DA  A "C1'" 1 
ATOM   418 N  N9    . DA  A 1 21 ? 1.201   29.755  6.613   1.00 123.30 ? 21  DA  A N9    1 
ATOM   419 C  C8    . DA  A 1 21 ? -0.030  30.232  6.249   1.00 114.16 ? 21  DA  A C8    1 
ATOM   420 N  N7    . DA  A 1 21 ? -0.127  30.528  4.973   1.00 103.66 ? 21  DA  A N7    1 
ATOM   421 C  C5    . DA  A 1 21 ? 1.123   30.214  4.464   1.00 110.88 ? 21  DA  A C5    1 
ATOM   422 C  C6    . DA  A 1 21 ? 1.671   30.296  3.168   1.00 107.52 ? 21  DA  A C6    1 
ATOM   423 N  N6    . DA  A 1 21 ? 0.988   30.740  2.108   1.00 97.07  ? 21  DA  A N6    1 
ATOM   424 N  N1    . DA  A 1 21 ? 2.953   29.904  3.003   1.00 104.37 ? 21  DA  A N1    1 
ATOM   425 C  C2    . DA  A 1 21 ? 3.634   29.459  4.066   1.00 109.50 ? 21  DA  A C2    1 
ATOM   426 N  N3    . DA  A 1 21 ? 3.228   29.337  5.329   1.00 116.62 ? 21  DA  A N3    1 
ATOM   427 C  C4    . DA  A 1 21 ? 1.952   29.734  5.461   1.00 119.24 ? 21  DA  A C4    1 
ATOM   428 P  P     . DA  B 2 1  ? -8.016  4.191   0.078   1.00 86.26  ? 1   DA  B P     1 
ATOM   429 O  OP1   . DA  B 2 1  ? -9.264  4.981   0.057   1.00 69.65  ? 1   DA  B OP1   1 
ATOM   430 O  OP2   . DA  B 2 1  ? -7.135  4.201   1.269   1.00 62.30  ? 1   DA  B OP2   1 
ATOM   431 O  "O5'" . DA  B 2 1  ? -7.150  4.645   -1.179  1.00 65.50  ? 1   DA  B "O5'" 1 
ATOM   432 C  "C5'" . DA  B 2 1  ? -7.441  5.877   -1.831  1.00 83.13  ? 1   DA  B "C5'" 1 
ATOM   433 C  "C4'" . DA  B 2 1  ? -6.270  6.309   -2.690  1.00 73.13  ? 1   DA  B "C4'" 1 
ATOM   434 O  "O4'" . DA  B 2 1  ? -5.434  7.214   -1.937  1.00 65.59  ? 1   DA  B "O4'" 1 
ATOM   435 C  "C3'" . DA  B 2 1  ? -5.355  5.173   -3.110  1.00 76.74  ? 1   DA  B "C3'" 1 
ATOM   436 O  "O3'" . DA  B 2 1  ? -5.810  4.622   -4.327  1.00 62.93  ? 1   DA  B "O3'" 1 
ATOM   437 C  "C2'" . DA  B 2 1  ? -4.007  5.865   -3.278  1.00 77.15  ? 1   DA  B "C2'" 1 
ATOM   438 C  "C1'" . DA  B 2 1  ? -4.068  6.972   -2.231  1.00 49.23  ? 1   DA  B "C1'" 1 
ATOM   439 N  N9    . DA  B 2 1  ? -3.372  6.668   -0.979  1.00 52.09  ? 1   DA  B N9    1 
ATOM   440 C  C8    . DA  B 2 1  ? -3.929  6.530   0.261   1.00 60.88  ? 1   DA  B C8    1 
ATOM   441 N  N7    . DA  B 2 1  ? -3.055  6.284   1.215   1.00 51.86  ? 1   DA  B N7    1 
ATOM   442 C  C5    . DA  B 2 1  ? -1.841  6.266   0.553   1.00 50.32  ? 1   DA  B C5    1 
ATOM   443 C  C6    . DA  B 2 1  ? -0.523  6.050   1.000   1.00 61.25  ? 1   DA  B C6    1 
ATOM   444 N  N6    . DA  B 2 1  ? -0.210  5.804   2.282   1.00 63.20  ? 1   DA  B N6    1 
ATOM   445 N  N1    . DA  B 2 1  ? 0.467   6.097   0.077   1.00 57.61  ? 1   DA  B N1    1 
ATOM   446 C  C2    . DA  B 2 1  ? 0.143   6.341   -1.199  1.00 63.14  ? 1   DA  B C2    1 
ATOM   447 N  N3    . DA  B 2 1  ? -1.061  6.558   -1.736  1.00 60.30  ? 1   DA  B N3    1 
ATOM   448 C  C4    . DA  B 2 1  ? -2.017  6.504   -0.800  1.00 55.18  ? 1   DA  B C4    1 
ATOM   449 P  P     . DG  B 2 2  ? -5.708  3.044   -4.582  1.00 95.30  ? 2   DG  B P     1 
ATOM   450 O  OP1   . DG  B 2 2  ? -6.440  2.760   -5.839  1.00 98.38  ? 2   DG  B OP1   1 
ATOM   451 O  OP2   . DG  B 2 2  ? -6.064  2.326   -3.333  1.00 83.62  ? 2   DG  B OP2   1 
ATOM   452 O  "O5'" . DG  B 2 2  ? -4.153  2.822   -4.827  1.00 73.97  ? 2   DG  B "O5'" 1 
ATOM   453 C  "C5'" . DG  B 2 2  ? -3.512  3.475   -5.905  1.00 67.77  ? 2   DG  B "C5'" 1 
ATOM   454 C  "C4'" . DG  B 2 2  ? -2.022  3.448   -5.699  1.00 66.31  ? 2   DG  B "C4'" 1 
ATOM   455 O  "O4'" . DG  B 2 2  ? -1.743  3.982   -4.399  1.00 70.31  ? 2   DG  B "O4'" 1 
ATOM   456 C  "C3'" . DG  B 2 2  ? -1.426  2.055   -5.667  1.00 95.35  ? 2   DG  B "C3'" 1 
ATOM   457 O  "O3'" . DG  B 2 2  ? -1.029  1.670   -6.971  1.00 92.16  ? 2   DG  B "O3'" 1 
ATOM   458 C  "C2'" . DG  B 2 2  ? -0.218  2.196   -4.730  1.00 87.19  ? 2   DG  B "C2'" 1 
ATOM   459 C  "C1'" . DG  B 2 2  ? -0.533  3.448   -3.918  1.00 63.64  ? 2   DG  B "C1'" 1 
ATOM   460 N  N9    . DG  B 2 2  ? -0.666  3.221   -2.480  1.00 58.53  ? 2   DG  B N9    1 
ATOM   461 C  C8    . DG  B 2 2  ? -1.830  3.138   -1.754  1.00 60.85  ? 2   DG  B C8    1 
ATOM   462 N  N7    . DG  B 2 2  ? -1.631  2.964   -0.473  1.00 61.13  ? 2   DG  B N7    1 
ATOM   463 C  C5    . DG  B 2 2  ? -0.249  2.938   -0.346  1.00 44.06  ? 2   DG  B C5    1 
ATOM   464 C  C6    . DG  B 2 2  ? 0.558   2.775   0.803   1.00 62.13  ? 2   DG  B C6    1 
ATOM   465 O  O6    . DG  B 2 2  ? 0.202   2.617   1.979   1.00 68.43  ? 2   DG  B O6    1 
ATOM   466 N  N1    . DG  B 2 2  ? 1.914   2.808   0.488   1.00 59.80  ? 2   DG  B N1    1 
ATOM   467 C  C2    . DG  B 2 2  ? 2.423   2.981   -0.778  1.00 73.96  ? 2   DG  B C2    1 
ATOM   468 N  N2    . DG  B 2 2  ? 3.758   2.990   -0.892  1.00 74.89  ? 2   DG  B N2    1 
ATOM   469 N  N3    . DG  B 2 2  ? 1.676   3.133   -1.863  1.00 63.57  ? 2   DG  B N3    1 
ATOM   470 C  C4    . DG  B 2 2  ? 0.355   3.098   -1.572  1.00 57.75  ? 2   DG  B C4    1 
ATOM   471 P  P     . DT  B 2 3  ? -0.061  0.402   -7.184  1.00 127.45 ? 3   DT  B P     1 
ATOM   472 O  OP1   . DT  B 2 3  ? -0.313  -0.108  -8.550  1.00 123.47 ? 3   DT  B OP1   1 
ATOM   473 O  OP2   . DT  B 2 3  ? -0.200  -0.525  -6.032  1.00 101.83 ? 3   DT  B OP2   1 
ATOM   474 O  "O5'" . DT  B 2 3  ? 1.405   1.041   -7.134  1.00 93.15  ? 3   DT  B "O5'" 1 
ATOM   475 C  "C5'" . DT  B 2 3  ? 2.531   0.234   -7.412  1.00 95.73  ? 3   DT  B "C5'" 1 
ATOM   476 C  "C4'" . DT  B 2 3  ? 3.516   0.273   -6.263  1.00 77.88  ? 3   DT  B "C4'" 1 
ATOM   477 O  "O4'" . DT  B 2 3  ? 2.815   0.493   -5.028  1.00 73.62  ? 3   DT  B "O4'" 1 
ATOM   478 C  "C3'" . DT  B 2 3  ? 4.313   -1.019  -6.062  1.00 91.13  ? 3   DT  B "C3'" 1 
ATOM   479 O  "O3'" . DT  B 2 3  ? 5.667   -0.817  -6.426  1.00 89.29  ? 3   DT  B "O3'" 1 
ATOM   480 C  "C2'" . DT  B 2 3  ? 4.168   -1.341  -4.563  1.00 84.74  ? 3   DT  B "C2'" 1 
ATOM   481 C  "C1'" . DT  B 2 3  ? 3.592   -0.053  -3.995  1.00 80.21  ? 3   DT  B "C1'" 1 
ATOM   482 N  N1    . DT  B 2 3  ? 2.725   -0.238  -2.795  1.00 61.29  ? 3   DT  B N1    1 
ATOM   483 C  C2    . DT  B 2 3  ? 3.305   -0.341  -1.549  1.00 68.44  ? 3   DT  B C2    1 
ATOM   484 O  O2    . DT  B 2 3  ? 4.509   -0.310  -1.367  1.00 72.44  ? 3   DT  B O2    1 
ATOM   485 N  N3    . DT  B 2 3  ? 2.412   -0.487  -0.515  1.00 71.95  ? 3   DT  B N3    1 
ATOM   486 C  C4    . DT  B 2 3  ? 1.030   -0.532  -0.604  1.00 73.98  ? 3   DT  B C4    1 
ATOM   487 O  O4    . DT  B 2 3  ? 0.310   -0.669  0.381   1.00 67.67  ? 3   DT  B O4    1 
ATOM   488 C  C5    . DT  B 2 3  ? 0.494   -0.411  -1.939  1.00 66.41  ? 3   DT  B C5    1 
ATOM   489 C  C7    . DT  B 2 3  ? -0.989  -0.447  -2.161  1.00 67.76  ? 3   DT  B C7    1 
ATOM   490 C  C6    . DT  B 2 3  ? 1.356   -0.271  -2.956  1.00 67.83  ? 3   DT  B C6    1 
ATOM   491 P  P     . DC  B 2 4  ? 6.575   -2.079  -6.819  1.00 88.61  ? 4   DC  B P     1 
ATOM   492 O  OP1   . DC  B 2 4  ? 7.808   -1.568  -7.460  1.00 94.89  ? 4   DC  B OP1   1 
ATOM   493 O  OP2   . DC  B 2 4  ? 5.694   -3.034  -7.539  1.00 80.33  ? 4   DC  B OP2   1 
ATOM   494 O  "O5'" . DC  B 2 4  ? 6.999   -2.680  -5.404  1.00 81.82  ? 4   DC  B "O5'" 1 
ATOM   495 C  "C5'" . DC  B 2 4  ? 7.842   -1.913  -4.571  1.00 82.10  ? 4   DC  B "C5'" 1 
ATOM   496 C  "C4'" . DC  B 2 4  ? 8.047   -2.577  -3.229  1.00 72.90  ? 4   DC  B "C4'" 1 
ATOM   497 O  "O4'" . DC  B 2 4  ? 6.845   -2.473  -2.433  1.00 82.64  ? 4   DC  B "O4'" 1 
ATOM   498 C  "C3'" . DC  B 2 4  ? 8.401   -4.064  -3.270  1.00 56.01  ? 4   DC  B "C3'" 1 
ATOM   499 O  "O3'" . DC  B 2 4  ? 9.519   -4.282  -2.443  1.00 60.19  ? 4   DC  B "O3'" 1 
ATOM   500 C  "C2'" . DC  B 2 4  ? 7.148   -4.738  -2.695  1.00 76.95  ? 4   DC  B "C2'" 1 
ATOM   501 C  "C1'" . DC  B 2 4  ? 6.681   -3.671  -1.728  1.00 67.14  ? 4   DC  B "C1'" 1 
ATOM   502 N  N1    . DC  B 2 4  ? 5.255   -3.767  -1.319  1.00 62.82  ? 4   DC  B N1    1 
ATOM   503 C  C2    . DC  B 2 4  ? 4.929   -3.808  0.043   1.00 74.36  ? 4   DC  B C2    1 
ATOM   504 O  O2    . DC  B 2 4  ? 5.839   -3.796  0.878   1.00 86.23  ? 4   DC  B O2    1 
ATOM   505 N  N3    . DC  B 2 4  ? 3.624   -3.869  0.405   1.00 62.63  ? 4   DC  B N3    1 
ATOM   506 C  C4    . DC  B 2 4  ? 2.675   -3.878  -0.529  1.00 80.22  ? 4   DC  B C4    1 
ATOM   507 N  N4    . DC  B 2 4  ? 1.400   -3.941  -0.126  1.00 85.16  ? 4   DC  B N4    1 
ATOM   508 C  C5    . DC  B 2 4  ? 2.989   -3.827  -1.921  1.00 72.65  ? 4   DC  B C5    1 
ATOM   509 C  C6    . DC  B 2 4  ? 4.279   -3.772  -2.265  1.00 64.45  ? 4   DC  B C6    1 
ATOM   510 P  P     . DT  B 2 5  ? 10.648  -5.349  -2.843  1.00 76.94  ? 5   DT  B P     1 
ATOM   511 O  OP1   . DT  B 2 5  ? 11.904  -4.617  -3.138  1.00 68.22  ? 5   DT  B OP1   1 
ATOM   512 O  OP2   . DT  B 2 5  ? 10.080  -6.268  -3.860  1.00 88.35  ? 5   DT  B OP2   1 
ATOM   513 O  "O5'" . DT  B 2 5  ? 10.850  -6.173  -1.494  1.00 74.27  ? 5   DT  B "O5'" 1 
ATOM   514 C  "C5'" . DT  B 2 5  ? 10.373  -5.645  -0.261  1.00 85.74  ? 5   DT  B "C5'" 1 
ATOM   515 C  "C4'" . DT  B 2 5  ? 9.889   -6.762  0.642   1.00 78.55  ? 5   DT  B "C4'" 1 
ATOM   516 O  "O4'" . DT  B 2 5  ? 8.561   -6.468  1.091   1.00 90.44  ? 5   DT  B "O4'" 1 
ATOM   517 C  "C3'" . DT  B 2 5  ? 9.765   -8.102  -0.044  1.00 97.09  ? 5   DT  B "C3'" 1 
ATOM   518 O  "O3'" . DT  B 2 5  ? 11.005  -8.788  0.016   1.00 101.78 ? 5   DT  B "O3'" 1 
ATOM   519 C  "C2'" . DT  B 2 5  ? 8.690   -8.817  0.774   1.00 91.40  ? 5   DT  B "C2'" 1 
ATOM   520 C  "C1'" . DT  B 2 5  ? 7.902   -7.671  1.409   1.00 78.19  ? 5   DT  B "C1'" 1 
ATOM   521 N  N1    . DT  B 2 5  ? 6.507   -7.585  0.925   1.00 76.22  ? 5   DT  B N1    1 
ATOM   522 C  C2    . DT  B 2 5  ? 5.491   -7.551  1.844   1.00 80.81  ? 5   DT  B C2    1 
ATOM   523 O  O2    . DT  B 2 5  ? 5.683   -7.581  3.047   1.00 99.99  ? 5   DT  B O2    1 
ATOM   524 N  N3    . DT  B 2 5  ? 4.233   -7.470  1.308   1.00 71.40  ? 5   DT  B N3    1 
ATOM   525 C  C4    . DT  B 2 5  ? 3.902   -7.425  -0.032  1.00 77.03  ? 5   DT  B C4    1 
ATOM   526 O  O4    . DT  B 2 5  ? 2.739   -7.350  -0.419  1.00 72.67  ? 5   DT  B O4    1 
ATOM   527 C  C5    . DT  B 2 5  ? 5.019   -7.469  -0.947  1.00 78.45  ? 5   DT  B C5    1 
ATOM   528 C  C7    . DT  B 2 5  ? 4.782   -7.430  -2.425  1.00 54.80  ? 5   DT  B C7    1 
ATOM   529 C  C6    . DT  B 2 5  ? 6.256   -7.546  -0.429  1.00 74.56  ? 5   DT  B C6    1 
ATOM   530 O  "O5'" . DT  C 3 1  ? -0.565  39.590  -6.367  1.00 146.41 ? 1   DT  C "O5'" 1 
ATOM   531 C  "C5'" . DT  C 3 1  ? -0.039  38.269  -6.440  1.00 133.15 ? 1   DT  C "C5'" 1 
ATOM   532 C  "C4'" . DT  C 3 1  ? 1.475   38.283  -6.331  1.00 131.12 ? 1   DT  C "C4'" 1 
ATOM   533 O  "O4'" . DT  C 3 1  ? 1.862   38.637  -4.975  1.00 127.87 ? 1   DT  C "O4'" 1 
ATOM   534 C  "C3'" . DT  C 3 1  ? 2.156   36.948  -6.628  1.00 124.73 ? 1   DT  C "C3'" 1 
ATOM   535 O  "O3'" . DT  C 3 1  ? 3.357   37.166  -7.356  1.00 129.69 ? 1   DT  C "O3'" 1 
ATOM   536 C  "C2'" . DT  C 3 1  ? 2.437   36.389  -5.236  1.00 126.39 ? 1   DT  C "C2'" 1 
ATOM   537 C  "C1'" . DT  C 3 1  ? 2.740   37.658  -4.463  1.00 122.90 ? 1   DT  C "C1'" 1 
ATOM   538 N  N1    . DT  C 3 1  ? 2.509   37.536  -3.000  1.00 115.44 ? 1   DT  C N1    1 
ATOM   539 C  C2    . DT  C 3 1  ? 3.583   37.337  -2.167  1.00 119.87 ? 1   DT  C C2    1 
ATOM   540 O  O2    . DT  C 3 1  ? 4.729   37.243  -2.567  1.00 127.83 ? 1   DT  C O2    1 
ATOM   541 N  N3    . DT  C 3 1  ? 3.267   37.239  -0.837  1.00 113.29 ? 1   DT  C N3    1 
ATOM   542 C  C4    . DT  C 3 1  ? 2.010   37.324  -0.271  1.00 119.57 ? 1   DT  C C4    1 
ATOM   543 O  O4    . DT  C 3 1  ? 1.827   37.225  0.939   1.00 124.20 ? 1   DT  C O4    1 
ATOM   544 C  C5    . DT  C 3 1  ? 0.926   37.537  -1.203  1.00 115.71 ? 1   DT  C C5    1 
ATOM   545 C  C7    . DT  C 3 1  ? -0.484  37.644  -0.708  1.00 111.27 ? 1   DT  C C7    1 
ATOM   546 C  C6    . DT  C 3 1  ? 1.225   37.632  -2.506  1.00 112.66 ? 1   DT  C C6    1 
ATOM   547 P  P     . DC  C 3 2  ? 4.213   35.916  -7.888  1.00 147.20 ? 2   DC  C P     1 
ATOM   548 O  OP1   . DC  C 3 2  ? 5.108   36.386  -8.970  1.00 141.46 ? 2   DC  C OP1   1 
ATOM   549 O  OP2   . DC  C 3 2  ? 3.260   34.816  -8.151  1.00 149.02 ? 2   DC  C OP2   1 
ATOM   550 O  "O5'" . DC  C 3 2  ? 5.103   35.502  -6.627  1.00 124.14 ? 2   DC  C "O5'" 1 
ATOM   551 C  "C5'" . DC  C 3 2  ? 5.693   34.220  -6.578  1.00 130.28 ? 2   DC  C "C5'" 1 
ATOM   552 C  "C4'" . DC  C 3 2  ? 6.714   34.142  -5.463  1.00 135.28 ? 2   DC  C "C4'" 1 
ATOM   553 O  "O4'" . DC  C 3 2  ? 6.139   34.662  -4.234  1.00 129.08 ? 2   DC  C "O4'" 1 
ATOM   554 C  "C3'" . DC  C 3 2  ? 7.202   32.732  -5.141  1.00 124.51 ? 2   DC  C "C3'" 1 
ATOM   555 O  "O3'" . DC  C 3 2  ? 8.598   32.752  -4.915  1.00 129.95 ? 2   DC  C "O3'" 1 
ATOM   556 C  "C2'" . DC  C 3 2  ? 6.428   32.377  -3.873  1.00 119.58 ? 2   DC  C "C2'" 1 
ATOM   557 C  "C1'" . DC  C 3 2  ? 6.339   33.730  -3.194  1.00 119.84 ? 2   DC  C "C1'" 1 
ATOM   558 N  N1    . DC  C 3 2  ? 5.212   33.858  -2.222  1.00 113.97 ? 2   DC  C N1    1 
ATOM   559 C  C2    . DC  C 3 2  ? 5.471   33.780  -0.848  1.00 121.06 ? 2   DC  C C2    1 
ATOM   560 O  O2    . DC  C 3 2  ? 6.632   33.585  -0.464  1.00 121.45 ? 2   DC  C O2    1 
ATOM   561 N  N3    . DC  C 3 2  ? 4.441   33.914  0.025   1.00 114.91 ? 2   DC  C N3    1 
ATOM   562 C  C4    . DC  C 3 2  ? 3.203   34.124  -0.429  1.00 110.45 ? 2   DC  C C4    1 
ATOM   563 N  N4    . DC  C 3 2  ? 2.222   34.249  0.470   1.00 104.74 ? 2   DC  C N4    1 
ATOM   564 C  C5    . DC  C 3 2  ? 2.918   34.209  -1.826  1.00 100.14 ? 2   DC  C C5    1 
ATOM   565 C  C6    . DC  C 3 2  ? 3.944   34.078  -2.678  1.00 103.81 ? 2   DC  C C6    1 
ATOM   566 P  P     . DT  C 3 3  ? 9.487   31.464  -5.266  1.00 146.79 ? 3   DT  C P     1 
ATOM   567 O  OP1   . DT  C 3 3  ? 10.868  31.921  -5.539  1.00 150.00 ? 3   DT  C OP1   1 
ATOM   568 O  OP2   . DT  C 3 3  ? 8.756   30.690  -6.294  1.00 144.71 ? 3   DT  C OP2   1 
ATOM   569 O  "O5'" . DT  C 3 3  ? 9.483   30.622  -3.906  1.00 135.93 ? 3   DT  C "O5'" 1 
ATOM   570 C  "C5'" . DT  C 3 3  ? 9.750   31.272  -2.665  1.00 132.76 ? 3   DT  C "C5'" 1 
ATOM   571 C  "C4'" . DT  C 3 3  ? 9.741   30.273  -1.525  1.00 138.05 ? 3   DT  C "C4'" 1 
ATOM   572 O  "O4'" . DT  C 3 3  ? 8.556   30.473  -0.702  1.00 138.58 ? 3   DT  C "O4'" 1 
ATOM   573 C  "C3'" . DT  C 3 3  ? 9.698   28.812  -1.963  1.00 132.64 ? 3   DT  C "C3'" 1 
ATOM   574 O  "O3'" . DT  C 3 3  ? 10.419  28.016  -1.041  1.00 129.39 ? 3   DT  C "O3'" 1 
ATOM   575 C  "C2'" . DT  C 3 3  ? 8.207   28.506  -1.908  1.00 127.56 ? 3   DT  C "C2'" 1 
ATOM   576 C  "C1'" . DT  C 3 3  ? 7.811   29.272  -0.658  1.00 123.51 ? 3   DT  C "C1'" 1 
ATOM   577 N  N1    . DT  C 3 3  ? 6.355   29.609  -0.592  1.00 112.01 ? 3   DT  C N1    1 
ATOM   578 C  C2    . DT  C 3 3  ? 5.746   29.732  0.639   1.00 109.94 ? 3   DT  C C2    1 
ATOM   579 O  O2    . DT  C 3 3  ? 6.338   29.585  1.695   1.00 114.29 ? 3   DT  C O2    1 
ATOM   580 N  N3    . DT  C 3 3  ? 4.412   30.048  0.587   1.00 96.87  ? 3   DT  C N3    1 
ATOM   581 C  C4    . DT  C 3 3  ? 3.644   30.240  -0.546  1.00 104.52 ? 3   DT  C C4    1 
ATOM   582 O  O4    . DT  C 3 3  ? 2.449   30.521  -0.490  1.00 98.13  ? 3   DT  C O4    1 
ATOM   583 C  C5    . DT  C 3 3  ? 4.342   30.092  -1.800  1.00 103.73 ? 3   DT  C C5    1 
ATOM   584 C  C7    . DT  C 3 3  ? 3.612   30.278  -3.097  1.00 99.29  ? 3   DT  C C7    1 
ATOM   585 C  C6    . DT  C 3 3  ? 5.648   29.784  -1.763  1.00 104.15 ? 3   DT  C C6    1 
ATOM   586 P  P     . DG  C 3 4  ? 11.882  27.466  -1.409  1.00 146.45 ? 4   DG  C P     1 
ATOM   587 O  OP1   . DG  C 3 4  ? 12.830  28.596  -1.286  1.00 145.04 ? 4   DG  C OP1   1 
ATOM   588 O  OP2   . DG  C 3 4  ? 11.779  26.744  -2.699  1.00 143.43 ? 4   DG  C OP2   1 
ATOM   589 O  "O5'" . DG  C 3 4  ? 12.183  26.402  -0.249  1.00 136.24 ? 4   DG  C "O5'" 1 
ATOM   590 C  "C5'" . DG  C 3 4  ? 11.967  26.755  1.121   1.00 129.23 ? 4   DG  C "C5'" 1 
ATOM   591 C  "C4'" . DG  C 3 4  ? 11.075  25.739  1.826   1.00 132.61 ? 4   DG  C "C4'" 1 
ATOM   592 O  "O4'" . DG  C 3 4  ? 9.674   26.036  1.558   1.00 124.67 ? 4   DG  C "O4'" 1 
ATOM   593 C  "C3'" . DG  C 3 4  ? 11.274  24.279  1.398   1.00 121.13 ? 4   DG  C "C3'" 1 
ATOM   594 O  "O3'" . DG  C 3 4  ? 11.023  23.409  2.499   1.00 121.76 ? 4   DG  C "O3'" 1 
ATOM   595 C  "C2'" . DG  C 3 4  ? 10.179  24.119  0.353   1.00 120.92 ? 4   DG  C "C2'" 1 
ATOM   596 C  "C1'" . DG  C 3 4  ? 9.062   24.870  1.056   1.00 110.32 ? 4   DG  C "C1'" 1 
ATOM   597 N  N9    . DG  C 3 4  ? 7.936   25.232  0.195   1.00 104.96 ? 4   DG  C N9    1 
ATOM   598 C  C8    . DG  C 3 4  ? 7.914   25.275  -1.180  1.00 110.86 ? 4   DG  C C8    1 
ATOM   599 N  N7    . DG  C 3 4  ? 6.751   25.620  -1.670  1.00 96.40  ? 4   DG  C N7    1 
ATOM   600 C  C5    . DG  C 3 4  ? 5.953   25.811  -0.548  1.00 92.03  ? 4   DG  C C5    1 
ATOM   601 C  C6    . DG  C 3 4  ? 4.591   26.194  -0.445  1.00 90.89  ? 4   DG  C C6    1 
ATOM   602 O  O6    . DG  C 3 4  ? 3.797   26.452  -1.363  1.00 95.18  ? 4   DG  C O6    1 
ATOM   603 N  N1    . DG  C 3 4  ? 4.172   26.268  0.884   1.00 75.20  ? 4   DG  C N1    1 
ATOM   604 C  C2    . DG  C 3 4  ? 4.969   26.003  1.976   1.00 92.70  ? 4   DG  C C2    1 
ATOM   605 N  N2    . DG  C 3 4  ? 4.398   26.125  3.185   1.00 94.61  ? 4   DG  C N2    1 
ATOM   606 N  N3    . DG  C 3 4  ? 6.245   25.645  1.892   1.00 92.30  ? 4   DG  C N3    1 
ATOM   607 C  C4    . DG  C 3 4  ? 6.667   25.570  0.608   1.00 95.29  ? 4   DG  C C4    1 
ATOM   608 P  P     . DA  C 3 5  ? 12.098  23.197  3.675   1.00 149.36 ? 5   DA  C P     1 
ATOM   609 O  OP1   . DA  C 3 5  ? 13.213  24.155  3.495   1.00 136.07 ? 5   DA  C OP1   1 
ATOM   610 O  OP2   . DA  C 3 5  ? 12.383  21.746  3.752   1.00 139.86 ? 5   DA  C OP2   1 
ATOM   611 O  "O5'" . DA  C 3 5  ? 11.274  23.587  4.987   1.00 124.10 ? 5   DA  C "O5'" 1 
ATOM   612 C  "C5'" . DA  C 3 5  ? 9.863   23.747  4.897   1.00 114.72 ? 5   DA  C "C5'" 1 
ATOM   613 C  "C4'" . DA  C 3 5  ? 9.159   23.092  6.072   1.00 125.26 ? 5   DA  C "C4'" 1 
ATOM   614 O  "O4'" . DA  C 3 5  ? 7.771   22.902  5.737   1.00 121.55 ? 5   DA  C "O4'" 1 
ATOM   615 C  "C3'" . DA  C 3 5  ? 9.630   21.694  6.411   1.00 117.37 ? 5   DA  C "C3'" 1 
ATOM   616 O  "O3'" . DA  C 3 5  ? 9.183   21.358  7.730   1.00 117.15 ? 5   DA  C "O3'" 1 
ATOM   617 C  "C2'" . DA  C 3 5  ? 8.928   20.866  5.335   1.00 111.81 ? 5   DA  C "C2'" 1 
ATOM   618 C  "C1'" . DA  C 3 5  ? 7.608   21.621  5.151   1.00 109.04 ? 5   DA  C "C1'" 1 
ATOM   619 N  N9    . DA  C 3 5  ? 7.240   21.805  3.754   1.00 98.43  ? 5   DA  C N9    1 
ATOM   620 C  C8    . DA  C 3 5  ? 8.054   21.691  2.660   1.00 98.73  ? 5   DA  C C8    1 
ATOM   621 N  N7    . DA  C 3 5  ? 7.441   21.916  1.519   1.00 93.10  ? 5   DA  C N7    1 
ATOM   622 C  C5    . DA  C 3 5  ? 6.137   22.203  1.895   1.00 94.97  ? 5   DA  C C5    1 
ATOM   623 C  C6    . DA  C 3 5  ? 4.981   22.532  1.153   1.00 85.03  ? 5   DA  C C6    1 
ATOM   624 N  N6    . DA  C 3 5  ? 4.963   22.632  -0.181  1.00 91.66  ? 5   DA  C N6    1 
ATOM   625 N  N1    . DA  C 3 5  ? 3.841   22.756  1.840   1.00 77.76  ? 5   DA  C N1    1 
ATOM   626 C  C2    . DA  C 3 5  ? 3.863   22.656  3.176   1.00 87.87  ? 5   DA  C C2    1 
ATOM   627 N  N3    . DA  C 3 5  ? 4.881   22.355  3.979   1.00 96.10  ? 5   DA  C N3    1 
ATOM   628 C  C4    . DA  C 3 5  ? 5.999   22.138  3.269   1.00 98.10  ? 5   DA  C C4    1 
ATOM   629 P  P     . DG  C 3 6  ? 8.918   19.835  8.179   1.00 150.12 ? 6   DG  C P     1 
ATOM   630 O  OP1   . DG  C 3 6  ? 8.987   19.841  9.657   1.00 128.37 ? 6   DG  C OP1   1 
ATOM   631 O  OP2   . DG  C 3 6  ? 9.789   18.904  7.419   1.00 125.90 ? 6   DG  C OP2   1 
ATOM   632 O  "O5'" . DG  C 3 6  ? 7.391   19.580  7.772   1.00 124.66 ? 6   DG  C "O5'" 1 
ATOM   633 C  "C5'" . DG  C 3 6  ? 6.366   20.373  8.362   1.00 114.34 ? 6   DG  C "C5'" 1 
ATOM   634 C  "C4'" . DG  C 3 6  ? 4.993   19.824  8.022   1.00 111.85 ? 6   DG  C "C4'" 1 
ATOM   635 O  "O4'" . DG  C 3 6  ? 4.701   20.073  6.623   1.00 106.83 ? 6   DG  C "O4'" 1 
ATOM   636 C  "C3'" . DG  C 3 6  ? 4.825   18.319  8.242   1.00 105.96 ? 6   DG  C "C3'" 1 
ATOM   637 O  "O3'" . DG  C 3 6  ? 3.612   18.071  8.957   1.00 105.16 ? 6   DG  C "O3'" 1 
ATOM   638 C  "C2'" . DG  C 3 6  ? 4.794   17.745  6.822   1.00 93.80  ? 6   DG  C "C2'" 1 
ATOM   639 C  "C1'" . DG  C 3 6  ? 4.221   18.898  6.016   1.00 86.01  ? 6   DG  C "C1'" 1 
ATOM   640 N  N9    . DG  C 3 6  ? 4.658   18.900  4.626   1.00 80.22  ? 6   DG  C N9    1 
ATOM   641 C  C8    . DG  C 3 6  ? 5.933   18.671  4.160   1.00 83.04  ? 6   DG  C C8    1 
ATOM   642 N  N7    . DG  C 3 6  ? 6.032   18.742  2.859   1.00 83.69  ? 6   DG  C N7    1 
ATOM   643 C  C5    . DG  C 3 6  ? 4.743   19.046  2.435   1.00 67.16  ? 6   DG  C C5    1 
ATOM   644 C  C6    . DG  C 3 6  ? 4.236   19.250  1.128   1.00 76.45  ? 6   DG  C C6    1 
ATOM   645 O  O6    . DG  C 3 6  ? 4.848   19.199  0.051   1.00 86.76  ? 6   DG  C O6    1 
ATOM   646 N  N1    . DG  C 3 6  ? 2.871   19.536  1.140   1.00 64.88  ? 6   DG  C N1    1 
ATOM   647 C  C2    . DG  C 3 6  ? 2.093   19.618  2.274   1.00 74.35  ? 6   DG  C C2    1 
ATOM   648 N  N2    . DG  C 3 6  ? 0.794   19.905  2.089   1.00 68.28  ? 6   DG  C N2    1 
ATOM   649 N  N3    . DG  C 3 6  ? 2.558   19.429  3.509   1.00 68.43  ? 6   DG  C N3    1 
ATOM   650 C  C4    . DG  C 3 6  ? 3.885   19.148  3.512   1.00 73.22  ? 6   DG  C C4    1 
ATOM   651 P  P     . DT  C 3 7  ? 3.078   16.572  9.191   1.00 107.71 ? 7   DT  C P     1 
ATOM   652 O  OP1   . DT  C 3 7  ? 2.456   16.527  10.534  1.00 95.26  ? 7   DT  C OP1   1 
ATOM   653 O  OP2   . DT  C 3 7  ? 4.147   15.602  8.860   1.00 92.59  ? 7   DT  C OP2   1 
ATOM   654 O  "O5'" . DT  C 3 7  ? 1.901   16.440  8.124   1.00 98.47  ? 7   DT  C "O5'" 1 
ATOM   655 C  "C5'" . DT  C 3 7  ? 0.868   17.406  8.122   1.00 86.46  ? 7   DT  C "C5'" 1 
ATOM   656 C  "C4'" . DT  C 3 7  ? -0.111  17.154  6.995   1.00 88.44  ? 7   DT  C "C4'" 1 
ATOM   657 O  "O4'" . DT  C 3 7  ? 0.556   17.315  5.714   1.00 90.09  ? 7   DT  C "O4'" 1 
ATOM   658 C  "C3'" . DT  C 3 7  ? -0.735  15.758  6.975   1.00 90.17  ? 7   DT  C "C3'" 1 
ATOM   659 O  "O3'" . DT  C 3 7  ? -2.125  15.878  6.715   1.00 85.89  ? 7   DT  C "O3'" 1 
ATOM   660 C  "C2'" . DT  C 3 7  ? -0.003  15.071  5.820   1.00 66.68  ? 7   DT  C "C2'" 1 
ATOM   661 C  "C1'" . DT  C 3 7  ? 0.193   16.241  4.877   1.00 74.42  ? 7   DT  C "C1'" 1 
ATOM   662 N  N1    . DT  C 3 7  ? 1.272   16.048  3.859   1.00 59.96  ? 7   DT  C N1    1 
ATOM   663 C  C2    . DT  C 3 7  ? 0.974   16.205  2.521   1.00 66.93  ? 7   DT  C C2    1 
ATOM   664 O  O2    . DT  C 3 7  ? -0.142  16.481  2.109   1.00 72.76  ? 7   DT  C O2    1 
ATOM   665 N  N3    . DT  C 3 7  ? 2.036   16.023  1.675   1.00 64.75  ? 7   DT  C N3    1 
ATOM   666 C  C4    . DT  C 3 7  ? 3.337   15.714  2.022   1.00 69.12  ? 7   DT  C C4    1 
ATOM   667 O  O4    . DT  C 3 7  ? 4.226   15.577  1.186   1.00 76.07  ? 7   DT  C O4    1 
ATOM   668 C  C5    . DT  C 3 7  ? 3.580   15.567  3.435   1.00 61.72  ? 7   DT  C C5    1 
ATOM   669 C  C7    . DT  C 3 7  ? 4.954   15.232  3.929   1.00 78.26  ? 7   DT  C C7    1 
ATOM   670 C  C6    . DT  C 3 7  ? 2.549   15.743  4.278   1.00 63.45  ? 7   DT  C C6    1 
ATOM   671 P  P     . DG  C 3 8  ? -3.155  14.734  7.179   1.00 105.59 ? 8   DG  C P     1 
ATOM   672 O  OP1   . DG  C 3 8  ? -4.002  15.323  8.241   1.00 97.36  ? 8   DG  C OP1   1 
ATOM   673 O  OP2   . DG  C 3 8  ? -2.399  13.479  7.430   1.00 94.55  ? 8   DG  C OP2   1 
ATOM   674 O  "O5'" . DG  C 3 8  ? -4.079  14.547  5.891   1.00 78.69  ? 8   DG  C "O5'" 1 
ATOM   675 C  "C5'" . DG  C 3 8  ? -4.654  15.694  5.290   1.00 84.00  ? 8   DG  C "C5'" 1 
ATOM   676 C  "C4'" . DG  C 3 8  ? -5.288  15.382  3.940   1.00 73.41  ? 8   DG  C "C4'" 1 
ATOM   677 O  "O4'" . DG  C 3 8  ? -4.275  15.162  2.929   1.00 75.76  ? 8   DG  C "O4'" 1 
ATOM   678 C  "C3'" . DG  C 3 8  ? -6.170  14.165  3.881   1.00 65.18  ? 8   DG  C "C3'" 1 
ATOM   679 O  "O3'" . DG  C 3 8  ? -7.110  14.370  2.871   1.00 63.93  ? 8   DG  C "O3'" 1 
ATOM   680 C  "C2'" . DG  C 3 8  ? -5.179  13.060  3.503   1.00 81.19  ? 8   DG  C "C2'" 1 
ATOM   681 C  "C1'" . DG  C 3 8  ? -4.231  13.794  2.564   1.00 63.81  ? 8   DG  C "C1'" 1 
ATOM   682 N  N9    . DG  C 3 8  ? -2.839  13.390  2.682   1.00 56.82  ? 8   DG  C N9    1 
ATOM   683 C  C8    . DG  C 3 8  ? -2.154  13.114  3.837   1.00 57.71  ? 8   DG  C C8    1 
ATOM   684 N  N7    . DG  C 3 8  ? -0.900  12.825  3.635   1.00 61.79  ? 8   DG  C N7    1 
ATOM   685 C  C5    . DG  C 3 8  ? -0.743  12.940  2.259   1.00 48.96  ? 8   DG  C C5    1 
ATOM   686 C  C6    . DG  C 3 8  ? 0.404   12.754  1.458   1.00 52.86  ? 8   DG  C C6    1 
ATOM   687 O  O6    . DG  C 3 8  ? 1.545   12.439  1.811   1.00 64.13  ? 8   DG  C O6    1 
ATOM   688 N  N1    . DG  C 3 8  ? 0.129   12.964  0.113   1.00 47.85  ? 8   DG  C N1    1 
ATOM   689 C  C2    . DG  C 3 8  ? -1.098  13.323  -0.389  1.00 65.31  ? 8   DG  C C2    1 
ATOM   690 N  N2    . DG  C 3 8  ? -1.175  13.488  -1.715  1.00 69.53  ? 8   DG  C N2    1 
ATOM   691 N  N3    . DG  C 3 8  ? -2.179  13.504  0.355   1.00 59.33  ? 8   DG  C N3    1 
ATOM   692 C  C4    . DG  C 3 8  ? -1.926  13.297  1.666   1.00 48.22  ? 8   DG  C C4    1 
ATOM   693 P  P     . DA  C 3 9  ? -8.374  13.399  2.732   1.00 88.95  ? 9   DA  C P     1 
ATOM   694 O  OP1   . DA  C 3 9  ? -9.571  14.232  2.987   1.00 93.05  ? 9   DA  C OP1   1 
ATOM   695 O  OP2   . DA  C 3 9  ? -8.139  12.204  3.571   1.00 85.31  ? 9   DA  C OP2   1 
ATOM   696 O  "O5'" . DA  C 3 9  ? -8.332  12.956  1.191   1.00 80.60  ? 9   DA  C "O5'" 1 
ATOM   697 C  "C5'" . DA  C 3 9  ? -7.081  12.878  0.503   1.00 84.87  ? 9   DA  C "C5'" 1 
ATOM   698 C  "C4'" . DA  C 3 9  ? -6.840  11.473  0.003   1.00 84.33  ? 9   DA  C "C4'" 1 
ATOM   699 O  "O4'" . DA  C 3 9  ? -5.416  11.157  0.063   1.00 78.53  ? 9   DA  C "O4'" 1 
ATOM   700 C  "C3'" . DA  C 3 9  ? -7.537  10.393  0.831   1.00 94.43  ? 9   DA  C "C3'" 1 
ATOM   701 O  "O3'" . DA  C 3 9  ? -8.013  9.369   -0.014  1.00 77.32  ? 9   DA  C "O3'" 1 
ATOM   702 C  "C2'" . DA  C 3 9  ? -6.409  9.889   1.710   1.00 89.76  ? 9   DA  C "C2'" 1 
ATOM   703 C  "C1'" . DA  C 3 9  ? -5.278  9.921   0.708   1.00 65.35  ? 9   DA  C "C1'" 1 
ATOM   704 N  N9    . DA  C 3 9  ? -3.966  9.814   1.321   1.00 64.88  ? 9   DA  C N9    1 
ATOM   705 C  C8    . DA  C 3 9  ? -3.691  9.693   2.660   1.00 56.40  ? 9   DA  C C8    1 
ATOM   706 N  N7    . DA  C 3 9  ? -2.414  9.576   2.928   1.00 51.68  ? 9   DA  C N7    1 
ATOM   707 C  C5    . DA  C 3 9  ? -1.815  9.605   1.678   1.00 62.09  ? 9   DA  C C5    1 
ATOM   708 C  C6    . DA  C 3 9  ? -0.476  9.525   1.273   1.00 62.03  ? 9   DA  C C6    1 
ATOM   709 N  N6    . DA  C 3 9  ? 0.534   9.395   2.137   1.00 59.00  ? 9   DA  C N6    1 
ATOM   710 N  N1    . DA  C 3 9  ? -0.213  9.594   -0.054  1.00 57.46  ? 9   DA  C N1    1 
ATOM   711 C  C2    . DA  C 3 9  ? -1.234  9.733   -0.912  1.00 57.65  ? 9   DA  C C2    1 
ATOM   712 N  N3    . DA  C 3 9  ? -2.538  9.818   -0.648  1.00 56.71  ? 9   DA  C N3    1 
ATOM   713 C  C4    . DA  C 3 9  ? -2.761  9.746   0.675   1.00 62.37  ? 9   DA  C C4    1 
ATOM   714 P  P     . DT  D 4 1  ? 9.355   -13.618 -0.104  1.00 72.24  ? 10  DT  D P     1 
ATOM   715 O  OP1   . DT  D 4 1  ? 10.808  -13.323 -0.065  1.00 60.91  ? 10  DT  D OP1   1 
ATOM   716 O  OP2   . DT  D 4 1  ? 8.606   -13.508 -1.373  1.00 67.62  ? 10  DT  D OP2   1 
ATOM   717 O  "O5'" . DT  D 4 1  ? 8.582   -12.673 0.921   1.00 76.48  ? 10  DT  D "O5'" 1 
ATOM   718 C  "C5'" . DT  D 4 1  ? 9.131   -12.421 2.199   1.00 89.05  ? 10  DT  D "C5'" 1 
ATOM   719 C  "C4'" . DT  D 4 1  ? 8.034   -12.083 3.186   1.00 83.49  ? 10  DT  D "C4'" 1 
ATOM   720 O  "O4'" . DT  D 4 1  ? 7.236   -11.004 2.658   1.00 77.02  ? 10  DT  D "O4'" 1 
ATOM   721 C  "C3'" . DT  D 4 1  ? 7.036   -13.195 3.431   1.00 83.01  ? 10  DT  D "C3'" 1 
ATOM   722 O  "O3'" . DT  D 4 1  ? 7.529   -14.082 4.432   1.00 103.49 ? 10  DT  D "O3'" 1 
ATOM   723 C  "C2'" . DT  D 4 1  ? 5.815   -12.425 3.923   1.00 83.17  ? 10  DT  D "C2'" 1 
ATOM   724 C  "C1'" . DT  D 4 1  ? 5.920   -11.098 3.170   1.00 73.87  ? 10  DT  D "C1'" 1 
ATOM   725 N  N1    . DT  D 4 1  ? 4.952   -10.977 2.044   1.00 76.34  ? 10  DT  D N1    1 
ATOM   726 C  C2    . DT  D 4 1  ? 3.615   -10.794 2.325   1.00 81.99  ? 10  DT  D C2    1 
ATOM   727 O  O2    . DT  D 4 1  ? 3.174   -10.729 3.458   1.00 89.47  ? 10  DT  D O2    1 
ATOM   728 N  N3    . DT  D 4 1  ? 2.804   -10.689 1.225   1.00 62.51  ? 10  DT  D N3    1 
ATOM   729 C  C4    . DT  D 4 1  ? 3.189   -10.753 -0.101  1.00 63.72  ? 10  DT  D C4    1 
ATOM   730 O  O4    . DT  D 4 1  ? 2.384   -10.648 -1.022  1.00 63.20  ? 10  DT  D O4    1 
ATOM   731 C  C5    . DT  D 4 1  ? 4.606   -10.942 -0.324  1.00 71.27  ? 10  DT  D C5    1 
ATOM   732 C  C7    . DT  D 4 1  ? 5.143   -11.025 -1.720  1.00 67.72  ? 10  DT  D C7    1 
ATOM   733 C  C6    . DT  D 4 1  ? 5.408   -11.044 0.748   1.00 72.02  ? 10  DT  D C6    1 
ATOM   734 P  P     . DG  D 4 2  ? 7.026   -15.610 4.494   1.00 100.62 ? 11  DG  D P     1 
ATOM   735 O  OP1   . DG  D 4 2  ? 7.668   -16.215 5.685   1.00 106.77 ? 11  DG  D OP1   1 
ATOM   736 O  OP2   . DG  D 4 2  ? 7.226   -16.223 3.159   1.00 70.33  ? 11  DG  D OP2   1 
ATOM   737 O  "O5'" . DG  D 4 2  ? 5.448   -15.495 4.761   1.00 90.56  ? 11  DG  D "O5'" 1 
ATOM   738 C  "C5'" . DG  D 4 2  ? 4.970   -15.031 6.029   1.00 97.51  ? 11  DG  D "C5'" 1 
ATOM   739 C  "C4'" . DG  D 4 2  ? 3.459   -14.869 6.021   1.00 103.02 ? 11  DG  D "C4'" 1 
ATOM   740 O  "O4'" . DG  D 4 2  ? 3.059   -13.995 4.948   1.00 98.02  ? 11  DG  D "O4'" 1 
ATOM   741 C  "C3'" . DG  D 4 2  ? 2.680   -16.141 5.759   1.00 117.73 ? 11  DG  D "C3'" 1 
ATOM   742 O  "O3'" . DG  D 4 2  ? 2.497   -16.858 6.974   1.00 124.05 ? 11  DG  D "O3'" 1 
ATOM   743 C  "C2'" . DG  D 4 2  ? 1.347   -15.618 5.213   1.00 105.11 ? 11  DG  D "C2'" 1 
ATOM   744 C  "C1'" . DG  D 4 2  ? 1.693   -14.233 4.658   1.00 87.26  ? 11  DG  D "C1'" 1 
ATOM   745 N  N9    . DG  D 4 2  ? 1.485   -14.098 3.219   1.00 80.72  ? 11  DG  D N9    1 
ATOM   746 C  C8    . DG  D 4 2  ? 2.410   -14.332 2.229   1.00 85.99  ? 11  DG  D C8    1 
ATOM   747 N  N7    . DG  D 4 2  ? 1.952   -14.114 1.025   1.00 74.74  ? 11  DG  D N7    1 
ATOM   748 C  C5    . DG  D 4 2  ? 0.639   -13.709 1.224   1.00 72.93  ? 11  DG  D C5    1 
ATOM   749 C  C6    . DG  D 4 2  ? -0.350  -13.337 0.281   1.00 72.82  ? 11  DG  D C6    1 
ATOM   750 O  O6    . DG  D 4 2  ? -0.254  -13.295 -0.954  1.00 78.97  ? 11  DG  D O6    1 
ATOM   751 N  N1    . DG  D 4 2  ? -1.552  -12.990 0.898   1.00 83.02  ? 11  DG  D N1    1 
ATOM   752 C  C2    . DG  D 4 2  ? -1.769  -13.001 2.253   1.00 97.60  ? 11  DG  D C2    1 
ATOM   753 N  N2    . DG  D 4 2  ? -2.996  -12.633 2.651   1.00 96.52  ? 11  DG  D N2    1 
ATOM   754 N  N3    . DG  D 4 2  ? -0.847  -13.347 3.158   1.00 91.20  ? 11  DG  D N3    1 
ATOM   755 C  C4    . DG  D 4 2  ? 0.333   -13.690 2.569   1.00 85.13  ? 11  DG  D C4    1 
ATOM   756 P  P     . DT  D 4 3  ? 1.852   -18.330 6.953   1.00 126.73 ? 12  DT  D P     1 
ATOM   757 O  OP1   . DT  D 4 3  ? 2.202   -18.968 8.243   1.00 115.40 ? 12  DT  D OP1   1 
ATOM   758 O  OP2   . DT  D 4 3  ? 2.214   -18.974 5.668   1.00 105.47 ? 12  DT  D OP2   1 
ATOM   759 O  "O5'" . DT  D 4 3  ? 0.276   -18.062 6.905   1.00 100.03 ? 12  DT  D "O5'" 1 
ATOM   760 C  "C5'" . DT  D 4 3  ? -0.328  -17.219 7.872   1.00 99.85  ? 12  DT  D "C5'" 1 
ATOM   761 C  "C4'" . DT  D 4 3  ? -1.779  -16.963 7.517   1.00 112.90 ? 12  DT  D "C4'" 1 
ATOM   762 O  "O4'" . DT  D 4 3  ? -1.862  -16.343 6.206   1.00 103.92 ? 12  DT  D "O4'" 1 
ATOM   763 C  "C3'" . DT  D 4 3  ? -2.647  -18.214 7.450   1.00 121.69 ? 12  DT  D "C3'" 1 
ATOM   764 O  "O3'" . DT  D 4 3  ? -3.922  -17.942 7.998   1.00 122.94 ? 12  DT  D "O3'" 1 
ATOM   765 C  "C2'" . DT  D 4 3  ? -2.728  -18.507 5.953   1.00 117.96 ? 12  DT  D "C2'" 1 
ATOM   766 C  "C1'" . DT  D 4 3  ? -2.694  -17.108 5.357   1.00 104.90 ? 12  DT  D "C1'" 1 
ATOM   767 N  N1    . DT  D 4 3  ? -2.110  -17.071 3.996   1.00 96.71  ? 12  DT  D N1    1 
ATOM   768 C  C2    . DT  D 4 3  ? -2.845  -16.557 2.947   1.00 99.79  ? 12  DT  D C2    1 
ATOM   769 O  O2    . DT  D 4 3  ? -3.976  -16.123 3.072   1.00 99.95  ? 12  DT  D O2    1 
ATOM   770 N  N3    . DT  D 4 3  ? -2.196  -16.572 1.736   1.00 91.71  ? 12  DT  D N3    1 
ATOM   771 C  C4    . DT  D 4 3  ? -0.914  -17.041 1.484   1.00 96.55  ? 12  DT  D C4    1 
ATOM   772 O  O4    . DT  D 4 3  ? -0.412  -17.017 0.366   1.00 95.80  ? 12  DT  D O4    1 
ATOM   773 C  C5    . DT  D 4 3  ? -0.208  -17.563 2.631   1.00 100.64 ? 12  DT  D C5    1 
ATOM   774 C  C7    . DT  D 4 3  ? 1.186   -18.098 2.482   1.00 105.17 ? 12  DT  D C7    1 
ATOM   775 C  C6    . DT  D 4 3  ? -0.838  -17.559 3.812   1.00 101.83 ? 12  DT  D C6    1 
ATOM   776 P  P     . DC  D 4 4  ? -5.024  -19.106 8.076   1.00 136.64 ? 13  DC  D P     1 
ATOM   777 O  OP1   . DC  D 4 4  ? -5.966  -18.738 9.157   1.00 129.72 ? 13  DC  D OP1   1 
ATOM   778 O  OP2   . DC  D 4 4  ? -4.307  -20.404 8.114   1.00 128.69 ? 13  DC  D OP2   1 
ATOM   779 O  "O5'" . DC  D 4 4  ? -5.790  -19.001 6.679   1.00 112.46 ? 13  DC  D "O5'" 1 
ATOM   780 C  "C5'" . DC  D 4 4  ? -6.464  -17.801 6.340   1.00 111.90 ? 13  DC  D "C5'" 1 
ATOM   781 C  "C4'" . DC  D 4 4  ? -7.499  -18.046 5.259   1.00 125.57 ? 13  DC  D "C4'" 1 
ATOM   782 O  "O4'" . DC  D 4 4  ? -6.892  -17.892 3.950   1.00 120.06 ? 13  DC  D "O4'" 1 
ATOM   783 C  "C3'" . DC  D 4 4  ? -8.136  -19.430 5.267   1.00 136.88 ? 13  DC  D "C3'" 1 
ATOM   784 O  "O3'" . DC  D 4 4  ? -9.506  -19.324 4.897   1.00 144.33 ? 13  DC  D "O3'" 1 
ATOM   785 C  "C2'" . DC  D 4 4  ? -7.322  -20.182 4.214   1.00 132.42 ? 13  DC  D "C2'" 1 
ATOM   786 C  "C1'" . DC  D 4 4  ? -7.039  -19.081 3.203   1.00 116.10 ? 13  DC  D "C1'" 1 
ATOM   787 N  N1    . DC  D 4 4  ? -5.787  -19.284 2.423   1.00 103.59 ? 13  DC  D N1    1 
ATOM   788 C  C2    . DC  D 4 4  ? -5.755  -18.934 1.067   1.00 104.61 ? 13  DC  D C2    1 
ATOM   789 O  O2    . DC  D 4 4  ? -6.779  -18.477 0.542   1.00 104.18 ? 13  DC  D O2    1 
ATOM   790 N  N3    . DC  D 4 4  ? -4.605  -19.112 0.369   1.00 97.15  ? 13  DC  D N3    1 
ATOM   791 C  C4    . DC  D 4 4  ? -3.524  -19.608 0.982   1.00 106.21 ? 13  DC  D C4    1 
ATOM   792 N  N4    . DC  D 4 4  ? -2.411  -19.769 0.258   1.00 108.28 ? 13  DC  D N4    1 
ATOM   793 C  C5    . DC  D 4 4  ? -3.538  -19.965 2.365   1.00 99.93  ? 13  DC  D C5    1 
ATOM   794 C  C6    . DC  D 4 4  ? -4.677  -19.786 3.041   1.00 103.70 ? 13  DC  D C6    1 
ATOM   795 P  P     . DT  D 4 5  ? -10.522 -20.543 5.145   1.00 158.14 ? 14  DT  D P     1 
ATOM   796 O  OP1   . DT  D 4 5  ? -11.617 -20.045 6.009   1.00 138.77 ? 14  DT  D OP1   1 
ATOM   797 O  OP2   . DT  D 4 5  ? -9.742  -21.727 5.572   1.00 151.19 ? 14  DT  D OP2   1 
ATOM   798 O  "O5'" . DT  D 4 5  ? -11.102 -20.837 3.686   1.00 141.07 ? 14  DT  D "O5'" 1 
ATOM   799 C  "C5'" . DT  D 4 5  ? -11.495 -19.757 2.849   1.00 130.91 ? 14  DT  D "C5'" 1 
ATOM   800 C  "C4'" . DT  D 4 5  ? -11.539 -20.193 1.398   1.00 138.10 ? 14  DT  D "C4'" 1 
ATOM   801 O  "O4'" . DT  D 4 5  ? -10.188 -20.235 0.863   1.00 132.49 ? 14  DT  D "O4'" 1 
ATOM   802 C  "C3'" . DT  D 4 5  ? -12.134 -21.583 1.166   1.00 141.69 ? 14  DT  D "C3'" 1 
ATOM   803 O  "O3'" . DT  D 4 5  ? -13.009 -21.564 0.041   1.00 152.80 ? 14  DT  D "O3'" 1 
ATOM   804 C  "C2'" . DT  D 4 5  ? -10.903 -22.450 0.909   1.00 144.47 ? 14  DT  D "C2'" 1 
ATOM   805 C  "C1'" . DT  D 4 5  ? -9.987  -21.465 0.206   1.00 134.98 ? 14  DT  D "C1'" 1 
ATOM   806 N  N1    . DT  D 4 5  ? -8.536  -21.826 0.287   1.00 129.04 ? 14  DT  D N1    1 
ATOM   807 C  C2    . DT  D 4 5  ? -7.728  -21.612 -0.808  1.00 130.06 ? 14  DT  D C2    1 
ATOM   808 O  O2    . DT  D 4 5  ? -8.132  -21.133 -1.853  1.00 130.31 ? 14  DT  D O2    1 
ATOM   809 N  N3    . DT  D 4 5  ? -6.418  -21.979 -0.634  1.00 126.19 ? 14  DT  D N3    1 
ATOM   810 C  C4    . DT  D 4 5  ? -5.847  -22.528 0.501   1.00 122.35 ? 14  DT  D C4    1 
ATOM   811 O  O4    . DT  D 4 5  ? -4.657  -22.825 0.560   1.00 120.72 ? 14  DT  D O4    1 
ATOM   812 C  C5    . DT  D 4 5  ? -6.749  -22.730 1.612   1.00 120.34 ? 14  DT  D C5    1 
ATOM   813 C  C7    . DT  D 4 5  ? -6.240  -23.320 2.895   1.00 118.52 ? 14  DT  D C7    1 
ATOM   814 C  C6    . DT  D 4 5  ? -8.036  -22.375 1.454   1.00 125.20 ? 14  DT  D C6    1 
ATOM   815 P  P     . DG  D 4 6  ? -14.153 -22.683 -0.107  1.00 173.60 ? 15  DG  D P     1 
ATOM   816 O  OP1   . DG  D 4 6  ? -15.023 -22.572 1.087   1.00 162.06 ? 15  DG  D OP1   1 
ATOM   817 O  OP2   . DG  D 4 6  ? -13.493 -23.974 -0.411  1.00 150.82 ? 15  DG  D OP2   1 
ATOM   818 O  "O5'" . DG  D 4 6  ? -14.987 -22.226 -1.398  1.00 160.68 ? 15  DG  D "O5'" 1 
ATOM   819 C  "C5'" . DG  D 4 6  ? -14.352 -21.505 -2.453  1.00 152.49 ? 15  DG  D "C5'" 1 
ATOM   820 C  "C4'" . DG  D 4 6  ? -13.666 -22.448 -3.429  1.00 152.70 ? 15  DG  D "C4'" 1 
ATOM   821 O  "O4'" . DG  D 4 6  ? -12.291 -22.631 -3.041  1.00 154.88 ? 15  DG  D "O4'" 1 
ATOM   822 C  "C3'" . DG  D 4 6  ? -14.259 -23.859 -3.498  1.00 158.32 ? 15  DG  D "C3'" 1 
ATOM   823 O  "O3'" . DG  D 4 6  ? -15.130 -24.014 -4.660  1.00 172.72 ? 15  DG  D "O3'" 1 
ATOM   824 C  "C2'" . DG  D 4 6  ? -13.037 -24.800 -3.530  1.00 153.91 ? 15  DG  D "C2'" 1 
ATOM   825 C  "C1'" . DG  D 4 6  ? -11.839 -23.845 -3.580  1.00 150.70 ? 15  DG  D "C1'" 1 
ATOM   826 N  N9    . DG  D 4 6  ? -10.687 -24.312 -2.801  1.00 145.55 ? 15  DG  D N9    1 
ATOM   827 C  C8    . DG  D 4 6  ? -10.705 -24.787 -1.510  1.00 142.96 ? 15  DG  D C8    1 
ATOM   828 N  N7    . DG  D 4 6  ? -9.530  -25.139 -1.066  1.00 140.24 ? 15  DG  D N7    1 
ATOM   829 C  C5    . DG  D 4 6  ? -8.670  -24.885 -2.128  1.00 146.37 ? 15  DG  D C5    1 
ATOM   830 C  C6    . DG  D 4 6  ? -7.268  -25.071 -2.232  1.00 143.93 ? 15  DG  D C6    1 
ATOM   831 O  O6    . DG  D 4 6  ? -6.488  -25.511 -1.372  1.00 142.27 ? 15  DG  D O6    1 
ATOM   832 N  N1    . DG  D 4 6  ? -6.782  -24.687 -3.483  1.00 139.52 ? 15  DG  D N1    1 
ATOM   833 C  C2    . DG  D 4 6  ? -7.556  -24.186 -4.509  1.00 135.66 ? 15  DG  D C2    1 
ATOM   834 N  N2    . DG  D 4 6  ? -6.908  -23.875 -5.645  1.00 126.48 ? 15  DG  D N2    1 
ATOM   835 N  N3    . DG  D 4 6  ? -8.875  -24.006 -4.426  1.00 141.85 ? 15  DG  D N3    1 
ATOM   836 C  C4    . DG  D 4 6  ? -9.363  -24.375 -3.210  1.00 145.13 ? 15  DG  D C4    1 
ATOM   837 P  P     . DC  D 4 7  ? -14.556 -24.232 -6.153  1.00 181.02 ? 16  DC  D P     1 
ATOM   838 O  OP1   . DC  D 4 7  ? -13.424 -23.303 -6.374  1.00 167.74 ? 16  DC  D OP1   1 
ATOM   839 O  OP2   . DC  D 4 7  ? -15.723 -24.173 -7.064  1.00 159.30 ? 16  DC  D OP2   1 
ATOM   840 O  "O5'" . DC  D 4 7  ? -14.042 -25.751 -6.177  1.00 162.49 ? 16  DC  D "O5'" 1 
ATOM   841 C  "C5'" . DC  D 4 7  ? -13.785 -26.412 -7.422  1.00 150.57 ? 16  DC  D "C5'" 1 
ATOM   842 C  "C4'" . DC  D 4 7  ? -12.695 -25.702 -8.212  1.00 144.74 ? 16  DC  D "C4'" 1 
ATOM   843 O  "O4'" . DC  D 4 7  ? -11.620 -25.307 -7.320  1.00 140.88 ? 16  DC  D "O4'" 1 
ATOM   844 C  "C3'" . DC  D 4 7  ? -12.032 -26.544 -9.285  1.00 140.09 ? 16  DC  D "C3'" 1 
ATOM   845 O  "O3'" . DC  D 4 7  ? -11.539 -25.706 -10.325 1.00 134.23 ? 16  DC  D "O3'" 1 
ATOM   846 C  "C2'" . DC  D 4 7  ? -10.898 -27.223 -8.518  1.00 135.22 ? 16  DC  D "C2'" 1 
ATOM   847 C  "C1'" . DC  D 4 7  ? -10.493 -26.148 -7.507  1.00 136.56 ? 16  DC  D "C1'" 1 
ATOM   848 N  N1    . DC  D 4 7  ? -10.107 -26.700 -6.173  1.00 138.90 ? 16  DC  D N1    1 
ATOM   849 C  C2    . DC  D 4 7  ? -8.762  -26.987 -5.886  1.00 137.15 ? 16  DC  D C2    1 
ATOM   850 O  O2    . DC  D 4 7  ? -7.896  -26.782 -6.748  1.00 127.13 ? 16  DC  D O2    1 
ATOM   851 N  N3    . DC  D 4 7  ? -8.448  -27.490 -4.659  1.00 138.05 ? 16  DC  D N3    1 
ATOM   852 C  C4    . DC  D 4 7  ? -9.407  -27.700 -3.752  1.00 138.57 ? 16  DC  D C4    1 
ATOM   853 N  N4    . DC  D 4 7  ? -9.051  -28.193 -2.560  1.00 132.22 ? 16  DC  D N4    1 
ATOM   854 C  C5    . DC  D 4 7  ? -10.776 -27.411 -4.029  1.00 142.20 ? 16  DC  D C5    1 
ATOM   855 C  C6    . DC  D 4 7  ? -11.074 -26.921 -5.237  1.00 140.24 ? 16  DC  D C6    1 
HETATM 856 MG MG    . MG  E 5 .  ? -4.278  -28.103 1.481   1.00 132.88 ? 101 MG  A MG    1 
HETATM 857 MG MG    . MG  F 5 .  ? 8.063   -6.455  5.614   1.00 84.78  ? 102 MG  A MG    1 
HETATM 858 AS AS    . CAC G 6 .  ? -3.847  2.584   3.099   1.00 148.67 ? 101 CAC B AS    1 
HETATM 859 MG MG    . MG  H 5 .  ? -2.455  10.936  7.223   1.00 67.03  ? 101 MG  C MG    1 
HETATM 860 AS AS    . CAC I 6 .  ? 3.314   -14.504 -3.570  1.00 195.34 ? 101 CAC D AS    1 
# 
loop_
_pdbx_poly_seq_scheme.asym_id 
_pdbx_poly_seq_scheme.entity_id 
_pdbx_poly_seq_scheme.seq_id 
_pdbx_poly_seq_scheme.mon_id 
_pdbx_poly_seq_scheme.ndb_seq_num 
_pdbx_poly_seq_scheme.pdb_seq_num 
_pdbx_poly_seq_scheme.auth_seq_num 
_pdbx_poly_seq_scheme.pdb_mon_id 
_pdbx_poly_seq_scheme.auth_mon_id 
_pdbx_poly_seq_scheme.pdb_strand_id 
_pdbx_poly_seq_scheme.pdb_ins_code 
_pdbx_poly_seq_scheme.hetero 
A 1 1  DG 1  1  1  DG DG A . n 
A 1 2  DA 2  2  2  DA DA A . n 
A 1 3  DG 3  3  3  DG DG A . n 
A 1 4  DC 4  4  4  DC DC A . n 
A 1 5  DA 5  5  5  DA DA A . n 
A 1 6  DG 6  6  6  DG DG A . n 
A 1 7  DA 7  7  7  DA DA A . n 
A 1 8  DC 8  8  8  DC DC A . n 
A 1 9  DA 9  9  9  DA DA A . n 
A 1 10 DA 10 10 10 DA DA A . n 
A 1 11 DG 11 11 11 DG DG A . n 
A 1 12 DA 12 12 12 DA DA A . n 
A 1 13 DC 13 13 13 DC DC A . n 
A 1 14 DT 14 14 14 DT DT A . n 
A 1 15 DT 15 15 15 DT DT A . n 
A 1 16 DC 16 16 16 DC DC A . n 
A 1 17 DA 17 17 17 DA DA A . n 
A 1 18 DC 18 18 18 DC DC A . n 
A 1 19 DT 19 19 19 DT DT A . n 
A 1 20 DC 20 20 20 DC DC A . n 
A 1 21 DA 21 21 21 DA DA A . n 
B 2 1  DA 1  1  1  DA DA B . n 
B 2 2  DG 2  2  2  DG DG B . n 
B 2 3  DT 3  3  3  DT DT B . n 
B 2 4  DC 4  4  4  DC DC B . n 
B 2 5  DT 5  5  5  DT DT B . n 
C 3 1  DT 1  1  1  DT DT C . n 
C 3 2  DC 2  2  2  DC DC C . n 
C 3 3  DT 3  3  3  DT DT C . n 
C 3 4  DG 4  4  4  DG DG C . n 
C 3 5  DA 5  5  5  DA DA C . n 
C 3 6  DG 6  6  6  DG DG C . n 
C 3 7  DT 7  7  7  DT DT C . n 
C 3 8  DG 8  8  8  DG DG C . n 
C 3 9  DA 9  9  9  DA DA C . n 
D 4 1  DT 1  10 10 DT DT D . n 
D 4 2  DG 2  11 11 DG DG D . n 
D 4 3  DT 3  12 12 DT DT D . n 
D 4 4  DC 4  13 13 DC DC D . n 
D 4 5  DT 5  14 14 DT DT D . n 
D 4 6  DG 6  15 15 DG DG D . n 
D 4 7  DC 7  16 16 DC DC D . n 
# 
loop_
_pdbx_nonpoly_scheme.asym_id 
_pdbx_nonpoly_scheme.entity_id 
_pdbx_nonpoly_scheme.mon_id 
_pdbx_nonpoly_scheme.ndb_seq_num 
_pdbx_nonpoly_scheme.pdb_seq_num 
_pdbx_nonpoly_scheme.auth_seq_num 
_pdbx_nonpoly_scheme.pdb_mon_id 
_pdbx_nonpoly_scheme.auth_mon_id 
_pdbx_nonpoly_scheme.pdb_strand_id 
_pdbx_nonpoly_scheme.pdb_ins_code 
E 5 MG  1 101 1 MG  MG A . 
F 5 MG  1 102 3 MG  MG A . 
G 6 CAC 1 101 1 CAC AS B . 
H 5 MG  1 101 2 MG  MG C . 
I 6 CAC 1 101 2 CAC AS D . 
# 
_pdbx_struct_assembly.id                   1 
_pdbx_struct_assembly.details              author_and_software_defined_assembly 
_pdbx_struct_assembly.method_details       PISA 
_pdbx_struct_assembly.oligomeric_details   tetrameric 
_pdbx_struct_assembly.oligomeric_count     4 
# 
_pdbx_struct_assembly_gen.assembly_id       1 
_pdbx_struct_assembly_gen.oper_expression   1 
_pdbx_struct_assembly_gen.asym_id_list      A,B,C,D,E,F,G,H,I 
# 
loop_
_pdbx_struct_assembly_prop.biol_id 
_pdbx_struct_assembly_prop.type 
_pdbx_struct_assembly_prop.value 
_pdbx_struct_assembly_prop.details 
1 'ABSA (A^2)' 2730 ? 
1 MORE         -31  ? 
1 'SSA (A^2)'  7860 ? 
# 
_pdbx_struct_oper_list.id                   1 
_pdbx_struct_oper_list.type                 'identity operation' 
_pdbx_struct_oper_list.name                 1_555 
_pdbx_struct_oper_list.symmetry_operation   x,y,z 
_pdbx_struct_oper_list.matrix[1][1]         1.0000000000 
_pdbx_struct_oper_list.matrix[1][2]         0.0000000000 
_pdbx_struct_oper_list.matrix[1][3]         0.0000000000 
_pdbx_struct_oper_list.vector[1]            0.0000000000 
_pdbx_struct_oper_list.matrix[2][1]         0.0000000000 
_pdbx_struct_oper_list.matrix[2][2]         1.0000000000 
_pdbx_struct_oper_list.matrix[2][3]         0.0000000000 
_pdbx_struct_oper_list.vector[2]            0.0000000000 
_pdbx_struct_oper_list.matrix[3][1]         0.0000000000 
_pdbx_struct_oper_list.matrix[3][2]         0.0000000000 
_pdbx_struct_oper_list.matrix[3][3]         1.0000000000 
_pdbx_struct_oper_list.vector[3]            0.0000000000 
# 
loop_
_pdbx_audit_revision_history.ordinal 
_pdbx_audit_revision_history.data_content_type 
_pdbx_audit_revision_history.major_revision 
_pdbx_audit_revision_history.minor_revision 
_pdbx_audit_revision_history.revision_date 
1 'Structure model' 1 0 2021-07-14 
2 'Structure model' 1 1 2022-07-06 
3 'Structure model' 1 2 2023-10-18 
# 
_pdbx_audit_revision_details.ordinal             1 
_pdbx_audit_revision_details.revision_ordinal    1 
_pdbx_audit_revision_details.data_content_type   'Structure model' 
_pdbx_audit_revision_details.provider            repository 
_pdbx_audit_revision_details.type                'Initial release' 
_pdbx_audit_revision_details.description         ? 
_pdbx_audit_revision_details.details             ? 
# 
loop_
_pdbx_audit_revision_group.ordinal 
_pdbx_audit_revision_group.revision_ordinal 
_pdbx_audit_revision_group.data_content_type 
_pdbx_audit_revision_group.group 
1 2 'Structure model' 'Database references'    
2 3 'Structure model' 'Data collection'        
3 3 'Structure model' 'Refinement description' 
# 
loop_
_pdbx_audit_revision_category.ordinal 
_pdbx_audit_revision_category.revision_ordinal 
_pdbx_audit_revision_category.data_content_type 
_pdbx_audit_revision_category.category 
1 2 'Structure model' citation                      
2 2 'Structure model' citation_author               
3 2 'Structure model' database_2                    
4 3 'Structure model' chem_comp_atom                
5 3 'Structure model' chem_comp_bond                
6 3 'Structure model' pdbx_initial_refinement_model 
# 
loop_
_pdbx_audit_revision_item.ordinal 
_pdbx_audit_revision_item.revision_ordinal 
_pdbx_audit_revision_item.data_content_type 
_pdbx_audit_revision_item.item 
1  2 'Structure model' '_citation.country'                   
2  2 'Structure model' '_citation.journal_abbrev'            
3  2 'Structure model' '_citation.journal_id_CSD'            
4  2 'Structure model' '_citation.journal_id_ISSN'           
5  2 'Structure model' '_citation.journal_volume'            
6  2 'Structure model' '_citation.page_first'                
7  2 'Structure model' '_citation.page_last'                 
8  2 'Structure model' '_citation.pdbx_database_id_DOI'      
9  2 'Structure model' '_citation.pdbx_database_id_PubMed'   
10 2 'Structure model' '_citation.title'                     
11 2 'Structure model' '_citation.year'                      
12 2 'Structure model' '_database_2.pdbx_DOI'                
13 2 'Structure model' '_database_2.pdbx_database_accession' 
# 
loop_
_software.citation_id 
_software.classification 
_software.compiler_name 
_software.compiler_version 
_software.contact_author 
_software.contact_author_email 
_software.date 
_software.description 
_software.dependencies 
_software.hardware 
_software.language 
_software.location 
_software.mods 
_software.name 
_software.os 
_software.os_version 
_software.type 
_software.version 
_software.pdbx_ordinal 
? 'data reduction'  ? ? ? ? ? ? ? ? ? ? ? HKL-2000    ? ? ? .           1 
? 'data scaling'    ? ? ? ? ? ? ? ? ? ? ? HKL-2000    ? ? ? .           2 
? refinement        ? ? ? ? ? ? ? ? ? ? ? PHENIX      ? ? ? 1.11.1_2575 3 
? 'data extraction' ? ? ? ? ? ? ? ? ? ? ? PDB_EXTRACT ? ? ? 3.25        4 
? phasing           ? ? ? ? ? ? ? ? ? ? ? PHASER      ? ? ? .           5 
# 
_pdbx_entry_details.entry_id                 6X8B 
_pdbx_entry_details.has_ligand_of_interest   N 
_pdbx_entry_details.compound_details         ? 
_pdbx_entry_details.source_details           ? 
_pdbx_entry_details.nonpolymer_details       ? 
_pdbx_entry_details.sequence_details         ? 
# 
_pdbx_validate_rmsd_angle.id                         1 
_pdbx_validate_rmsd_angle.PDB_model_num              1 
_pdbx_validate_rmsd_angle.auth_atom_id_1             "O4'" 
_pdbx_validate_rmsd_angle.auth_asym_id_1             C 
_pdbx_validate_rmsd_angle.auth_comp_id_1             DA 
_pdbx_validate_rmsd_angle.auth_seq_id_1              9 
_pdbx_validate_rmsd_angle.PDB_ins_code_1             ? 
_pdbx_validate_rmsd_angle.label_alt_id_1             ? 
_pdbx_validate_rmsd_angle.auth_atom_id_2             "C1'" 
_pdbx_validate_rmsd_angle.auth_asym_id_2             C 
_pdbx_validate_rmsd_angle.auth_comp_id_2             DA 
_pdbx_validate_rmsd_angle.auth_seq_id_2              9 
_pdbx_validate_rmsd_angle.PDB_ins_code_2             ? 
_pdbx_validate_rmsd_angle.label_alt_id_2             ? 
_pdbx_validate_rmsd_angle.auth_atom_id_3             N9 
_pdbx_validate_rmsd_angle.auth_asym_id_3             C 
_pdbx_validate_rmsd_angle.auth_comp_id_3             DA 
_pdbx_validate_rmsd_angle.auth_seq_id_3              9 
_pdbx_validate_rmsd_angle.PDB_ins_code_3             ? 
_pdbx_validate_rmsd_angle.label_alt_id_3             ? 
_pdbx_validate_rmsd_angle.angle_value                110.40 
_pdbx_validate_rmsd_angle.angle_target_value         108.30 
_pdbx_validate_rmsd_angle.angle_deviation            2.10 
_pdbx_validate_rmsd_angle.angle_standard_deviation   0.30 
_pdbx_validate_rmsd_angle.linker_flag                N 
# 
loop_
_pdbx_unobs_or_zero_occ_atoms.id 
_pdbx_unobs_or_zero_occ_atoms.PDB_model_num 
_pdbx_unobs_or_zero_occ_atoms.polymer_flag 
_pdbx_unobs_or_zero_occ_atoms.occupancy_flag 
_pdbx_unobs_or_zero_occ_atoms.auth_asym_id 
_pdbx_unobs_or_zero_occ_atoms.auth_comp_id 
_pdbx_unobs_or_zero_occ_atoms.auth_seq_id 
_pdbx_unobs_or_zero_occ_atoms.PDB_ins_code 
_pdbx_unobs_or_zero_occ_atoms.auth_atom_id 
_pdbx_unobs_or_zero_occ_atoms.label_alt_id 
_pdbx_unobs_or_zero_occ_atoms.label_asym_id 
_pdbx_unobs_or_zero_occ_atoms.label_comp_id 
_pdbx_unobs_or_zero_occ_atoms.label_seq_id 
_pdbx_unobs_or_zero_occ_atoms.label_atom_id 
1 1 N 1 B CAC 101 ? O1 ? G CAC 1 O1 
2 1 N 1 B CAC 101 ? O2 ? G CAC 1 O2 
3 1 N 1 B CAC 101 ? C1 ? G CAC 1 C1 
4 1 N 1 B CAC 101 ? C2 ? G CAC 1 C2 
5 1 N 1 D CAC 101 ? O1 ? I CAC 1 O1 
6 1 N 1 D CAC 101 ? O2 ? I CAC 1 O2 
7 1 N 1 D CAC 101 ? C1 ? I CAC 1 C1 
8 1 N 1 D CAC 101 ? C2 ? I CAC 1 C2 
# 
loop_
_chem_comp_atom.comp_id 
_chem_comp_atom.atom_id 
_chem_comp_atom.type_symbol 
_chem_comp_atom.pdbx_aromatic_flag 
_chem_comp_atom.pdbx_stereo_config 
_chem_comp_atom.pdbx_ordinal 
CAC AS     AS N N 1   
CAC O1     O  N N 2   
CAC O2     O  N N 3   
CAC C1     C  N N 4   
CAC C2     C  N N 5   
CAC H11    H  N N 6   
CAC H12    H  N N 7   
CAC H13    H  N N 8   
CAC H21    H  N N 9   
CAC H22    H  N N 10  
CAC H23    H  N N 11  
DA  OP3    O  N N 12  
DA  P      P  N N 13  
DA  OP1    O  N N 14  
DA  OP2    O  N N 15  
DA  "O5'"  O  N N 16  
DA  "C5'"  C  N N 17  
DA  "C4'"  C  N R 18  
DA  "O4'"  O  N N 19  
DA  "C3'"  C  N S 20  
DA  "O3'"  O  N N 21  
DA  "C2'"  C  N N 22  
DA  "C1'"  C  N R 23  
DA  N9     N  Y N 24  
DA  C8     C  Y N 25  
DA  N7     N  Y N 26  
DA  C5     C  Y N 27  
DA  C6     C  Y N 28  
DA  N6     N  N N 29  
DA  N1     N  Y N 30  
DA  C2     C  Y N 31  
DA  N3     N  Y N 32  
DA  C4     C  Y N 33  
DA  HOP3   H  N N 34  
DA  HOP2   H  N N 35  
DA  "H5'"  H  N N 36  
DA  "H5''" H  N N 37  
DA  "H4'"  H  N N 38  
DA  "H3'"  H  N N 39  
DA  "HO3'" H  N N 40  
DA  "H2'"  H  N N 41  
DA  "H2''" H  N N 42  
DA  "H1'"  H  N N 43  
DA  H8     H  N N 44  
DA  H61    H  N N 45  
DA  H62    H  N N 46  
DA  H2     H  N N 47  
DC  OP3    O  N N 48  
DC  P      P  N N 49  
DC  OP1    O  N N 50  
DC  OP2    O  N N 51  
DC  "O5'"  O  N N 52  
DC  "C5'"  C  N N 53  
DC  "C4'"  C  N R 54  
DC  "O4'"  O  N N 55  
DC  "C3'"  C  N S 56  
DC  "O3'"  O  N N 57  
DC  "C2'"  C  N N 58  
DC  "C1'"  C  N R 59  
DC  N1     N  N N 60  
DC  C2     C  N N 61  
DC  O2     O  N N 62  
DC  N3     N  N N 63  
DC  C4     C  N N 64  
DC  N4     N  N N 65  
DC  C5     C  N N 66  
DC  C6     C  N N 67  
DC  HOP3   H  N N 68  
DC  HOP2   H  N N 69  
DC  "H5'"  H  N N 70  
DC  "H5''" H  N N 71  
DC  "H4'"  H  N N 72  
DC  "H3'"  H  N N 73  
DC  "HO3'" H  N N 74  
DC  "H2'"  H  N N 75  
DC  "H2''" H  N N 76  
DC  "H1'"  H  N N 77  
DC  H41    H  N N 78  
DC  H42    H  N N 79  
DC  H5     H  N N 80  
DC  H6     H  N N 81  
DG  OP3    O  N N 82  
DG  P      P  N N 83  
DG  OP1    O  N N 84  
DG  OP2    O  N N 85  
DG  "O5'"  O  N N 86  
DG  "C5'"  C  N N 87  
DG  "C4'"  C  N R 88  
DG  "O4'"  O  N N 89  
DG  "C3'"  C  N S 90  
DG  "O3'"  O  N N 91  
DG  "C2'"  C  N N 92  
DG  "C1'"  C  N R 93  
DG  N9     N  Y N 94  
DG  C8     C  Y N 95  
DG  N7     N  Y N 96  
DG  C5     C  Y N 97  
DG  C6     C  N N 98  
DG  O6     O  N N 99  
DG  N1     N  N N 100 
DG  C2     C  N N 101 
DG  N2     N  N N 102 
DG  N3     N  N N 103 
DG  C4     C  Y N 104 
DG  HOP3   H  N N 105 
DG  HOP2   H  N N 106 
DG  "H5'"  H  N N 107 
DG  "H5''" H  N N 108 
DG  "H4'"  H  N N 109 
DG  "H3'"  H  N N 110 
DG  "HO3'" H  N N 111 
DG  "H2'"  H  N N 112 
DG  "H2''" H  N N 113 
DG  "H1'"  H  N N 114 
DG  H8     H  N N 115 
DG  H1     H  N N 116 
DG  H21    H  N N 117 
DG  H22    H  N N 118 
DT  OP3    O  N N 119 
DT  P      P  N N 120 
DT  OP1    O  N N 121 
DT  OP2    O  N N 122 
DT  "O5'"  O  N N 123 
DT  "C5'"  C  N N 124 
DT  "C4'"  C  N R 125 
DT  "O4'"  O  N N 126 
DT  "C3'"  C  N S 127 
DT  "O3'"  O  N N 128 
DT  "C2'"  C  N N 129 
DT  "C1'"  C  N R 130 
DT  N1     N  N N 131 
DT  C2     C  N N 132 
DT  O2     O  N N 133 
DT  N3     N  N N 134 
DT  C4     C  N N 135 
DT  O4     O  N N 136 
DT  C5     C  N N 137 
DT  C7     C  N N 138 
DT  C6     C  N N 139 
DT  HOP3   H  N N 140 
DT  HOP2   H  N N 141 
DT  "H5'"  H  N N 142 
DT  "H5''" H  N N 143 
DT  "H4'"  H  N N 144 
DT  "H3'"  H  N N 145 
DT  "HO3'" H  N N 146 
DT  "H2'"  H  N N 147 
DT  "H2''" H  N N 148 
DT  "H1'"  H  N N 149 
DT  H3     H  N N 150 
DT  H71    H  N N 151 
DT  H72    H  N N 152 
DT  H73    H  N N 153 
DT  H6     H  N N 154 
MG  MG     MG N N 155 
# 
loop_
_chem_comp_bond.comp_id 
_chem_comp_bond.atom_id_1 
_chem_comp_bond.atom_id_2 
_chem_comp_bond.value_order 
_chem_comp_bond.pdbx_aromatic_flag 
_chem_comp_bond.pdbx_stereo_config 
_chem_comp_bond.pdbx_ordinal 
CAC AS    O1     doub N N 1   
CAC AS    O2     sing N N 2   
CAC AS    C1     sing N N 3   
CAC AS    C2     sing N N 4   
CAC C1    H11    sing N N 5   
CAC C1    H12    sing N N 6   
CAC C1    H13    sing N N 7   
CAC C2    H21    sing N N 8   
CAC C2    H22    sing N N 9   
CAC C2    H23    sing N N 10  
DA  OP3   P      sing N N 11  
DA  OP3   HOP3   sing N N 12  
DA  P     OP1    doub N N 13  
DA  P     OP2    sing N N 14  
DA  P     "O5'"  sing N N 15  
DA  OP2   HOP2   sing N N 16  
DA  "O5'" "C5'"  sing N N 17  
DA  "C5'" "C4'"  sing N N 18  
DA  "C5'" "H5'"  sing N N 19  
DA  "C5'" "H5''" sing N N 20  
DA  "C4'" "O4'"  sing N N 21  
DA  "C4'" "C3'"  sing N N 22  
DA  "C4'" "H4'"  sing N N 23  
DA  "O4'" "C1'"  sing N N 24  
DA  "C3'" "O3'"  sing N N 25  
DA  "C3'" "C2'"  sing N N 26  
DA  "C3'" "H3'"  sing N N 27  
DA  "O3'" "HO3'" sing N N 28  
DA  "C2'" "C1'"  sing N N 29  
DA  "C2'" "H2'"  sing N N 30  
DA  "C2'" "H2''" sing N N 31  
DA  "C1'" N9     sing N N 32  
DA  "C1'" "H1'"  sing N N 33  
DA  N9    C8     sing Y N 34  
DA  N9    C4     sing Y N 35  
DA  C8    N7     doub Y N 36  
DA  C8    H8     sing N N 37  
DA  N7    C5     sing Y N 38  
DA  C5    C6     sing Y N 39  
DA  C5    C4     doub Y N 40  
DA  C6    N6     sing N N 41  
DA  C6    N1     doub Y N 42  
DA  N6    H61    sing N N 43  
DA  N6    H62    sing N N 44  
DA  N1    C2     sing Y N 45  
DA  C2    N3     doub Y N 46  
DA  C2    H2     sing N N 47  
DA  N3    C4     sing Y N 48  
DC  OP3   P      sing N N 49  
DC  OP3   HOP3   sing N N 50  
DC  P     OP1    doub N N 51  
DC  P     OP2    sing N N 52  
DC  P     "O5'"  sing N N 53  
DC  OP2   HOP2   sing N N 54  
DC  "O5'" "C5'"  sing N N 55  
DC  "C5'" "C4'"  sing N N 56  
DC  "C5'" "H5'"  sing N N 57  
DC  "C5'" "H5''" sing N N 58  
DC  "C4'" "O4'"  sing N N 59  
DC  "C4'" "C3'"  sing N N 60  
DC  "C4'" "H4'"  sing N N 61  
DC  "O4'" "C1'"  sing N N 62  
DC  "C3'" "O3'"  sing N N 63  
DC  "C3'" "C2'"  sing N N 64  
DC  "C3'" "H3'"  sing N N 65  
DC  "O3'" "HO3'" sing N N 66  
DC  "C2'" "C1'"  sing N N 67  
DC  "C2'" "H2'"  sing N N 68  
DC  "C2'" "H2''" sing N N 69  
DC  "C1'" N1     sing N N 70  
DC  "C1'" "H1'"  sing N N 71  
DC  N1    C2     sing N N 72  
DC  N1    C6     sing N N 73  
DC  C2    O2     doub N N 74  
DC  C2    N3     sing N N 75  
DC  N3    C4     doub N N 76  
DC  C4    N4     sing N N 77  
DC  C4    C5     sing N N 78  
DC  N4    H41    sing N N 79  
DC  N4    H42    sing N N 80  
DC  C5    C6     doub N N 81  
DC  C5    H5     sing N N 82  
DC  C6    H6     sing N N 83  
DG  OP3   P      sing N N 84  
DG  OP3   HOP3   sing N N 85  
DG  P     OP1    doub N N 86  
DG  P     OP2    sing N N 87  
DG  P     "O5'"  sing N N 88  
DG  OP2   HOP2   sing N N 89  
DG  "O5'" "C5'"  sing N N 90  
DG  "C5'" "C4'"  sing N N 91  
DG  "C5'" "H5'"  sing N N 92  
DG  "C5'" "H5''" sing N N 93  
DG  "C4'" "O4'"  sing N N 94  
DG  "C4'" "C3'"  sing N N 95  
DG  "C4'" "H4'"  sing N N 96  
DG  "O4'" "C1'"  sing N N 97  
DG  "C3'" "O3'"  sing N N 98  
DG  "C3'" "C2'"  sing N N 99  
DG  "C3'" "H3'"  sing N N 100 
DG  "O3'" "HO3'" sing N N 101 
DG  "C2'" "C1'"  sing N N 102 
DG  "C2'" "H2'"  sing N N 103 
DG  "C2'" "H2''" sing N N 104 
DG  "C1'" N9     sing N N 105 
DG  "C1'" "H1'"  sing N N 106 
DG  N9    C8     sing Y N 107 
DG  N9    C4     sing Y N 108 
DG  C8    N7     doub Y N 109 
DG  C8    H8     sing N N 110 
DG  N7    C5     sing Y N 111 
DG  C5    C6     sing N N 112 
DG  C5    C4     doub Y N 113 
DG  C6    O6     doub N N 114 
DG  C6    N1     sing N N 115 
DG  N1    C2     sing N N 116 
DG  N1    H1     sing N N 117 
DG  C2    N2     sing N N 118 
DG  C2    N3     doub N N 119 
DG  N2    H21    sing N N 120 
DG  N2    H22    sing N N 121 
DG  N3    C4     sing N N 122 
DT  OP3   P      sing N N 123 
DT  OP3   HOP3   sing N N 124 
DT  P     OP1    doub N N 125 
DT  P     OP2    sing N N 126 
DT  P     "O5'"  sing N N 127 
DT  OP2   HOP2   sing N N 128 
DT  "O5'" "C5'"  sing N N 129 
DT  "C5'" "C4'"  sing N N 130 
DT  "C5'" "H5'"  sing N N 131 
DT  "C5'" "H5''" sing N N 132 
DT  "C4'" "O4'"  sing N N 133 
DT  "C4'" "C3'"  sing N N 134 
DT  "C4'" "H4'"  sing N N 135 
DT  "O4'" "C1'"  sing N N 136 
DT  "C3'" "O3'"  sing N N 137 
DT  "C3'" "C2'"  sing N N 138 
DT  "C3'" "H3'"  sing N N 139 
DT  "O3'" "HO3'" sing N N 140 
DT  "C2'" "C1'"  sing N N 141 
DT  "C2'" "H2'"  sing N N 142 
DT  "C2'" "H2''" sing N N 143 
DT  "C1'" N1     sing N N 144 
DT  "C1'" "H1'"  sing N N 145 
DT  N1    C2     sing N N 146 
DT  N1    C6     sing N N 147 
DT  C2    O2     doub N N 148 
DT  C2    N3     sing N N 149 
DT  N3    C4     sing N N 150 
DT  N3    H3     sing N N 151 
DT  C4    O4     doub N N 152 
DT  C4    C5     sing N N 153 
DT  C5    C7     sing N N 154 
DT  C5    C6     doub N N 155 
DT  C7    H71    sing N N 156 
DT  C7    H72    sing N N 157 
DT  C7    H73    sing N N 158 
DT  C6    H6     sing N N 159 
# 
loop_
_ndb_struct_conf_na.entry_id 
_ndb_struct_conf_na.feature 
6X8B 'double helix'        
6X8B 'a-form double helix' 
6X8B 'b-form double helix' 
# 
loop_
_ndb_struct_na_base_pair.model_number 
_ndb_struct_na_base_pair.i_label_asym_id 
_ndb_struct_na_base_pair.i_label_comp_id 
_ndb_struct_na_base_pair.i_label_seq_id 
_ndb_struct_na_base_pair.i_symmetry 
_ndb_struct_na_base_pair.j_label_asym_id 
_ndb_struct_na_base_pair.j_label_comp_id 
_ndb_struct_na_base_pair.j_label_seq_id 
_ndb_struct_na_base_pair.j_symmetry 
_ndb_struct_na_base_pair.shear 
_ndb_struct_na_base_pair.stretch 
_ndb_struct_na_base_pair.stagger 
_ndb_struct_na_base_pair.buckle 
_ndb_struct_na_base_pair.propeller 
_ndb_struct_na_base_pair.opening 
_ndb_struct_na_base_pair.pair_number 
_ndb_struct_na_base_pair.pair_name 
_ndb_struct_na_base_pair.i_auth_asym_id 
_ndb_struct_na_base_pair.i_auth_seq_id 
_ndb_struct_na_base_pair.i_PDB_ins_code 
_ndb_struct_na_base_pair.j_auth_asym_id 
_ndb_struct_na_base_pair.j_auth_seq_id 
_ndb_struct_na_base_pair.j_PDB_ins_code 
_ndb_struct_na_base_pair.hbond_type_28 
_ndb_struct_na_base_pair.hbond_type_12 
1 A DG 3  1_555 D DC 7 1_555 -0.163 -0.120 0.165  -2.343 -12.988 -0.794 1  A_DG3:DC16_D A 3  ? D 16 ? 19 1 
1 A DC 4  1_555 D DG 6 1_555 0.194  -0.058 -0.076 -4.139 -10.693 0.116  2  A_DC4:DG15_D A 4  ? D 15 ? 19 1 
1 A DA 5  1_555 D DT 5 1_555 0.212  0.709  0.072  -6.747 -10.992 10.403 3  A_DA5:DT14_D A 5  ? D 14 ? ?  ? 
1 A DG 6  1_555 D DC 4 1_555 -0.233 -0.135 -0.021 -3.304 -4.890  -0.292 4  A_DG6:DC13_D A 6  ? D 13 ? 19 1 
1 A DA 7  1_555 D DT 3 1_555 0.101  -0.031 -0.080 -4.698 -3.125  -3.574 5  A_DA7:DT12_D A 7  ? D 12 ? 20 1 
1 A DC 8  1_555 D DG 2 1_555 0.118  -0.499 0.190  -0.002 -3.628  -0.169 6  A_DC8:DG11_D A 8  ? D 11 ? 19 1 
1 A DA 9  1_555 D DT 1 1_555 0.088  -0.066 0.535  3.146  -3.570  0.344  7  A_DA9:DT10_D A 9  ? D 10 ? 20 1 
1 A DA 10 1_555 B DT 5 1_555 0.063  -0.157 0.579  1.374  -3.434  0.490  8  A_DA10:DT5_B A 10 ? B 5  ? 20 1 
1 A DG 11 1_555 B DC 4 1_555 -0.156 -0.158 0.263  2.937  -7.713  -0.097 9  A_DG11:DC4_B A 11 ? B 4  ? 19 1 
1 A DA 12 1_555 B DT 3 1_555 0.151  -0.152 0.154  1.876  -7.475  -1.945 10 A_DA12:DT3_B A 12 ? B 3  ? 20 1 
1 A DC 13 1_555 B DG 2 1_555 0.194  -0.201 0.318  -1.411 -9.491  1.093  11 A_DC13:DG2_B A 13 ? B 2  ? 19 1 
1 A DT 14 1_555 B DA 1 1_555 -0.245 -0.159 0.707  -3.464 -10.744 -2.653 12 A_DT14:DA1_B A 14 ? B 1  ? 20 1 
1 A DT 15 1_555 C DA 9 1_555 -0.150 -0.218 0.346  -5.336 -3.728  -1.144 13 A_DT15:DA9_C A 15 ? C 9  ? 20 1 
1 A DC 16 1_555 C DG 8 1_555 0.215  -0.222 0.685  0.818  -1.108  1.022  14 A_DC16:DG8_C A 16 ? C 8  ? 19 1 
1 A DA 17 1_555 C DT 7 1_555 0.164  -0.175 0.561  1.444  -10.158 -2.669 15 A_DA17:DT7_C A 17 ? C 7  ? 20 1 
1 A DC 18 1_555 C DG 6 1_555 0.183  -0.105 0.062  -1.125 -8.072  0.564  16 A_DC18:DG6_C A 18 ? C 6  ? 19 1 
1 A DT 19 1_555 C DA 5 1_555 -0.120 -0.171 -0.098 -0.769 -8.573  2.881  17 A_DT19:DA5_C A 19 ? C 5  ? 20 1 
1 A DC 20 1_555 C DG 4 1_555 0.170  -0.102 -0.052 -1.330 -2.834  1.074  18 A_DC20:DG4_C A 20 ? C 4  ? 19 1 
1 A DA 21 1_555 C DT 3 1_555 0.127  -0.121 -0.295 -5.701 -9.999  1.044  19 A_DA21:DT3_C A 21 ? C 3  ? 20 1 
# 
loop_
_ndb_struct_na_base_pair_step.model_number 
_ndb_struct_na_base_pair_step.i_label_asym_id_1 
_ndb_struct_na_base_pair_step.i_label_comp_id_1 
_ndb_struct_na_base_pair_step.i_label_seq_id_1 
_ndb_struct_na_base_pair_step.i_symmetry_1 
_ndb_struct_na_base_pair_step.j_label_asym_id_1 
_ndb_struct_na_base_pair_step.j_label_comp_id_1 
_ndb_struct_na_base_pair_step.j_label_seq_id_1 
_ndb_struct_na_base_pair_step.j_symmetry_1 
_ndb_struct_na_base_pair_step.i_label_asym_id_2 
_ndb_struct_na_base_pair_step.i_label_comp_id_2 
_ndb_struct_na_base_pair_step.i_label_seq_id_2 
_ndb_struct_na_base_pair_step.i_symmetry_2 
_ndb_struct_na_base_pair_step.j_label_asym_id_2 
_ndb_struct_na_base_pair_step.j_label_comp_id_2 
_ndb_struct_na_base_pair_step.j_label_seq_id_2 
_ndb_struct_na_base_pair_step.j_symmetry_2 
_ndb_struct_na_base_pair_step.shift 
_ndb_struct_na_base_pair_step.slide 
_ndb_struct_na_base_pair_step.rise 
_ndb_struct_na_base_pair_step.tilt 
_ndb_struct_na_base_pair_step.roll 
_ndb_struct_na_base_pair_step.twist 
_ndb_struct_na_base_pair_step.x_displacement 
_ndb_struct_na_base_pair_step.y_displacement 
_ndb_struct_na_base_pair_step.helical_rise 
_ndb_struct_na_base_pair_step.inclination 
_ndb_struct_na_base_pair_step.tip 
_ndb_struct_na_base_pair_step.helical_twist 
_ndb_struct_na_base_pair_step.step_number 
_ndb_struct_na_base_pair_step.step_name 
_ndb_struct_na_base_pair_step.i_auth_asym_id_1 
_ndb_struct_na_base_pair_step.i_auth_seq_id_1 
_ndb_struct_na_base_pair_step.i_PDB_ins_code_1 
_ndb_struct_na_base_pair_step.j_auth_asym_id_1 
_ndb_struct_na_base_pair_step.j_auth_seq_id_1 
_ndb_struct_na_base_pair_step.j_PDB_ins_code_1 
_ndb_struct_na_base_pair_step.i_auth_asym_id_2 
_ndb_struct_na_base_pair_step.i_auth_seq_id_2 
_ndb_struct_na_base_pair_step.i_PDB_ins_code_2 
_ndb_struct_na_base_pair_step.j_auth_asym_id_2 
_ndb_struct_na_base_pair_step.j_auth_seq_id_2 
_ndb_struct_na_base_pair_step.j_PDB_ins_code_2 
1 A DG 3  1_555 D DC 7 1_555 A DC 4  1_555 D DG 6 1_555 -0.138 -0.074 3.133 1.810  -0.382 39.564 -0.066 0.407  3.124 -0.565 -2.672 
39.606 1  AA_DG3DC4:DG15DC16_DD A 3  ? D 16 ? A 4  ? D 15 ? 
1 A DC 4  1_555 D DG 6 1_555 A DA 5  1_555 D DT 5 1_555 0.455  1.103  3.517 -1.060 0.254  35.228 1.782  -0.921 3.510 0.420  1.751  
35.244 2  AA_DC4DA5:DT14DG15_DD A 4  ? D 15 ? A 5  ? D 14 ? 
1 A DA 5  1_555 D DT 5 1_555 A DG 6  1_555 D DC 4 1_555 -0.414 -0.049 3.092 -3.145 3.580  28.644 -0.847 0.168  3.090 7.172  6.302  
29.030 3  AA_DA5DG6:DC13DT14_DD A 5  ? D 14 ? A 6  ? D 13 ? 
1 A DG 6  1_555 D DC 4 1_555 A DA 7  1_555 D DT 3 1_555 -0.002 -0.775 3.272 -1.556 5.030  34.218 -2.065 -0.232 3.127 8.487  2.625  
34.609 4  AA_DG6DA7:DT12DC13_DD A 6  ? D 13 ? A 7  ? D 12 ? 
1 A DA 7  1_555 D DT 3 1_555 A DC 8  1_555 D DG 2 1_555 0.227  -0.360 3.340 -5.263 1.545  33.582 -0.865 -1.239 3.249 2.652  9.033  
34.014 5  AA_DA7DC8:DG11DT12_DD A 7  ? D 12 ? A 8  ? D 11 ? 
1 A DC 8  1_555 D DG 2 1_555 A DA 9  1_555 D DT 1 1_555 -0.566 -1.450 3.173 -8.018 1.953  32.340 -2.844 -0.318 3.129 3.437  14.110 
33.349 6  AA_DC8DA9:DT10DG11_DD A 8  ? D 11 ? A 9  ? D 10 ? 
1 A DA 9  1_555 D DT 1 1_555 A DA 10 1_555 B DT 5 1_555 -1.572 -0.812 3.240 -4.722 0.816  30.571 -1.684 2.012  3.416 1.535  8.888  
30.935 7  AA_DA9DA10:DT5DT10_BD A 9  ? D 10 ? A 10 ? B 5  ? 
1 A DA 10 1_555 B DT 5 1_555 A DG 11 1_555 B DC 4 1_555 -0.082 -0.165 3.267 -1.133 2.380  33.673 -0.668 -0.041 3.249 4.101  1.952  
33.774 8  AA_DA10DG11:DC4DT5_BB A 10 ? B 5  ? A 11 ? B 4  ? 
1 A DG 11 1_555 B DC 4 1_555 A DA 12 1_555 B DT 3 1_555 -0.116 -0.751 3.174 -2.493 0.878  37.901 -1.262 -0.129 3.157 1.350  3.832  
37.989 9  AA_DG11DA12:DT3DC4_BB A 11 ? B 4  ? A 12 ? B 3  ? 
1 A DA 12 1_555 B DT 3 1_555 A DC 13 1_555 B DG 2 1_555 0.568  -1.114 3.406 -1.948 -2.107 33.647 -1.560 -1.308 3.430 -3.631 3.357  
33.765 10 AA_DA12DC13:DG2DT3_BB A 12 ? B 3  ? A 13 ? B 2  ? 
1 A DC 13 1_555 B DG 2 1_555 A DT 14 1_555 B DA 1 1_555 -0.411 -1.589 3.267 -3.949 -2.142 31.770 -2.481 0.018  3.389 -3.889 7.169  
32.078 11 AA_DC13DT14:DA1DG2_BB A 13 ? B 2  ? A 14 ? B 1  ? 
1 A DT 14 1_555 B DA 1 1_555 A DT 15 1_555 C DA 9 1_555 -0.716 -0.737 3.285 1.682  -3.635 36.175 -0.669 1.383  3.305 -5.832 -2.699 
36.388 12 AA_DT14DT15:DA9DA1_CB A 14 ? B 1  ? A 15 ? C 9  ? 
1 A DT 15 1_555 C DA 9 1_555 A DC 16 1_555 C DG 8 1_555 -0.089 0.209  3.429 -1.933 8.390  20.999 -2.700 -0.518 3.262 21.873 5.038  
22.677 13 AA_DT15DC16:DG8DA9_CC A 15 ? C 9  ? A 16 ? C 8  ? 
1 A DC 16 1_555 C DG 8 1_555 A DA 17 1_555 C DT 7 1_555 0.079  1.325  3.401 0.384  -5.611 45.138 2.217  -0.068 3.224 -7.277 -0.498 
45.468 14 AA_DC16DA17:DT7DG8_CC A 16 ? C 8  ? A 17 ? C 7  ? 
1 A DA 17 1_555 C DT 7 1_555 A DC 18 1_555 C DG 6 1_555 0.276  -0.676 3.321 1.551  0.381  32.204 -1.286 -0.217 3.322 0.686  -2.795 
32.243 15 AA_DA17DC18:DG6DT7_CC A 17 ? C 7  ? A 18 ? C 6  ? 
1 A DC 18 1_555 C DG 6 1_555 A DT 19 1_555 C DA 5 1_555 -0.463 -0.212 3.339 3.791  0.505  34.359 -0.436 1.373  3.268 0.851  -6.392 
34.565 16 AA_DC18DT19:DA5DG6_CC A 18 ? C 6  ? A 19 ? C 5  ? 
1 A DT 19 1_555 C DA 5 1_555 A DC 20 1_555 C DG 4 1_555 1.134  1.095  3.422 3.888  4.508  37.142 1.063  -1.211 3.622 7.022  -6.055 
37.600 17 AA_DT19DC20:DG4DA5_CC A 19 ? C 5  ? A 20 ? C 4  ? 
1 A DC 20 1_555 C DG 4 1_555 A DA 21 1_555 C DT 3 1_555 -0.359 2.307  3.627 -1.365 -2.007 37.339 3.885  0.364  3.513 -3.130 2.129  
37.415 18 AA_DC20DA21:DT3DG4_CC A 20 ? C 4  ? A 21 ? C 3  ? 
# 
loop_
_pdbx_audit_support.funding_organization 
_pdbx_audit_support.country 
_pdbx_audit_support.grant_number 
_pdbx_audit_support.ordinal 
'National Science Foundation (NSF, United States)'                                         'United States' 1360635     1 
'National Institutes of Health/National Institute of General Medical Sciences (NIH/NIGMS)' 'United States' R01GM104960 2 
'National Science Foundation (NSF, United States)'                                         'United States' NSF2004250  3 
# 
loop_
_pdbx_entity_nonpoly.entity_id 
_pdbx_entity_nonpoly.name 
_pdbx_entity_nonpoly.comp_id 
5 'MAGNESIUM ION'  MG  
6 'CACODYLATE ION' CAC 
# 
_pdbx_initial_refinement_model.id               1 
_pdbx_initial_refinement_model.entity_id_list   ? 
_pdbx_initial_refinement_model.type             'experimental model' 
_pdbx_initial_refinement_model.source_name      PDB 
_pdbx_initial_refinement_model.accession_code   5KEK 
_pdbx_initial_refinement_model.details          ? 
# 
_pdbx_struct_assembly_auth_evidence.id                     1 
_pdbx_struct_assembly_auth_evidence.assembly_id            1 
_pdbx_struct_assembly_auth_evidence.experimental_support   none 
_pdbx_struct_assembly_auth_evidence.details                ? 
# 
